data_9EVV
#
_entry.id   9EVV
#
_cell.length_a   107.947
_cell.length_b   148.211
_cell.length_c   165.025
_cell.angle_alpha   90.000
_cell.angle_beta   90.000
_cell.angle_gamma   90.000
#
_symmetry.space_group_name_H-M   'P 21 21 21'
#
loop_
_entity.id
_entity.type
_entity.pdbx_description
1 polymer 'L-arabinonate dehydratase'
2 non-polymer 'MAGNESIUM ION'
3 non-polymer 'FE2/S2 (INORGANIC) CLUSTER'
4 non-polymer '2-KETOBUTYRIC ACID'
5 water water
#
_entity_poly.entity_id   1
_entity_poly.type   'polypeptide(L)'
_entity_poly.pdbx_seq_one_letter_code
;MDWSHPQFEKKKKAEWPRKLRSQEWYGGTSRDVIYHRGWLKNQGYPHDLFDGRPVIGILNTWSDMTPCNGHLRELAEKVK
AGVWEAGGFPLEVPVFSASENTFRPTAMMYRNLAALAVEEAIRGQPMDGCVLLVGCD(KCX)TTPSLLMGAASCDLPSIV
VTGGPMLNGYFRGERVGSGTHLWKFSEMVKAGEMTQAEFLEAEASMSRSSGTCNTMGTASTMASMAEALGMALSGNAAIP
GVDSRRKVMAQLTGRRIVQMVKDDLKPSEIMTKQAFENAIRTNAAIGGSTNAVIHLLAIAGRVGIDLSLDDWDRCGRDVP
TIVNLMPSGKYLMEEFFYAGGLPVVLKRLGEAGLLHKDALTVSGETVWDEVKDVVNWNEDVILPAEKALTSSGGIVVLRG
NLAPKGAVLKPSAASPHLLVHKGRAVVFEDIDDYKAKINDDNLDIDENCIMVMKNCGPKGYPGMAEVGNMGLPPKVLKKG
ILDMVRISDARMSGTAYGTVVLHTSPEAAVGGPLAVVKNGDMIELDVPNRRLHLDISDEELARRLAEWQPNHDLPTSGYA
FLHQQHVEGADTGADLDFLKGCRGNAVGKDSL
;
_entity_poly.pdbx_strand_id   A,B,C,D
#
# COMPACT_ATOMS: atom_id res chain seq x y z
N ALA A 14 -18.60 31.49 -11.22
CA ALA A 14 -19.02 30.37 -12.08
C ALA A 14 -20.19 29.59 -11.48
N GLU A 15 -21.14 29.20 -12.33
CA GLU A 15 -22.37 28.59 -11.85
C GLU A 15 -22.07 27.24 -11.22
N TRP A 16 -22.50 27.06 -9.99
CA TRP A 16 -22.50 25.77 -9.32
C TRP A 16 -23.90 25.56 -8.77
N PRO A 17 -24.54 24.40 -9.04
CA PRO A 17 -23.94 23.32 -9.85
C PRO A 17 -24.04 23.52 -11.38
N ARG A 18 -23.22 22.78 -12.11
CA ARG A 18 -23.22 22.81 -13.57
C ARG A 18 -22.66 21.49 -14.06
N LYS A 19 -22.85 21.23 -15.36
CA LYS A 19 -22.31 20.03 -15.98
C LYS A 19 -20.83 20.24 -16.29
N LEU A 20 -19.96 19.45 -15.66
CA LEU A 20 -18.52 19.47 -15.92
C LEU A 20 -18.14 18.45 -16.98
N ARG A 21 -16.93 18.62 -17.52
CA ARG A 21 -16.56 17.83 -18.70
C ARG A 21 -16.50 16.34 -18.39
N SER A 22 -16.28 15.97 -17.13
CA SER A 22 -16.28 14.55 -16.79
C SER A 22 -17.66 13.94 -17.01
N GLN A 23 -18.72 14.75 -17.03
CA GLN A 23 -20.03 14.19 -17.34
C GLN A 23 -20.19 13.75 -18.79
N GLU A 24 -19.32 14.19 -19.72
CA GLU A 24 -19.38 13.70 -21.10
C GLU A 24 -19.08 12.22 -21.16
N TRP A 25 -18.48 11.66 -20.12
CA TRP A 25 -18.20 10.25 -20.02
C TRP A 25 -19.14 9.54 -19.07
N TYR A 26 -19.63 10.25 -18.05
CA TYR A 26 -20.21 9.59 -16.90
C TYR A 26 -21.64 10.04 -16.60
N GLY A 27 -22.23 10.90 -17.40
CA GLY A 27 -23.57 11.43 -17.14
C GLY A 27 -24.58 10.98 -18.18
N GLY A 28 -25.68 10.43 -17.70
CA GLY A 28 -26.81 10.06 -18.51
C GLY A 28 -27.04 8.57 -18.58
N THR A 29 -27.81 8.17 -19.61
CA THR A 29 -28.27 6.78 -19.76
C THR A 29 -27.93 6.14 -21.11
N SER A 30 -27.05 6.74 -21.90
CA SER A 30 -26.76 6.22 -23.23
C SER A 30 -25.92 4.94 -23.15
N ARG A 31 -25.86 4.23 -24.26
CA ARG A 31 -24.98 3.07 -24.35
C ARG A 31 -23.53 3.50 -24.07
N ASP A 32 -23.15 4.70 -24.53
CA ASP A 32 -21.78 5.19 -24.35
C ASP A 32 -21.47 5.41 -22.87
N VAL A 33 -22.38 6.07 -22.15
CA VAL A 33 -22.18 6.29 -20.72
C VAL A 33 -22.23 4.98 -19.95
N ILE A 34 -23.04 4.00 -20.39
CA ILE A 34 -23.04 2.73 -19.69
C ILE A 34 -21.67 2.06 -19.79
N TYR A 35 -21.05 2.14 -20.97
CA TYR A 35 -19.70 1.60 -21.15
C TYR A 35 -18.73 2.25 -20.18
N HIS A 36 -18.61 3.58 -20.23
CA HIS A 36 -17.60 4.30 -19.47
C HIS A 36 -17.83 4.15 -17.97
N ARG A 37 -19.02 4.52 -17.51
CA ARG A 37 -19.34 4.38 -16.10
C ARG A 37 -19.26 2.92 -15.69
N GLY A 38 -19.86 2.04 -16.51
CA GLY A 38 -19.92 0.65 -16.15
C GLY A 38 -18.56 0.01 -15.92
N TRP A 39 -17.56 0.42 -16.70
CA TRP A 39 -16.24 -0.21 -16.57
C TRP A 39 -15.48 0.31 -15.34
N LEU A 40 -15.46 1.63 -15.14
CA LEU A 40 -14.82 2.18 -13.95
C LEU A 40 -15.39 1.54 -12.69
N LYS A 41 -16.68 1.27 -12.72
CA LYS A 41 -17.37 0.62 -11.62
C LYS A 41 -16.74 -0.72 -11.25
N ASN A 42 -15.84 -1.25 -12.10
CA ASN A 42 -15.34 -2.58 -11.74
C ASN A 42 -14.35 -2.53 -10.58
N GLN A 43 -14.14 -1.36 -9.99
CA GLN A 43 -13.23 -1.18 -8.86
C GLN A 43 -13.97 -0.93 -7.54
N GLY A 44 -15.31 -0.96 -7.54
CA GLY A 44 -16.10 -0.76 -6.35
C GLY A 44 -16.43 0.69 -6.07
N TYR A 45 -17.21 1.34 -6.93
CA TYR A 45 -17.52 2.75 -6.74
C TYR A 45 -19.02 2.96 -6.62
N PRO A 46 -19.50 3.63 -5.57
CA PRO A 46 -20.93 3.93 -5.46
C PRO A 46 -21.42 4.73 -6.65
N HIS A 47 -22.66 4.41 -7.09
CA HIS A 47 -23.16 5.03 -8.31
C HIS A 47 -23.18 6.55 -8.22
N ASP A 48 -23.39 7.10 -7.02
CA ASP A 48 -23.50 8.55 -6.91
C ASP A 48 -22.17 9.28 -7.10
N LEU A 49 -21.04 8.56 -7.17
CA LEU A 49 -19.78 9.24 -7.47
C LEU A 49 -19.75 9.79 -8.90
N PHE A 50 -20.59 9.25 -9.80
CA PHE A 50 -20.67 9.70 -11.19
C PHE A 50 -21.78 10.71 -11.42
N ASP A 51 -22.30 11.31 -10.36
CA ASP A 51 -23.41 12.22 -10.47
C ASP A 51 -23.01 13.64 -10.86
N GLY A 52 -21.74 13.90 -11.11
CA GLY A 52 -21.32 15.24 -11.50
C GLY A 52 -20.46 15.96 -10.50
N ARG A 53 -20.24 15.43 -9.31
CA ARG A 53 -19.24 16.03 -8.47
C ARG A 53 -17.91 16.19 -9.23
N PRO A 54 -17.05 17.13 -8.85
CA PRO A 54 -15.74 17.24 -9.49
C PRO A 54 -14.98 15.92 -9.46
N VAL A 55 -14.50 15.51 -10.63
CA VAL A 55 -13.60 14.37 -10.71
C VAL A 55 -12.18 14.93 -10.78
N ILE A 56 -11.35 14.55 -9.83
CA ILE A 56 -10.03 15.16 -9.64
C ILE A 56 -8.97 14.14 -10.00
N GLY A 57 -8.19 14.42 -11.03
CA GLY A 57 -7.08 13.56 -11.38
C GLY A 57 -5.86 13.98 -10.60
N ILE A 58 -5.23 13.03 -9.93
CA ILE A 58 -4.06 13.29 -9.11
C ILE A 58 -2.85 12.75 -9.85
N LEU A 59 -2.12 13.64 -10.53
CA LEU A 59 -1.05 13.23 -11.44
C LEU A 59 0.23 12.99 -10.66
N ASN A 60 0.63 11.72 -10.53
CA ASN A 60 1.72 11.32 -9.64
C ASN A 60 3.00 11.02 -10.42
N THR A 61 4.09 11.72 -10.09
CA THR A 61 5.41 11.48 -10.66
C THR A 61 6.26 10.53 -9.82
N TRP A 62 5.66 9.81 -8.88
CA TRP A 62 6.39 8.80 -8.12
C TRP A 62 6.85 7.67 -9.03
N SER A 63 8.08 7.22 -8.81
CA SER A 63 8.64 6.05 -9.44
C SER A 63 9.75 5.53 -8.55
N ASP A 64 9.91 4.22 -8.49
CA ASP A 64 11.05 3.69 -7.75
C ASP A 64 12.36 4.21 -8.35
N MET A 65 12.35 4.75 -9.57
CA MET A 65 13.57 5.34 -10.14
C MET A 65 13.61 6.87 -10.08
N THR A 66 12.64 7.50 -9.41
CA THR A 66 12.78 8.91 -9.04
C THR A 66 12.90 9.01 -7.52
N PRO A 67 14.08 8.67 -6.97
CA PRO A 67 14.22 8.62 -5.50
C PRO A 67 13.80 9.91 -4.83
N CYS A 68 14.08 11.06 -5.44
CA CYS A 68 13.68 12.33 -4.86
C CYS A 68 12.18 12.44 -4.65
N ASN A 69 11.39 11.66 -5.40
CA ASN A 69 9.93 11.69 -5.31
C ASN A 69 9.38 10.41 -4.69
N GLY A 70 10.19 9.72 -3.88
CA GLY A 70 9.88 8.35 -3.46
C GLY A 70 8.72 8.23 -2.49
N HIS A 71 8.32 9.34 -1.86
CA HIS A 71 7.24 9.32 -0.88
C HIS A 71 5.94 9.87 -1.45
N LEU A 72 5.86 10.05 -2.78
CA LEU A 72 4.68 10.67 -3.38
C LEU A 72 3.44 9.78 -3.33
N ARG A 73 3.60 8.45 -3.26
CA ARG A 73 2.44 7.62 -3.04
C ARG A 73 1.76 7.97 -1.72
N GLU A 74 2.52 8.01 -0.62
CA GLU A 74 1.90 8.41 0.64
C GLU A 74 1.26 9.79 0.53
N LEU A 75 1.88 10.71 -0.22
CA LEU A 75 1.28 12.03 -0.36
C LEU A 75 -0.01 11.97 -1.17
N ALA A 76 -0.02 11.19 -2.26
CA ALA A 76 -1.22 11.06 -3.07
C ALA A 76 -2.40 10.53 -2.25
N GLU A 77 -2.16 9.61 -1.31
CA GLU A 77 -3.24 9.13 -0.44
C GLU A 77 -3.83 10.26 0.37
N LYS A 78 -2.98 11.19 0.84
CA LYS A 78 -3.48 12.34 1.57
C LYS A 78 -4.32 13.24 0.67
N VAL A 79 -3.90 13.45 -0.58
CA VAL A 79 -4.69 14.28 -1.48
C VAL A 79 -6.07 13.63 -1.70
N LYS A 80 -6.07 12.31 -1.90
CA LYS A 80 -7.33 11.58 -2.06
C LYS A 80 -8.24 11.80 -0.86
N ALA A 81 -7.71 11.65 0.36
CA ALA A 81 -8.52 11.85 1.55
C ALA A 81 -9.20 13.20 1.52
N GLY A 82 -8.45 14.26 1.21
CA GLY A 82 -9.02 15.58 1.14
C GLY A 82 -10.11 15.71 0.08
N VAL A 83 -9.88 15.15 -1.11
CA VAL A 83 -10.90 15.15 -2.17
C VAL A 83 -12.18 14.48 -1.69
N TRP A 84 -12.07 13.24 -1.17
CA TRP A 84 -13.24 12.58 -0.61
C TRP A 84 -13.97 13.51 0.36
N GLU A 85 -13.21 14.11 1.29
CA GLU A 85 -13.80 15.05 2.24
C GLU A 85 -14.59 16.15 1.53
N ALA A 86 -13.97 16.80 0.55
CA ALA A 86 -14.62 17.91 -0.15
C ALA A 86 -15.77 17.45 -1.04
N GLY A 87 -15.97 16.15 -1.18
CA GLY A 87 -17.05 15.66 -2.01
C GLY A 87 -16.75 15.55 -3.48
N GLY A 88 -15.48 15.55 -3.87
CA GLY A 88 -15.13 15.23 -5.24
C GLY A 88 -14.97 13.73 -5.39
N PHE A 89 -14.30 13.35 -6.48
CA PHE A 89 -14.09 11.95 -6.84
C PHE A 89 -12.63 11.82 -7.26
N PRO A 90 -11.77 11.34 -6.37
CA PRO A 90 -10.33 11.32 -6.64
C PRO A 90 -9.88 10.10 -7.42
N LEU A 91 -9.06 10.33 -8.44
CA LEU A 91 -8.51 9.24 -9.26
C LEU A 91 -7.03 9.52 -9.46
N GLU A 92 -6.17 8.67 -8.90
CA GLU A 92 -4.72 8.79 -9.07
C GLU A 92 -4.28 8.30 -10.45
N VAL A 93 -3.32 9.01 -11.04
CA VAL A 93 -2.94 8.80 -12.44
C VAL A 93 -1.44 8.98 -12.60
N PRO A 94 -0.65 7.91 -12.62
CA PRO A 94 0.80 8.05 -12.82
C PRO A 94 1.11 8.72 -14.16
N VAL A 95 2.19 9.52 -14.17
CA VAL A 95 2.63 10.23 -15.35
C VAL A 95 4.15 10.21 -15.39
N PHE A 96 4.70 10.46 -16.58
CA PHE A 96 6.14 10.36 -16.82
C PHE A 96 6.95 11.18 -15.81
N SER A 97 7.95 10.56 -15.20
CA SER A 97 8.72 11.18 -14.12
C SER A 97 10.18 11.31 -14.56
N ALA A 98 10.57 12.52 -14.99
CA ALA A 98 11.87 12.70 -15.62
C ALA A 98 12.95 12.87 -14.55
N SER A 99 13.39 11.74 -13.99
CA SER A 99 14.26 11.76 -12.83
C SER A 99 15.66 12.27 -13.20
N GLU A 100 16.13 13.27 -12.44
CA GLU A 100 17.40 13.93 -12.75
C GLU A 100 18.59 13.02 -12.52
N ASN A 101 18.49 12.05 -11.61
CA ASN A 101 19.67 11.28 -11.24
C ASN A 101 19.71 9.90 -11.87
N THR A 102 18.67 9.52 -12.61
CA THR A 102 18.71 8.31 -13.43
C THR A 102 18.83 8.58 -14.93
N PHE A 103 18.21 9.64 -15.45
CA PHE A 103 18.10 9.79 -16.90
C PHE A 103 19.42 10.23 -17.53
N ARG A 104 19.85 9.50 -18.55
CA ARG A 104 20.96 9.92 -19.39
C ARG A 104 20.48 10.05 -20.83
N PRO A 105 21.02 10.99 -21.63
CA PRO A 105 22.09 11.96 -21.38
C PRO A 105 21.77 13.04 -20.33
N THR A 106 20.49 13.28 -20.03
CA THR A 106 20.15 14.32 -19.05
C THR A 106 18.64 14.48 -18.99
N ALA A 107 18.09 14.64 -17.78
CA ALA A 107 16.63 14.70 -17.65
C ALA A 107 16.04 15.81 -18.50
N MET A 108 16.82 16.90 -18.69
CA MET A 108 16.45 18.00 -19.59
C MET A 108 15.94 17.52 -20.95
N MET A 109 16.62 16.55 -21.56
CA MET A 109 16.14 16.07 -22.84
C MET A 109 14.69 15.61 -22.79
N TYR A 110 14.24 15.07 -21.65
CA TYR A 110 12.95 14.42 -21.57
C TYR A 110 11.89 15.31 -20.94
N ARG A 111 12.26 16.52 -20.50
CA ARG A 111 11.27 17.45 -19.96
C ARG A 111 10.10 17.64 -20.93
N ASN A 112 10.39 17.91 -22.20
CA ASN A 112 9.32 18.14 -23.17
C ASN A 112 8.50 16.89 -23.40
N LEU A 113 9.16 15.72 -23.45
CA LEU A 113 8.44 14.47 -23.62
C LEU A 113 7.43 14.27 -22.50
N ALA A 114 7.83 14.59 -21.27
CA ALA A 114 6.93 14.44 -20.13
C ALA A 114 5.80 15.47 -20.14
N ALA A 115 6.05 16.67 -20.68
CA ALA A 115 4.96 17.64 -20.79
C ALA A 115 3.95 17.23 -21.86
N LEU A 116 4.43 16.59 -22.93
CA LEU A 116 3.54 16.08 -23.97
C LEU A 116 2.61 15.02 -23.40
N ALA A 117 3.19 14.04 -22.73
CA ALA A 117 2.41 12.96 -22.13
C ALA A 117 1.41 13.50 -21.12
N VAL A 118 1.84 14.44 -20.28
CA VAL A 118 0.93 14.99 -19.27
C VAL A 118 -0.23 15.71 -19.94
N GLU A 119 0.06 16.50 -20.98
CA GLU A 119 -0.99 17.28 -21.63
C GLU A 119 -2.07 16.38 -22.20
N GLU A 120 -1.68 15.27 -22.85
CA GLU A 120 -2.68 14.39 -23.45
C GLU A 120 -3.40 13.58 -22.39
N ALA A 121 -2.67 13.12 -21.37
CA ALA A 121 -3.33 12.38 -20.28
C ALA A 121 -4.42 13.23 -19.62
N ILE A 122 -4.22 14.55 -19.53
CA ILE A 122 -5.22 15.41 -18.93
C ILE A 122 -6.43 15.59 -19.85
N ARG A 123 -6.20 15.95 -21.12
CA ARG A 123 -7.31 16.23 -22.03
C ARG A 123 -8.00 14.95 -22.49
N GLY A 124 -7.26 13.87 -22.60
CA GLY A 124 -7.83 12.68 -23.18
C GLY A 124 -8.74 11.91 -22.26
N GLN A 125 -8.83 12.31 -21.00
CA GLN A 125 -9.49 11.56 -19.95
C GLN A 125 -10.39 12.48 -19.14
N PRO A 126 -11.25 11.90 -18.28
CA PRO A 126 -12.34 12.68 -17.67
C PRO A 126 -11.97 13.29 -16.31
N MET A 127 -10.98 14.19 -16.35
CA MET A 127 -10.64 15.03 -15.21
C MET A 127 -11.37 16.36 -15.33
N ASP A 128 -11.88 16.85 -14.21
CA ASP A 128 -12.35 18.23 -14.14
C ASP A 128 -11.32 19.19 -13.55
N GLY A 129 -10.45 18.69 -12.66
CA GLY A 129 -9.35 19.47 -12.14
C GLY A 129 -8.16 18.55 -11.89
N CYS A 130 -6.98 19.16 -11.72
CA CYS A 130 -5.73 18.44 -11.61
C CYS A 130 -4.97 18.78 -10.33
N VAL A 131 -4.31 17.77 -9.79
CA VAL A 131 -3.37 17.93 -8.69
C VAL A 131 -2.02 17.40 -9.18
N LEU A 132 -0.99 18.22 -9.05
CA LEU A 132 0.31 17.99 -9.67
C LEU A 132 1.35 17.63 -8.60
N LEU A 133 1.57 16.34 -8.42
CA LEU A 133 2.51 15.83 -7.41
C LEU A 133 3.90 15.72 -8.04
N VAL A 134 4.83 16.58 -7.59
CA VAL A 134 6.13 16.76 -8.23
C VAL A 134 7.22 16.89 -7.16
N GLY A 135 8.47 16.99 -7.62
CA GLY A 135 9.62 17.14 -6.73
C GLY A 135 10.93 17.36 -7.45
N CYS A 136 11.55 16.26 -7.89
CA CYS A 136 12.81 16.31 -8.63
C CYS A 136 12.78 17.38 -9.71
N ASP A 137 13.92 18.06 -9.86
CA ASP A 137 14.14 19.14 -10.84
C ASP A 137 13.11 19.31 -11.97
N THR A 139 10.43 17.59 -12.94
CA THR A 139 9.05 17.15 -12.80
C THR A 139 8.12 18.35 -12.62
N THR A 140 8.60 19.35 -11.87
CA THR A 140 7.79 20.55 -11.66
C THR A 140 7.52 21.32 -12.95
N PRO A 141 8.52 21.63 -13.78
CA PRO A 141 8.22 22.37 -15.00
C PRO A 141 7.45 21.55 -16.01
N SER A 142 7.73 20.25 -16.12
CA SER A 142 7.13 19.44 -17.17
C SER A 142 5.64 19.23 -16.91
N LEU A 143 5.25 19.11 -15.62
CA LEU A 143 3.85 18.96 -15.27
C LEU A 143 3.09 20.28 -15.35
N LEU A 144 3.75 21.39 -14.98
CA LEU A 144 3.14 22.72 -15.15
C LEU A 144 3.00 23.08 -16.63
N MET A 145 3.97 22.70 -17.47
CA MET A 145 3.80 22.95 -18.90
C MET A 145 2.60 22.17 -19.44
N GLY A 146 2.45 20.91 -19.05
CA GLY A 146 1.34 20.12 -19.54
C GLY A 146 -0.01 20.70 -19.14
N ALA A 147 -0.15 21.06 -17.86
CA ALA A 147 -1.43 21.56 -17.38
C ALA A 147 -1.75 22.95 -17.92
N ALA A 148 -0.73 23.80 -18.12
CA ALA A 148 -1.01 25.11 -18.69
C ALA A 148 -1.62 24.97 -20.08
N SER A 149 -1.16 23.98 -20.87
CA SER A 149 -1.68 23.79 -22.22
C SER A 149 -3.11 23.26 -22.24
N CYS A 150 -3.66 22.79 -21.11
CA CYS A 150 -5.06 22.42 -20.99
C CYS A 150 -5.89 23.48 -20.27
N ASP A 151 -5.32 24.10 -19.24
CA ASP A 151 -5.97 25.18 -18.50
C ASP A 151 -7.24 24.69 -17.82
N LEU A 152 -7.17 23.47 -17.26
CA LEU A 152 -8.12 23.00 -16.26
C LEU A 152 -7.64 23.44 -14.87
N PRO A 153 -8.55 23.75 -13.97
CA PRO A 153 -8.12 24.06 -12.61
C PRO A 153 -7.04 23.10 -12.11
N SER A 154 -5.87 23.63 -11.73
CA SER A 154 -4.73 22.82 -11.29
C SER A 154 -4.08 23.42 -10.06
N ILE A 155 -3.33 22.60 -9.33
CA ILE A 155 -2.67 23.05 -8.10
C ILE A 155 -1.49 22.12 -7.86
N VAL A 156 -0.43 22.64 -7.24
CA VAL A 156 0.83 21.94 -7.09
C VAL A 156 0.98 21.45 -5.66
N VAL A 157 1.49 20.23 -5.51
CA VAL A 157 2.02 19.75 -4.24
C VAL A 157 3.49 19.39 -4.48
N THR A 158 4.38 20.00 -3.70
CA THR A 158 5.82 19.79 -3.82
C THR A 158 6.24 18.63 -2.92
N GLY A 159 7.13 17.76 -3.43
CA GLY A 159 7.58 16.64 -2.60
C GLY A 159 8.30 17.11 -1.36
N GLY A 160 9.27 18.01 -1.54
CA GLY A 160 10.00 18.55 -0.42
C GLY A 160 11.44 18.08 -0.36
N PRO A 161 12.30 18.93 0.19
CA PRO A 161 13.73 18.64 0.20
C PRO A 161 14.09 17.64 1.29
N MET A 162 15.22 16.98 1.07
CA MET A 162 15.81 16.06 2.03
C MET A 162 16.23 16.82 3.29
N LEU A 163 16.40 16.09 4.40
CA LEU A 163 17.04 16.65 5.60
C LEU A 163 18.49 17.01 5.32
N ASN A 164 19.19 17.60 6.28
CA ASN A 164 20.60 17.94 6.06
C ASN A 164 21.45 16.67 6.00
N GLY A 165 22.41 16.65 5.08
CA GLY A 165 23.49 15.70 5.17
C GLY A 165 24.55 16.12 6.22
N TYR A 166 25.42 15.17 6.57
CA TYR A 166 26.37 15.33 7.66
C TYR A 166 27.58 14.47 7.36
N PHE A 167 28.73 15.09 7.12
CA PHE A 167 29.99 14.37 7.04
C PHE A 167 30.99 14.97 8.02
N ARG A 168 31.54 14.12 8.88
CA ARG A 168 32.54 14.52 9.87
CA ARG A 168 32.54 14.52 9.87
C ARG A 168 32.13 15.80 10.59
N GLY A 169 30.96 15.73 11.24
CA GLY A 169 30.41 16.85 11.98
C GLY A 169 30.10 18.08 11.15
N GLU A 170 30.41 18.09 9.86
CA GLU A 170 30.16 19.24 8.99
C GLU A 170 28.83 19.09 8.29
N ARG A 171 28.23 20.23 7.93
CA ARG A 171 27.07 20.23 7.06
C ARG A 171 27.49 19.84 5.66
N VAL A 172 26.82 18.84 5.09
CA VAL A 172 27.03 18.47 3.70
C VAL A 172 25.75 18.78 2.93
N GLY A 173 25.89 19.44 1.80
CA GLY A 173 24.75 19.85 0.98
C GLY A 173 24.63 18.99 -0.26
N SER A 174 23.40 18.73 -0.66
CA SER A 174 23.14 17.94 -1.86
C SER A 174 23.56 18.73 -3.10
N GLY A 175 24.54 18.19 -3.81
CA GLY A 175 25.00 18.85 -5.01
C GLY A 175 26.24 19.66 -4.72
N THR A 176 26.05 20.79 -4.02
CA THR A 176 27.15 21.73 -3.77
C THR A 176 28.39 21.02 -3.26
N HIS A 177 28.24 20.03 -2.36
CA HIS A 177 29.44 19.37 -1.87
C HIS A 177 29.96 18.30 -2.81
N LEU A 178 29.21 17.97 -3.85
CA LEU A 178 29.73 17.08 -4.87
C LEU A 178 30.81 17.78 -5.70
N TRP A 179 30.63 19.07 -5.96
CA TRP A 179 31.63 19.85 -6.71
C TRP A 179 32.80 20.24 -5.81
N LYS A 180 32.51 20.86 -4.66
CA LYS A 180 33.54 21.12 -3.66
C LYS A 180 34.43 19.88 -3.42
N PHE A 181 33.82 18.72 -3.12
CA PHE A 181 34.62 17.53 -2.84
C PHE A 181 35.41 17.06 -4.07
N SER A 182 34.77 17.01 -5.24
CA SER A 182 35.47 16.46 -6.39
C SER A 182 36.61 17.37 -6.85
N GLU A 183 36.50 18.69 -6.66
CA GLU A 183 37.62 19.59 -6.94
C GLU A 183 38.70 19.50 -5.88
N MET A 184 38.32 19.38 -4.59
CA MET A 184 39.32 19.12 -3.55
C MET A 184 40.08 17.83 -3.80
N VAL A 185 39.43 16.83 -4.41
CA VAL A 185 40.11 15.56 -4.68
C VAL A 185 41.28 15.78 -5.63
N LYS A 186 41.03 16.49 -6.74
CA LYS A 186 42.09 16.69 -7.71
C LYS A 186 42.98 17.88 -7.37
N ALA A 187 42.59 18.70 -6.38
CA ALA A 187 43.53 19.65 -5.80
C ALA A 187 44.55 18.99 -4.89
N GLY A 188 44.28 17.76 -4.43
CA GLY A 188 45.13 17.07 -3.49
C GLY A 188 44.79 17.29 -2.03
N GLU A 189 43.61 17.84 -1.75
CA GLU A 189 43.16 18.15 -0.39
C GLU A 189 42.23 17.09 0.19
N MET A 190 41.73 16.18 -0.66
CA MET A 190 40.85 15.09 -0.27
C MET A 190 41.24 13.86 -1.08
N THR A 191 40.82 12.70 -0.63
CA THR A 191 40.96 11.48 -1.40
C THR A 191 39.59 10.95 -1.79
N GLN A 192 39.54 10.25 -2.92
CA GLN A 192 38.29 9.62 -3.32
C GLN A 192 37.77 8.70 -2.22
N ALA A 193 38.68 7.98 -1.55
CA ALA A 193 38.28 7.16 -0.41
C ALA A 193 37.44 7.96 0.58
N GLU A 194 37.94 9.15 0.96
CA GLU A 194 37.19 10.02 1.86
C GLU A 194 35.90 10.51 1.22
N PHE A 195 35.93 10.83 -0.09
CA PHE A 195 34.71 11.16 -0.84
C PHE A 195 33.66 10.07 -0.69
N LEU A 196 34.08 8.79 -0.77
CA LEU A 196 33.14 7.68 -0.72
C LEU A 196 32.53 7.51 0.66
N GLU A 197 33.29 7.83 1.72
CA GLU A 197 32.76 7.72 3.09
C GLU A 197 31.58 8.67 3.32
N ALA A 198 31.58 9.82 2.64
CA ALA A 198 30.50 10.78 2.76
C ALA A 198 29.20 10.29 2.12
N GLU A 199 29.23 9.21 1.34
CA GLU A 199 28.09 8.84 0.50
C GLU A 199 26.84 8.61 1.33
N ALA A 200 26.90 7.68 2.28
CA ALA A 200 25.68 7.22 2.94
C ALA A 200 25.05 8.28 3.85
N SER A 201 25.82 9.25 4.31
CA SER A 201 25.28 10.32 5.12
C SER A 201 24.96 11.56 4.27
N MET A 202 25.07 11.46 2.94
CA MET A 202 24.83 12.59 2.04
C MET A 202 23.35 12.74 1.72
N SER A 203 22.69 11.66 1.26
CA SER A 203 21.28 11.67 0.89
C SER A 203 20.59 10.62 1.77
N ARG A 204 20.02 11.09 2.87
CA ARG A 204 19.65 10.23 3.99
C ARG A 204 18.23 10.47 4.49
N SER A 205 17.39 11.13 3.68
CA SER A 205 15.94 11.12 3.87
C SER A 205 15.28 11.17 2.49
N SER A 206 13.96 11.01 2.46
CA SER A 206 13.25 10.97 1.17
C SER A 206 12.82 12.39 0.79
N GLY A 207 13.41 12.92 -0.27
CA GLY A 207 13.04 14.23 -0.79
C GLY A 207 14.07 14.70 -1.79
N THR A 208 13.93 15.97 -2.19
CA THR A 208 14.78 16.56 -3.22
C THR A 208 16.08 17.10 -2.62
N CYS A 209 16.95 17.61 -3.49
CA CYS A 209 18.18 18.24 -3.07
C CYS A 209 17.92 19.34 -2.06
N ASN A 210 18.78 19.42 -1.03
CA ASN A 210 18.54 20.29 0.11
C ASN A 210 19.32 21.61 0.02
N THR A 211 19.87 21.93 -1.15
CA THR A 211 20.44 23.24 -1.39
C THR A 211 19.43 24.12 -2.12
N MET A 212 19.86 25.31 -2.55
CA MET A 212 18.96 26.20 -3.28
C MET A 212 19.06 25.92 -4.77
N GLY A 213 18.96 24.63 -5.12
CA GLY A 213 19.09 24.17 -6.49
C GLY A 213 17.79 24.27 -7.25
N THR A 214 17.71 23.52 -8.35
CA THR A 214 16.58 23.65 -9.26
C THR A 214 15.29 23.16 -8.62
N ALA A 215 15.37 22.08 -7.83
CA ALA A 215 14.17 21.54 -7.23
C ALA A 215 13.66 22.47 -6.14
N SER A 216 14.56 23.02 -5.34
CA SER A 216 14.14 24.01 -4.34
C SER A 216 13.70 25.31 -5.02
N THR A 217 14.37 25.68 -6.11
CA THR A 217 14.01 26.89 -6.84
C THR A 217 12.67 26.72 -7.54
N MET A 218 12.46 25.58 -8.22
CA MET A 218 11.20 25.35 -8.92
C MET A 218 10.04 25.23 -7.95
N ALA A 219 10.26 24.55 -6.81
CA ALA A 219 9.27 24.57 -5.73
C ALA A 219 8.92 26.00 -5.32
N SER A 220 9.92 26.87 -5.16
CA SER A 220 9.63 28.27 -4.83
C SER A 220 8.92 28.99 -5.98
N MET A 221 9.39 28.77 -7.22
CA MET A 221 8.76 29.38 -8.39
C MET A 221 7.25 29.10 -8.40
N ALA A 222 6.86 27.87 -8.05
CA ALA A 222 5.46 27.49 -8.19
C ALA A 222 4.62 28.14 -7.10
N GLU A 223 5.16 28.18 -5.87
CA GLU A 223 4.53 28.95 -4.80
C GLU A 223 4.46 30.43 -5.16
N ALA A 224 5.60 31.01 -5.60
CA ALA A 224 5.64 32.42 -5.94
C ALA A 224 4.69 32.78 -7.07
N LEU A 225 4.45 31.86 -8.01
CA LEU A 225 3.47 32.14 -9.07
C LEU A 225 2.04 32.15 -8.52
N GLY A 226 1.82 31.54 -7.37
CA GLY A 226 0.47 31.36 -6.86
C GLY A 226 -0.16 30.04 -7.23
N MET A 227 0.62 29.08 -7.71
CA MET A 227 0.13 27.78 -8.13
C MET A 227 0.17 26.75 -7.01
N ALA A 228 0.41 27.17 -5.77
CA ALA A 228 0.49 26.24 -4.66
C ALA A 228 0.16 26.98 -3.37
N LEU A 229 -0.50 26.30 -2.44
CA LEU A 229 -0.90 26.93 -1.19
C LEU A 229 0.31 27.55 -0.49
N SER A 230 0.08 28.64 0.24
CA SER A 230 1.18 29.30 0.92
C SER A 230 1.93 28.33 1.83
N GLY A 231 3.26 28.43 1.80
CA GLY A 231 4.11 27.57 2.59
C GLY A 231 4.57 26.30 1.93
N ASN A 232 4.29 26.12 0.64
CA ASN A 232 4.46 24.83 -0.05
C ASN A 232 5.94 24.46 -0.23
N ALA A 233 6.81 25.44 -0.47
CA ALA A 233 8.08 25.13 -1.12
C ALA A 233 9.10 24.47 -0.18
N ALA A 234 9.17 24.90 1.09
CA ALA A 234 10.31 24.54 1.93
C ALA A 234 10.03 23.41 2.93
N ILE A 235 8.76 23.06 3.19
CA ILE A 235 8.49 21.97 4.14
C ILE A 235 9.33 20.75 3.78
N PRO A 236 10.14 20.22 4.68
CA PRO A 236 10.90 18.99 4.37
C PRO A 236 9.97 17.85 3.92
N GLY A 237 10.49 17.01 3.01
CA GLY A 237 9.66 15.93 2.48
C GLY A 237 9.10 15.00 3.54
N VAL A 238 9.87 14.70 4.59
CA VAL A 238 9.40 13.83 5.68
C VAL A 238 8.77 14.58 6.83
N ASP A 239 8.62 15.89 6.75
CA ASP A 239 7.96 16.64 7.81
C ASP A 239 6.45 16.38 7.74
N SER A 240 5.86 16.06 8.90
CA SER A 240 4.44 15.73 8.94
C SER A 240 3.56 16.85 8.37
N ARG A 241 4.04 18.08 8.41
CA ARG A 241 3.26 19.18 7.85
C ARG A 241 3.24 19.16 6.32
N ARG A 242 4.05 18.31 5.68
CA ARG A 242 3.93 18.18 4.24
C ARG A 242 2.71 17.35 3.86
N LYS A 243 2.38 16.30 4.63
CA LYS A 243 1.16 15.53 4.39
C LYS A 243 -0.09 16.34 4.73
N VAL A 244 -0.05 17.12 5.80
CA VAL A 244 -1.14 18.05 6.07
C VAL A 244 -1.35 18.97 4.88
N MET A 245 -0.26 19.50 4.32
CA MET A 245 -0.36 20.36 3.16
C MET A 245 -1.07 19.64 2.03
N ALA A 246 -0.72 18.36 1.82
CA ALA A 246 -1.30 17.60 0.72
C ALA A 246 -2.80 17.36 0.93
N GLN A 247 -3.21 17.09 2.17
CA GLN A 247 -4.63 16.85 2.41
C GLN A 247 -5.44 18.11 2.19
N LEU A 248 -4.96 19.25 2.71
CA LEU A 248 -5.61 20.53 2.45
C LEU A 248 -5.63 20.86 0.96
N THR A 249 -4.65 20.39 0.20
CA THR A 249 -4.69 20.62 -1.24
C THR A 249 -5.76 19.76 -1.92
N GLY A 250 -5.97 18.54 -1.41
CA GLY A 250 -7.04 17.72 -1.94
C GLY A 250 -8.41 18.31 -1.69
N ARG A 251 -8.61 18.95 -0.54
CA ARG A 251 -9.88 19.62 -0.30
C ARG A 251 -10.09 20.78 -1.27
N ARG A 252 -9.06 21.62 -1.45
CA ARG A 252 -9.24 22.88 -2.16
C ARG A 252 -9.34 22.71 -3.67
N ILE A 253 -8.76 21.66 -4.26
CA ILE A 253 -8.89 21.48 -5.70
C ILE A 253 -10.34 21.26 -6.08
N VAL A 254 -11.10 20.57 -5.23
CA VAL A 254 -12.52 20.40 -5.48
C VAL A 254 -13.21 21.75 -5.55
N GLN A 255 -12.81 22.69 -4.69
CA GLN A 255 -13.49 23.98 -4.72
C GLN A 255 -13.08 24.81 -5.92
N MET A 256 -11.80 24.71 -6.35
CA MET A 256 -11.36 25.44 -7.56
C MET A 256 -12.07 24.97 -8.81
N VAL A 257 -12.42 23.68 -8.90
CA VAL A 257 -13.16 23.19 -10.06
C VAL A 257 -14.56 23.79 -10.10
N LYS A 258 -15.26 23.76 -8.97
CA LYS A 258 -16.57 24.39 -8.89
C LYS A 258 -16.49 25.86 -9.25
N ASP A 259 -15.47 26.56 -8.73
CA ASP A 259 -15.28 27.98 -9.00
C ASP A 259 -14.70 28.24 -10.38
N ASP A 260 -14.02 27.26 -10.97
CA ASP A 260 -13.32 27.44 -12.25
C ASP A 260 -12.15 28.40 -12.11
N LEU A 261 -11.31 28.15 -11.10
CA LEU A 261 -10.06 28.89 -10.92
C LEU A 261 -9.01 28.25 -11.84
N LYS A 262 -8.76 28.87 -12.98
CA LYS A 262 -7.94 28.24 -14.00
C LYS A 262 -6.51 28.78 -13.97
N PRO A 263 -5.55 28.01 -14.49
CA PRO A 263 -4.16 28.48 -14.51
C PRO A 263 -3.95 29.81 -15.23
N SER A 264 -4.64 30.03 -16.34
CA SER A 264 -4.49 31.32 -17.02
C SER A 264 -4.81 32.48 -16.08
N GLU A 265 -5.72 32.26 -15.12
CA GLU A 265 -6.10 33.32 -14.20
C GLU A 265 -5.03 33.58 -13.13
N ILE A 266 -4.26 32.56 -12.75
CA ILE A 266 -3.21 32.75 -11.75
C ILE A 266 -1.91 33.22 -12.39
N MET A 267 -1.48 32.58 -13.48
CA MET A 267 -0.22 32.92 -14.12
C MET A 267 -0.42 34.03 -15.14
N THR A 268 -0.63 35.22 -14.59
CA THR A 268 -0.56 36.48 -15.29
C THR A 268 0.89 36.93 -15.38
N LYS A 269 1.09 38.04 -16.11
CA LYS A 269 2.41 38.66 -16.19
C LYS A 269 2.88 39.13 -14.81
N GLN A 270 1.98 39.68 -14.00
CA GLN A 270 2.32 40.02 -12.61
C GLN A 270 2.83 38.79 -11.87
N ALA A 271 2.15 37.65 -12.04
CA ALA A 271 2.58 36.43 -11.38
C ALA A 271 4.03 36.10 -11.77
N PHE A 272 4.37 36.20 -13.05
CA PHE A 272 5.70 35.79 -13.49
C PHE A 272 6.77 36.75 -13.03
N GLU A 273 6.46 38.04 -12.95
CA GLU A 273 7.45 38.97 -12.41
C GLU A 273 7.62 38.77 -10.91
N ASN A 274 6.51 38.52 -10.19
CA ASN A 274 6.65 38.08 -8.81
C ASN A 274 7.63 36.93 -8.73
N ALA A 275 7.58 36.03 -9.72
CA ALA A 275 8.46 34.86 -9.70
C ALA A 275 9.90 35.25 -9.96
N ILE A 276 10.13 36.16 -10.91
CA ILE A 276 11.50 36.52 -11.22
C ILE A 276 12.13 37.27 -10.05
N ARG A 277 11.42 38.25 -9.49
CA ARG A 277 11.98 38.96 -8.34
C ARG A 277 12.20 38.01 -7.16
N THR A 278 11.29 37.05 -6.94
CA THR A 278 11.49 36.05 -5.89
C THR A 278 12.73 35.21 -6.15
N ASN A 279 13.05 34.94 -7.41
CA ASN A 279 14.22 34.12 -7.71
C ASN A 279 15.53 34.84 -7.33
N ALA A 280 15.62 36.15 -7.60
CA ALA A 280 16.77 36.93 -7.14
C ALA A 280 16.87 36.94 -5.61
N ALA A 281 15.75 37.17 -4.93
CA ALA A 281 15.75 37.22 -3.47
C ALA A 281 16.30 35.94 -2.85
N ILE A 282 16.09 34.79 -3.50
CA ILE A 282 16.51 33.50 -2.94
C ILE A 282 17.79 32.97 -3.56
N GLY A 283 18.34 33.65 -4.55
CA GLY A 283 19.54 33.13 -5.19
C GLY A 283 19.28 31.83 -5.92
N GLY A 284 18.15 31.75 -6.66
CA GLY A 284 17.71 30.53 -7.30
C GLY A 284 18.53 30.08 -8.50
N SER A 285 18.30 28.82 -8.86
CA SER A 285 18.98 28.17 -9.98
C SER A 285 18.81 28.96 -11.27
N THR A 286 19.84 28.89 -12.12
CA THR A 286 19.77 29.48 -13.45
C THR A 286 18.78 28.74 -14.35
N ASN A 287 18.63 27.42 -14.18
CA ASN A 287 17.62 26.68 -14.92
C ASN A 287 16.24 27.28 -14.73
N ALA A 288 16.03 28.01 -13.63
CA ALA A 288 14.73 28.64 -13.45
C ALA A 288 14.37 29.49 -14.67
N VAL A 289 15.39 30.06 -15.33
CA VAL A 289 15.15 30.93 -16.48
C VAL A 289 14.56 30.14 -17.65
N ILE A 290 15.21 29.03 -18.02
CA ILE A 290 14.70 28.17 -19.09
C ILE A 290 13.29 27.69 -18.75
N HIS A 291 13.15 27.02 -17.60
CA HIS A 291 11.84 26.44 -17.24
C HIS A 291 10.75 27.49 -17.21
N LEU A 292 11.05 28.69 -16.71
CA LEU A 292 9.97 29.67 -16.60
C LEU A 292 9.56 30.22 -17.96
N LEU A 293 10.51 30.37 -18.88
CA LEU A 293 10.13 30.79 -20.22
C LEU A 293 9.23 29.74 -20.88
N ALA A 294 9.51 28.46 -20.68
CA ALA A 294 8.66 27.44 -21.27
C ALA A 294 7.23 27.49 -20.70
N ILE A 295 7.10 27.70 -19.39
CA ILE A 295 5.79 27.71 -18.75
C ILE A 295 4.95 28.88 -19.27
N ALA A 296 5.53 30.08 -19.31
CA ALA A 296 4.83 31.19 -19.93
C ALA A 296 4.60 30.94 -21.41
N GLY A 297 5.46 30.14 -22.04
CA GLY A 297 5.18 29.71 -23.40
C GLY A 297 3.89 28.93 -23.53
N ARG A 298 3.48 28.22 -22.47
CA ARG A 298 2.25 27.42 -22.54
C ARG A 298 1.03 28.20 -22.07
N VAL A 299 1.16 29.01 -21.03
CA VAL A 299 0.05 29.88 -20.64
C VAL A 299 -0.25 30.88 -21.75
N GLY A 300 0.75 31.21 -22.55
CA GLY A 300 0.59 32.27 -23.52
C GLY A 300 0.92 33.64 -23.00
N ILE A 301 1.70 33.74 -21.95
CA ILE A 301 2.12 35.02 -21.43
C ILE A 301 3.36 35.45 -22.19
N ASP A 302 3.54 36.77 -22.25
CA ASP A 302 4.64 37.38 -22.98
C ASP A 302 5.79 37.56 -22.02
N LEU A 303 6.77 36.67 -22.09
CA LEU A 303 7.88 36.68 -21.14
C LEU A 303 9.19 36.46 -21.87
N SER A 304 10.19 37.26 -21.54
CA SER A 304 11.41 37.31 -22.33
C SER A 304 12.62 37.33 -21.40
N LEU A 305 13.78 37.02 -21.99
CA LEU A 305 15.04 37.19 -21.29
C LEU A 305 15.15 38.58 -20.67
N ASP A 306 14.74 39.60 -21.40
CA ASP A 306 14.93 40.95 -20.87
C ASP A 306 14.09 41.18 -19.64
N ASP A 307 12.86 40.65 -19.62
CA ASP A 307 12.07 40.66 -18.40
C ASP A 307 12.88 40.14 -17.22
N TRP A 308 13.67 39.10 -17.44
CA TRP A 308 14.50 38.52 -16.39
C TRP A 308 15.55 39.52 -15.92
N ASP A 309 16.36 40.05 -16.85
CA ASP A 309 17.35 41.06 -16.49
C ASP A 309 16.67 42.26 -15.82
N ARG A 310 15.66 42.83 -16.48
CA ARG A 310 14.96 43.98 -15.93
C ARG A 310 14.56 43.76 -14.47
N CYS A 311 13.88 42.64 -14.19
CA CYS A 311 13.14 42.52 -12.92
C CYS A 311 14.04 42.12 -11.76
N GLY A 312 15.06 41.29 -12.01
CA GLY A 312 16.00 40.96 -10.97
C GLY A 312 17.00 42.05 -10.65
N ARG A 313 17.02 43.15 -11.42
CA ARG A 313 17.95 44.23 -11.18
C ARG A 313 17.75 44.84 -9.80
N ASP A 314 18.83 44.87 -9.02
CA ASP A 314 18.82 45.49 -7.70
C ASP A 314 17.77 44.88 -6.76
N VAL A 315 17.53 43.57 -6.88
CA VAL A 315 16.82 42.79 -5.88
C VAL A 315 17.88 42.05 -5.06
N PRO A 316 18.03 42.35 -3.78
CA PRO A 316 19.12 41.72 -3.02
C PRO A 316 18.81 40.27 -2.69
N THR A 317 19.80 39.40 -2.90
CA THR A 317 19.72 38.02 -2.46
C THR A 317 19.91 37.97 -0.95
N ILE A 318 18.91 37.46 -0.23
CA ILE A 318 18.90 37.48 1.24
C ILE A 318 18.76 36.09 1.85
N VAL A 319 18.58 35.04 1.06
CA VAL A 319 18.46 33.69 1.61
C VAL A 319 19.85 33.08 1.70
N ASN A 320 20.35 32.96 2.93
CA ASN A 320 21.73 32.55 3.20
C ASN A 320 21.86 31.03 3.10
N LEU A 321 21.77 30.52 1.87
CA LEU A 321 21.72 29.07 1.65
C LEU A 321 22.72 28.69 0.59
N MET A 322 23.33 27.52 0.74
CA MET A 322 24.16 27.00 -0.33
C MET A 322 23.33 26.95 -1.61
N PRO A 323 23.94 27.24 -2.78
CA PRO A 323 25.37 27.50 -2.95
C PRO A 323 25.87 28.95 -2.77
N SER A 324 25.00 29.96 -2.72
CA SER A 324 25.53 31.31 -2.47
C SER A 324 25.95 31.48 -1.02
N GLY A 325 25.18 30.92 -0.09
CA GLY A 325 25.37 31.15 1.32
C GLY A 325 25.69 29.88 2.08
N LYS A 326 25.28 29.83 3.33
CA LYS A 326 25.86 28.92 4.31
C LYS A 326 25.01 27.70 4.63
N TYR A 327 23.69 27.85 4.74
CA TYR A 327 22.83 26.83 5.33
C TYR A 327 22.04 26.10 4.24
N LEU A 328 21.16 25.20 4.70
CA LEU A 328 20.42 24.29 3.83
C LEU A 328 18.92 24.53 4.00
N MET A 329 18.11 23.73 3.30
CA MET A 329 16.67 23.98 3.26
C MET A 329 16.01 23.82 4.62
N GLU A 330 16.47 22.90 5.47
CA GLU A 330 15.90 22.84 6.80
C GLU A 330 15.92 24.22 7.46
N GLU A 331 17.08 24.86 7.46
CA GLU A 331 17.20 26.17 8.08
C GLU A 331 16.22 27.15 7.48
N PHE A 332 16.09 27.15 6.14
CA PHE A 332 15.14 28.00 5.48
C PHE A 332 13.73 27.75 5.99
N PHE A 333 13.34 26.49 6.08
CA PHE A 333 12.00 26.17 6.55
C PHE A 333 11.81 26.66 7.99
N TYR A 334 12.80 26.48 8.85
CA TYR A 334 12.59 26.89 10.24
C TYR A 334 12.55 28.41 10.39
N ALA A 335 13.28 29.15 9.54
CA ALA A 335 13.22 30.62 9.62
C ALA A 335 11.89 31.16 9.10
N GLY A 336 11.18 30.39 8.29
CA GLY A 336 9.88 30.81 7.79
C GLY A 336 9.56 30.50 6.35
N GLY A 337 10.52 29.96 5.62
CA GLY A 337 10.25 29.65 4.24
C GLY A 337 9.92 30.88 3.39
N LEU A 338 9.46 30.57 2.17
CA LEU A 338 9.29 31.60 1.16
C LEU A 338 8.29 32.70 1.52
N PRO A 339 7.25 32.45 2.32
CA PRO A 339 6.35 33.55 2.69
C PRO A 339 7.06 34.77 3.27
N VAL A 340 8.05 34.57 4.15
CA VAL A 340 8.85 35.69 4.64
C VAL A 340 9.46 36.46 3.46
N VAL A 341 10.21 35.75 2.60
CA VAL A 341 10.80 36.38 1.43
C VAL A 341 9.77 37.18 0.64
N LEU A 342 8.58 36.61 0.46
CA LEU A 342 7.57 37.30 -0.33
C LEU A 342 7.12 38.57 0.37
N LYS A 343 6.86 38.47 1.68
CA LYS A 343 6.50 39.65 2.46
C LYS A 343 7.57 40.74 2.37
N ARG A 344 8.84 40.36 2.49
CA ARG A 344 9.90 41.35 2.35
C ARG A 344 9.85 42.02 0.98
N LEU A 345 9.46 41.27 -0.06
CA LEU A 345 9.34 41.88 -1.38
C LEU A 345 8.21 42.90 -1.42
N GLY A 346 7.10 42.59 -0.75
CA GLY A 346 6.02 43.56 -0.66
C GLY A 346 6.41 44.76 0.18
N GLU A 347 7.15 44.53 1.27
CA GLU A 347 7.62 45.65 2.07
C GLU A 347 8.58 46.52 1.27
N ALA A 348 9.35 45.91 0.37
CA ALA A 348 10.30 46.65 -0.42
C ALA A 348 9.68 47.34 -1.62
N GLY A 349 8.36 47.28 -1.79
CA GLY A 349 7.74 47.83 -2.98
C GLY A 349 7.95 47.04 -4.26
N LEU A 350 8.46 45.81 -4.18
CA LEU A 350 8.79 45.02 -5.36
C LEU A 350 7.79 43.89 -5.63
N LEU A 351 6.67 43.85 -4.92
CA LEU A 351 5.71 42.77 -5.08
C LEU A 351 4.42 43.26 -5.72
N HIS A 352 3.87 42.47 -6.63
CA HIS A 352 2.51 42.69 -7.11
C HIS A 352 1.58 42.08 -6.07
N LYS A 353 1.23 42.88 -5.07
CA LYS A 353 0.51 42.39 -3.90
C LYS A 353 -0.85 41.80 -4.24
N ASP A 354 -1.45 42.18 -5.37
CA ASP A 354 -2.81 41.76 -5.69
C ASP A 354 -2.86 40.57 -6.65
N ALA A 355 -1.73 40.00 -7.03
CA ALA A 355 -1.74 38.81 -7.84
C ALA A 355 -2.45 37.69 -7.08
N LEU A 356 -3.33 36.99 -7.77
CA LEU A 356 -4.21 36.00 -7.16
C LEU A 356 -3.56 34.60 -7.12
N THR A 357 -3.91 33.84 -6.09
CA THR A 357 -3.36 32.50 -5.88
C THR A 357 -4.48 31.44 -5.92
N VAL A 358 -4.04 30.18 -5.96
CA VAL A 358 -5.00 29.07 -6.01
C VAL A 358 -5.91 29.06 -4.80
N SER A 359 -5.49 29.68 -3.69
CA SER A 359 -6.29 29.68 -2.48
C SER A 359 -7.54 30.54 -2.59
N GLY A 360 -7.67 31.30 -3.67
CA GLY A 360 -8.66 32.35 -3.75
C GLY A 360 -8.23 33.70 -3.22
N GLU A 361 -7.08 33.80 -2.55
CA GLU A 361 -6.62 35.06 -1.98
C GLU A 361 -5.43 35.63 -2.77
N THR A 362 -5.21 36.94 -2.62
CA THR A 362 -4.01 37.54 -3.16
C THR A 362 -2.79 37.02 -2.43
N VAL A 363 -1.63 37.14 -3.08
CA VAL A 363 -0.40 36.73 -2.43
C VAL A 363 -0.15 37.58 -1.19
N TRP A 364 -0.41 38.90 -1.29
CA TRP A 364 -0.10 39.74 -0.14
C TRP A 364 -0.88 39.26 1.08
N ASP A 365 -2.15 38.89 0.88
CA ASP A 365 -2.99 38.44 1.98
C ASP A 365 -2.50 37.12 2.59
N GLU A 366 -1.83 36.27 1.82
CA GLU A 366 -1.31 35.05 2.44
C GLU A 366 -0.03 35.28 3.23
N VAL A 367 0.72 36.35 2.95
CA VAL A 367 2.05 36.52 3.50
C VAL A 367 2.16 37.68 4.48
N LYS A 368 1.27 38.67 4.42
CA LYS A 368 1.50 39.95 5.09
C LYS A 368 1.66 39.85 6.62
N ASP A 369 1.29 38.74 7.25
CA ASP A 369 1.39 38.69 8.71
C ASP A 369 2.50 37.76 9.21
N VAL A 370 3.26 37.12 8.33
CA VAL A 370 4.22 36.10 8.75
C VAL A 370 5.41 36.71 9.49
N VAL A 371 6.27 35.87 10.04
CA VAL A 371 7.30 36.29 10.99
C VAL A 371 8.62 35.64 10.58
N ASN A 372 9.65 36.45 10.36
CA ASN A 372 10.97 35.88 10.12
C ASN A 372 11.51 35.41 11.46
N TRP A 373 11.84 34.12 11.57
CA TRP A 373 12.30 33.55 12.83
C TRP A 373 13.80 33.32 12.88
N ASN A 374 14.55 33.68 11.83
CA ASN A 374 16.01 33.59 11.92
C ASN A 374 16.63 34.52 10.86
N GLU A 375 17.07 35.70 11.30
CA GLU A 375 17.67 36.62 10.35
C GLU A 375 19.09 36.23 9.97
N ASP A 376 19.64 35.19 10.59
CA ASP A 376 20.87 34.61 10.07
C ASP A 376 20.63 33.80 8.82
N VAL A 377 19.37 33.49 8.52
CA VAL A 377 19.00 32.63 7.40
C VAL A 377 18.28 33.43 6.32
N ILE A 378 17.22 34.13 6.69
CA ILE A 378 16.62 35.17 5.86
C ILE A 378 17.20 36.49 6.34
N LEU A 379 18.19 37.02 5.58
CA LEU A 379 19.05 38.13 5.96
C LEU A 379 18.34 39.46 5.75
N PRO A 380 18.54 40.42 6.66
CA PRO A 380 18.07 41.77 6.42
C PRO A 380 18.83 42.41 5.27
N ALA A 381 18.18 43.35 4.59
CA ALA A 381 18.74 43.83 3.33
C ALA A 381 20.17 44.35 3.51
N GLU A 382 20.45 44.98 4.64
CA GLU A 382 21.78 45.52 4.86
C GLU A 382 22.85 44.45 4.93
N LYS A 383 22.49 43.19 5.18
CA LYS A 383 23.44 42.09 5.18
C LYS A 383 23.24 41.12 4.01
N ALA A 384 22.52 41.54 2.97
CA ALA A 384 22.26 40.68 1.83
C ALA A 384 23.55 40.14 1.22
N LEU A 385 23.49 38.91 0.72
CA LEU A 385 24.67 38.33 0.08
C LEU A 385 25.12 39.18 -1.12
N THR A 386 24.16 39.78 -1.83
CA THR A 386 24.43 40.68 -2.94
C THR A 386 23.38 41.77 -2.96
N SER A 387 23.73 42.90 -3.54
CA SER A 387 22.82 44.03 -3.66
C SER A 387 21.94 43.94 -4.89
N SER A 388 22.45 43.40 -5.99
CA SER A 388 21.70 43.15 -7.21
C SER A 388 21.73 41.63 -7.42
N GLY A 389 20.70 40.94 -6.94
CA GLY A 389 20.75 39.50 -6.83
C GLY A 389 20.30 38.74 -8.06
N GLY A 390 19.56 39.43 -8.93
CA GLY A 390 18.98 38.76 -10.08
C GLY A 390 20.04 38.21 -11.02
N ILE A 391 19.71 37.05 -11.61
CA ILE A 391 20.47 36.54 -12.74
C ILE A 391 20.59 37.65 -13.76
N VAL A 392 21.71 37.70 -14.47
CA VAL A 392 21.94 38.72 -15.48
C VAL A 392 21.94 38.08 -16.88
N VAL A 393 21.58 38.88 -17.87
CA VAL A 393 21.60 38.45 -19.27
C VAL A 393 22.68 39.26 -20.01
N LEU A 394 23.66 38.56 -20.57
CA LEU A 394 24.69 39.18 -21.38
C LEU A 394 24.36 39.06 -22.86
N ARG A 395 24.75 40.08 -23.63
CA ARG A 395 24.65 40.00 -25.09
C ARG A 395 25.93 40.53 -25.69
N GLY A 396 26.11 40.25 -26.96
CA GLY A 396 27.32 40.62 -27.69
C GLY A 396 27.58 39.67 -28.83
N ASN A 397 28.45 40.10 -29.74
CA ASN A 397 28.74 39.30 -30.91
C ASN A 397 28.85 37.82 -30.57
N LEU A 398 29.36 37.49 -29.36
CA LEU A 398 29.55 36.08 -28.99
C LEU A 398 28.27 35.38 -28.53
N ALA A 399 27.26 36.12 -28.08
CA ALA A 399 25.95 35.55 -27.74
C ALA A 399 24.86 36.51 -28.18
N PRO A 400 24.59 36.57 -29.49
CA PRO A 400 23.57 37.52 -30.00
C PRO A 400 22.21 37.36 -29.38
N LYS A 401 21.85 36.16 -28.93
CA LYS A 401 20.56 35.87 -28.33
C LYS A 401 20.62 35.72 -26.82
N GLY A 402 21.79 35.96 -26.21
CA GLY A 402 21.85 35.93 -24.77
C GLY A 402 22.65 34.81 -24.12
N ALA A 403 23.14 35.09 -22.92
CA ALA A 403 23.72 34.13 -21.99
C ALA A 403 23.40 34.65 -20.59
N VAL A 404 23.45 33.77 -19.60
CA VAL A 404 23.08 34.17 -18.25
C VAL A 404 24.23 33.83 -17.30
N LEU A 405 24.21 34.49 -16.13
CA LEU A 405 25.13 34.20 -15.02
C LEU A 405 24.46 34.53 -13.68
N LYS A 406 24.68 33.67 -12.68
CA LYS A 406 24.10 33.76 -11.34
C LYS A 406 25.04 34.56 -10.44
N PRO A 407 24.86 35.89 -10.30
CA PRO A 407 25.92 36.67 -9.64
C PRO A 407 26.07 36.32 -8.17
N SER A 408 24.97 36.01 -7.46
CA SER A 408 25.07 35.75 -6.03
C SER A 408 25.88 34.50 -5.71
N ALA A 409 26.34 33.75 -6.70
CA ALA A 409 27.28 32.67 -6.46
C ALA A 409 28.49 32.77 -7.37
N ALA A 410 28.85 34.00 -7.76
CA ALA A 410 30.01 34.27 -8.58
C ALA A 410 31.08 35.03 -7.76
N SER A 411 32.22 35.29 -8.40
CA SER A 411 33.31 36.04 -7.78
C SER A 411 33.25 37.48 -8.25
N PRO A 412 33.19 38.47 -7.36
CA PRO A 412 33.07 39.85 -7.86
C PRO A 412 34.22 40.27 -8.75
N HIS A 413 35.46 39.90 -8.43
CA HIS A 413 36.56 40.44 -9.23
C HIS A 413 36.62 39.88 -10.64
N LEU A 414 35.84 38.84 -10.96
CA LEU A 414 35.77 38.30 -12.32
C LEU A 414 34.56 38.80 -13.09
N LEU A 415 33.73 39.67 -12.50
CA LEU A 415 32.55 40.15 -13.22
C LEU A 415 32.89 41.18 -14.29
N VAL A 416 34.14 41.64 -14.32
CA VAL A 416 34.70 42.47 -15.38
C VAL A 416 36.09 41.90 -15.60
N HIS A 417 36.30 41.21 -16.71
CA HIS A 417 37.50 40.42 -16.92
C HIS A 417 37.70 40.25 -18.41
N LYS A 418 38.96 40.13 -18.81
CA LYS A 418 39.34 39.89 -20.19
C LYS A 418 40.53 38.95 -20.18
N GLY A 419 40.55 37.99 -21.11
CA GLY A 419 41.55 36.95 -21.01
C GLY A 419 41.60 36.06 -22.22
N ARG A 420 42.60 35.19 -22.23
CA ARG A 420 42.90 34.34 -23.36
C ARG A 420 41.95 33.16 -23.41
N ALA A 421 41.38 32.90 -24.59
CA ALA A 421 40.45 31.80 -24.77
C ALA A 421 41.18 30.46 -24.79
N VAL A 422 40.72 29.53 -23.95
CA VAL A 422 41.11 28.13 -23.98
C VAL A 422 39.85 27.34 -24.30
N VAL A 423 39.87 26.64 -25.43
CA VAL A 423 38.64 26.25 -26.13
C VAL A 423 38.53 24.73 -26.24
N PHE A 424 37.39 24.18 -25.81
CA PHE A 424 37.08 22.76 -25.87
C PHE A 424 35.91 22.52 -26.82
N GLU A 425 36.08 21.57 -27.74
CA GLU A 425 35.15 21.40 -28.85
C GLU A 425 33.85 20.73 -28.43
N ASP A 426 33.92 19.76 -27.52
CA ASP A 426 32.74 19.12 -26.96
C ASP A 426 33.10 18.58 -25.59
N ILE A 427 32.24 17.75 -25.04
CA ILE A 427 32.52 17.34 -23.66
C ILE A 427 33.64 16.31 -23.62
N ASP A 428 33.75 15.48 -24.65
CA ASP A 428 34.86 14.53 -24.67
C ASP A 428 36.20 15.25 -24.75
N ASP A 429 36.28 16.30 -25.58
CA ASP A 429 37.51 17.07 -25.70
C ASP A 429 37.88 17.71 -24.36
N TYR A 430 36.89 18.26 -23.65
CA TYR A 430 37.15 18.83 -22.32
C TYR A 430 37.70 17.77 -21.37
N LYS A 431 36.96 16.66 -21.21
CA LYS A 431 37.44 15.59 -20.34
C LYS A 431 38.82 15.12 -20.78
N ALA A 432 39.10 15.21 -22.07
CA ALA A 432 40.34 14.70 -22.61
C ALA A 432 41.52 15.60 -22.33
N LYS A 433 41.27 16.88 -22.06
CA LYS A 433 42.28 17.92 -21.99
C LYS A 433 42.50 18.47 -20.58
N ILE A 434 41.42 18.66 -19.81
CA ILE A 434 41.45 19.50 -18.61
C ILE A 434 42.56 19.06 -17.67
N ASN A 435 42.67 17.75 -17.42
CA ASN A 435 43.66 17.27 -16.47
C ASN A 435 45.05 17.10 -17.07
N ASP A 436 45.31 17.64 -18.26
CA ASP A 436 46.63 17.53 -18.85
C ASP A 436 47.49 18.72 -18.40
N ASP A 437 48.53 18.43 -17.61
CA ASP A 437 49.42 19.47 -17.12
C ASP A 437 50.16 20.18 -18.24
N ASN A 438 50.08 19.66 -19.47
CA ASN A 438 50.69 20.29 -20.64
C ASN A 438 49.77 21.32 -21.30
N LEU A 439 48.60 21.56 -20.72
CA LEU A 439 47.62 22.47 -21.26
C LEU A 439 48.00 23.91 -20.95
N ASP A 440 48.06 24.77 -21.96
CA ASP A 440 48.47 26.15 -21.75
C ASP A 440 47.29 26.91 -21.17
N ILE A 441 47.24 27.02 -19.84
CA ILE A 441 46.10 27.61 -19.14
C ILE A 441 46.60 28.17 -17.81
N ASP A 442 46.11 29.35 -17.46
CA ASP A 442 46.32 29.94 -16.15
C ASP A 442 45.01 30.54 -15.64
N GLU A 443 45.02 30.94 -14.36
CA GLU A 443 43.80 31.37 -13.68
C GLU A 443 43.12 32.56 -14.37
N ASN A 444 43.81 33.26 -15.27
CA ASN A 444 43.24 34.43 -15.92
C ASN A 444 42.62 34.11 -17.28
N CYS A 445 42.75 32.87 -17.74
CA CYS A 445 42.18 32.49 -19.02
C CYS A 445 40.67 32.38 -18.92
N ILE A 446 40.04 32.15 -20.09
CA ILE A 446 38.61 32.00 -20.22
C ILE A 446 38.34 30.64 -20.83
N MET A 447 37.70 29.76 -20.07
CA MET A 447 37.40 28.43 -20.55
C MET A 447 36.12 28.43 -21.39
N VAL A 448 36.21 27.89 -22.61
CA VAL A 448 35.13 27.94 -23.59
C VAL A 448 34.82 26.53 -24.05
N MET A 449 33.54 26.13 -23.99
CA MET A 449 33.07 24.84 -24.47
C MET A 449 31.89 25.02 -25.39
N LYS A 450 31.86 24.26 -26.49
CA LYS A 450 30.73 24.28 -27.40
C LYS A 450 30.09 22.90 -27.51
N ASN A 451 28.96 22.85 -28.22
CA ASN A 451 28.31 21.60 -28.60
C ASN A 451 27.77 20.86 -27.39
N CYS A 452 27.27 21.62 -26.41
CA CYS A 452 26.61 21.06 -25.24
C CYS A 452 25.22 21.65 -25.07
N GLY A 453 24.65 22.18 -26.15
CA GLY A 453 23.35 22.79 -26.10
C GLY A 453 22.20 21.81 -26.29
N PRO A 454 20.99 22.35 -26.42
CA PRO A 454 19.82 21.49 -26.65
C PRO A 454 19.98 20.47 -27.78
N LYS A 455 20.32 20.91 -28.99
CA LYS A 455 20.60 19.96 -30.07
C LYS A 455 22.01 19.39 -29.98
N GLY A 456 22.95 20.13 -29.40
CA GLY A 456 24.35 19.73 -29.52
C GLY A 456 24.71 18.53 -28.67
N TYR A 457 24.19 18.44 -27.46
CA TYR A 457 24.76 17.54 -26.44
C TYR A 457 24.44 16.06 -26.67
N PRO A 458 23.17 15.69 -26.88
CA PRO A 458 21.97 16.52 -26.92
C PRO A 458 21.29 16.69 -25.56
N GLY A 459 20.39 17.66 -25.45
CA GLY A 459 19.59 17.84 -24.27
C GLY A 459 20.06 18.96 -23.36
N MET A 460 21.19 19.58 -23.66
CA MET A 460 21.68 20.66 -22.82
C MET A 460 21.94 20.12 -21.42
N ALA A 461 23.05 19.41 -21.25
CA ALA A 461 23.42 18.86 -19.96
C ALA A 461 23.99 19.94 -19.02
N GLU A 462 23.99 19.62 -17.73
CA GLU A 462 24.52 20.52 -16.71
C GLU A 462 26.02 20.31 -16.62
N VAL A 463 26.74 20.85 -17.60
CA VAL A 463 28.18 20.64 -17.63
C VAL A 463 28.90 21.97 -17.83
N GLY A 464 28.14 23.07 -17.73
CA GLY A 464 28.73 24.38 -17.94
C GLY A 464 29.70 24.78 -16.84
N ASN A 465 29.51 24.27 -15.62
CA ASN A 465 30.42 24.59 -14.52
C ASN A 465 31.67 23.72 -14.60
N MET A 466 32.38 23.84 -15.72
CA MET A 466 33.58 23.03 -15.91
C MET A 466 34.47 23.08 -14.68
N GLY A 467 35.04 21.94 -14.32
CA GLY A 467 36.09 21.94 -13.33
C GLY A 467 37.33 22.67 -13.83
N LEU A 468 38.04 23.33 -12.90
CA LEU A 468 39.22 24.09 -13.29
C LEU A 468 40.39 23.15 -13.54
N PRO A 469 41.43 23.61 -14.24
CA PRO A 469 42.65 22.80 -14.38
C PRO A 469 43.28 22.54 -13.03
N PRO A 470 43.75 21.32 -12.79
CA PRO A 470 44.33 21.02 -11.46
C PRO A 470 45.43 22.00 -11.04
N LYS A 471 46.32 22.34 -11.96
CA LYS A 471 47.41 23.25 -11.60
C LYS A 471 46.89 24.61 -11.12
N VAL A 472 45.80 25.11 -11.69
CA VAL A 472 45.22 26.33 -11.13
C VAL A 472 44.66 26.05 -9.74
N LEU A 473 43.90 24.95 -9.61
CA LEU A 473 43.32 24.57 -8.32
C LEU A 473 44.39 24.47 -7.23
N LYS A 474 45.58 23.98 -7.59
CA LYS A 474 46.66 23.82 -6.61
C LYS A 474 47.31 25.13 -6.22
N LYS A 475 46.91 26.23 -6.84
CA LYS A 475 47.29 27.56 -6.41
C LYS A 475 46.33 28.11 -5.35
N GLY A 476 45.48 27.28 -4.78
CA GLY A 476 44.41 27.79 -3.95
C GLY A 476 43.27 28.44 -4.71
N ILE A 477 43.31 28.48 -6.04
CA ILE A 477 42.32 29.18 -6.85
C ILE A 477 41.21 28.22 -7.24
N LEU A 478 39.95 28.65 -7.06
CA LEU A 478 38.81 27.78 -7.33
C LEU A 478 37.75 28.38 -8.23
N ASP A 479 37.98 29.58 -8.79
CA ASP A 479 37.05 30.20 -9.72
C ASP A 479 37.80 30.72 -10.92
N MET A 480 37.33 30.37 -12.13
CA MET A 480 37.71 31.00 -13.40
C MET A 480 36.47 31.27 -14.24
N VAL A 481 36.61 32.21 -15.16
CA VAL A 481 35.50 32.53 -16.04
C VAL A 481 35.31 31.37 -17.01
N ARG A 482 34.07 30.93 -17.17
CA ARG A 482 33.71 29.77 -17.99
C ARG A 482 32.48 30.10 -18.82
N ILE A 483 32.57 29.84 -20.14
CA ILE A 483 31.51 30.12 -21.11
C ILE A 483 31.16 28.83 -21.83
N SER A 484 29.86 28.57 -22.03
CA SER A 484 29.41 27.42 -22.81
C SER A 484 27.96 27.64 -23.23
N ASP A 485 27.43 26.68 -24.02
CA ASP A 485 26.01 26.64 -24.36
C ASP A 485 25.21 25.71 -23.45
N ALA A 486 25.87 25.07 -22.47
CA ALA A 486 25.24 24.13 -21.56
C ALA A 486 24.43 24.86 -20.49
N ARG A 487 23.90 24.09 -19.54
CA ARG A 487 23.39 24.59 -18.28
C ARG A 487 24.38 24.26 -17.17
N MET A 488 23.99 24.54 -15.94
CA MET A 488 24.75 24.04 -14.80
C MET A 488 23.74 23.65 -13.74
N SER A 489 24.14 22.79 -12.80
CA SER A 489 23.18 22.46 -11.76
C SER A 489 22.76 23.72 -11.01
N GLY A 490 21.52 23.71 -10.51
CA GLY A 490 21.11 24.74 -9.58
C GLY A 490 21.99 24.82 -8.36
N THR A 491 22.72 23.75 -8.04
CA THR A 491 23.61 23.71 -6.89
C THR A 491 25.03 24.19 -7.19
N ALA A 492 25.36 24.43 -8.46
CA ALA A 492 26.70 24.85 -8.86
C ALA A 492 26.92 26.33 -8.54
N TYR A 493 28.20 26.71 -8.62
CA TYR A 493 28.65 28.06 -8.27
C TYR A 493 29.84 28.38 -9.16
N GLY A 494 30.29 29.61 -9.07
CA GLY A 494 31.37 30.11 -9.89
C GLY A 494 30.87 31.18 -10.85
N THR A 495 31.84 31.83 -11.48
CA THR A 495 31.57 32.85 -12.48
C THR A 495 31.44 32.11 -13.79
N VAL A 496 30.21 31.67 -14.08
CA VAL A 496 29.94 30.70 -15.12
C VAL A 496 28.90 31.29 -16.06
N VAL A 497 29.27 31.44 -17.32
CA VAL A 497 28.38 32.00 -18.33
C VAL A 497 27.67 30.86 -19.04
N LEU A 498 26.36 30.81 -18.91
CA LEU A 498 25.56 29.66 -19.34
C LEU A 498 24.54 30.07 -20.38
N HIS A 499 23.93 29.03 -21.00
CA HIS A 499 22.80 29.13 -21.92
C HIS A 499 23.13 29.90 -23.20
N THR A 500 24.40 30.00 -23.57
CA THR A 500 24.85 30.86 -24.66
C THR A 500 24.14 30.54 -25.97
N SER A 501 23.41 31.53 -26.52
CA SER A 501 22.51 31.34 -27.65
C SER A 501 22.80 32.30 -28.80
N PRO A 502 22.80 31.82 -30.06
CA PRO A 502 22.54 30.44 -30.49
C PRO A 502 23.69 29.51 -30.12
N GLU A 503 23.38 28.25 -29.82
CA GLU A 503 24.40 27.27 -29.46
C GLU A 503 25.27 26.92 -30.67
N ALA A 504 26.44 26.34 -30.40
CA ALA A 504 27.37 26.04 -31.48
C ALA A 504 26.78 25.06 -32.48
N ALA A 505 25.99 24.09 -31.99
CA ALA A 505 25.45 23.04 -32.84
C ALA A 505 24.57 23.57 -33.96
N VAL A 506 24.04 24.79 -33.84
CA VAL A 506 23.21 25.40 -34.87
C VAL A 506 23.93 26.54 -35.57
N GLY A 507 25.23 26.67 -35.40
CA GLY A 507 25.98 27.73 -36.05
C GLY A 507 26.02 29.05 -35.32
N GLY A 508 25.73 29.07 -34.03
CA GLY A 508 25.92 30.28 -33.27
C GLY A 508 27.38 30.72 -33.28
N PRO A 509 27.61 32.03 -33.08
CA PRO A 509 28.99 32.57 -32.93
C PRO A 509 29.91 31.73 -32.05
N LEU A 510 29.37 31.22 -30.94
CA LEU A 510 30.17 30.41 -30.04
C LEU A 510 30.92 29.31 -30.78
N ALA A 511 30.41 28.87 -31.93
CA ALA A 511 31.00 27.71 -32.60
C ALA A 511 32.37 28.00 -33.21
N VAL A 512 32.68 29.26 -33.53
CA VAL A 512 33.90 29.62 -34.24
C VAL A 512 34.93 30.30 -33.32
N VAL A 513 34.71 30.29 -32.00
CA VAL A 513 35.76 30.77 -31.09
C VAL A 513 37.00 29.89 -31.28
N LYS A 514 38.17 30.50 -31.22
CA LYS A 514 39.44 29.84 -31.48
C LYS A 514 40.39 30.05 -30.33
N ASN A 515 41.19 29.04 -30.01
CA ASN A 515 42.18 29.17 -28.95
C ASN A 515 43.06 30.38 -29.21
N GLY A 516 43.16 31.26 -28.22
CA GLY A 516 43.92 32.46 -28.32
C GLY A 516 43.07 33.71 -28.53
N ASP A 517 41.91 33.58 -29.16
CA ASP A 517 40.97 34.70 -29.19
C ASP A 517 40.86 35.29 -27.79
N MET A 518 40.79 36.61 -27.73
CA MET A 518 40.49 37.29 -26.47
C MET A 518 38.98 37.49 -26.34
N ILE A 519 38.50 37.43 -25.12
CA ILE A 519 37.09 37.62 -24.84
C ILE A 519 36.97 38.57 -23.66
N GLU A 520 35.91 39.37 -23.66
CA GLU A 520 35.66 40.33 -22.61
C GLU A 520 34.30 40.06 -21.97
N LEU A 521 34.30 39.95 -20.65
CA LEU A 521 33.07 39.81 -19.87
C LEU A 521 32.88 41.10 -19.10
N ASP A 522 31.72 41.71 -19.24
CA ASP A 522 31.38 42.92 -18.48
C ASP A 522 29.95 42.76 -18.01
N VAL A 523 29.78 42.53 -16.70
CA VAL A 523 28.47 42.20 -16.15
C VAL A 523 27.69 43.48 -15.89
N PRO A 524 28.26 44.52 -15.27
CA PRO A 524 27.53 45.79 -15.14
C PRO A 524 26.99 46.32 -16.46
N ASN A 525 27.75 46.24 -17.54
CA ASN A 525 27.24 46.65 -18.83
C ASN A 525 26.58 45.52 -19.60
N ARG A 526 26.41 44.35 -18.98
CA ARG A 526 25.77 43.20 -19.59
C ARG A 526 26.37 42.88 -20.96
N ARG A 527 27.69 42.85 -21.02
CA ARG A 527 28.38 42.68 -22.29
C ARG A 527 29.17 41.38 -22.28
N LEU A 528 29.09 40.66 -23.39
CA LEU A 528 29.89 39.46 -23.62
C LEU A 528 30.39 39.57 -25.06
N HIS A 529 31.64 39.95 -25.20
CA HIS A 529 32.18 40.36 -26.49
C HIS A 529 33.38 39.49 -26.87
N LEU A 530 33.33 38.89 -28.06
CA LEU A 530 34.48 38.23 -28.65
C LEU A 530 35.29 39.26 -29.43
N ASP A 531 36.57 39.43 -29.06
CA ASP A 531 37.39 40.53 -29.59
C ASP A 531 38.04 40.10 -30.89
N ILE A 532 37.24 40.07 -31.95
CA ILE A 532 37.72 39.88 -33.32
C ILE A 532 36.89 40.73 -34.25
N SER A 533 37.47 41.07 -35.41
CA SER A 533 36.82 41.96 -36.35
C SER A 533 35.51 41.35 -36.83
N ASP A 534 34.54 42.22 -37.16
CA ASP A 534 33.28 41.74 -37.70
C ASP A 534 33.46 41.03 -39.02
N GLU A 535 34.52 41.36 -39.77
CA GLU A 535 34.79 40.64 -41.01
C GLU A 535 35.38 39.27 -40.72
N GLU A 536 36.19 39.16 -39.68
CA GLU A 536 36.82 37.88 -39.36
C GLU A 536 35.81 36.90 -38.79
N LEU A 537 34.97 37.36 -37.87
CA LEU A 537 33.89 36.51 -37.40
C LEU A 537 32.99 36.10 -38.57
N ALA A 538 32.68 37.05 -39.44
CA ALA A 538 31.77 36.76 -40.55
C ALA A 538 32.30 35.62 -41.41
N ARG A 539 33.61 35.60 -41.69
CA ARG A 539 34.13 34.57 -42.56
C ARG A 539 34.30 33.25 -41.83
N ARG A 540 34.71 33.28 -40.56
CA ARG A 540 34.75 32.04 -39.78
C ARG A 540 33.42 31.28 -39.84
N LEU A 541 32.31 32.00 -39.68
CA LEU A 541 30.99 31.40 -39.80
C LEU A 541 30.77 30.81 -41.19
N ALA A 542 31.21 31.52 -42.23
CA ALA A 542 31.06 31.03 -43.60
C ALA A 542 31.46 29.56 -43.73
N GLU A 543 32.55 29.12 -43.08
CA GLU A 543 32.96 27.72 -43.18
C GLU A 543 32.31 26.82 -42.14
N TRP A 544 31.30 27.29 -41.42
CA TRP A 544 30.72 26.44 -40.41
C TRP A 544 29.92 25.33 -41.05
N GLN A 545 30.10 24.10 -40.55
CA GLN A 545 29.37 22.94 -41.02
C GLN A 545 28.68 22.27 -39.84
N PRO A 546 27.52 21.66 -40.07
CA PRO A 546 26.78 21.02 -38.97
C PRO A 546 27.46 19.76 -38.46
N ASN A 547 26.96 19.29 -37.33
CA ASN A 547 27.47 18.08 -36.72
C ASN A 547 27.18 16.86 -37.60
N HIS A 548 27.97 15.82 -37.38
CA HIS A 548 27.83 14.55 -38.09
C HIS A 548 27.16 13.53 -37.19
N ASP A 549 26.63 12.48 -37.82
CA ASP A 549 25.90 11.42 -37.11
C ASP A 549 24.65 11.98 -36.45
N LEU A 550 23.86 12.71 -37.23
CA LEU A 550 22.58 13.18 -36.73
C LEU A 550 21.65 11.98 -36.55
N PRO A 551 20.83 11.97 -35.49
CA PRO A 551 19.94 10.83 -35.24
C PRO A 551 18.90 10.67 -36.33
N THR A 552 18.88 9.51 -36.96
CA THR A 552 17.96 9.31 -38.08
C THR A 552 16.58 8.82 -37.64
N SER A 553 16.39 8.43 -36.39
CA SER A 553 15.08 7.97 -35.95
C SER A 553 14.97 8.11 -34.43
N GLY A 554 13.79 7.77 -33.91
CA GLY A 554 13.57 7.77 -32.49
C GLY A 554 13.22 9.15 -31.94
N TYR A 555 12.84 9.18 -30.67
CA TYR A 555 12.60 10.44 -29.99
C TYR A 555 13.78 11.38 -30.19
N ALA A 556 14.99 10.82 -30.19
CA ALA A 556 16.17 11.63 -30.43
C ALA A 556 16.03 12.40 -31.73
N PHE A 557 15.44 11.75 -32.73
CA PHE A 557 15.17 12.43 -33.99
C PHE A 557 14.17 13.57 -33.77
N LEU A 558 13.05 13.26 -33.11
CA LEU A 558 12.05 14.28 -32.88
C LEU A 558 12.66 15.49 -32.20
N HIS A 559 13.49 15.25 -31.18
CA HIS A 559 14.07 16.34 -30.41
C HIS A 559 14.99 17.18 -31.29
N GLN A 560 15.82 16.52 -32.11
CA GLN A 560 16.73 17.25 -33.00
C GLN A 560 15.97 18.14 -34.00
N GLN A 561 14.77 17.74 -34.43
CA GLN A 561 14.07 18.50 -35.45
C GLN A 561 13.26 19.66 -34.88
N HIS A 562 12.90 19.62 -33.59
CA HIS A 562 11.91 20.57 -33.10
C HIS A 562 12.31 21.41 -31.89
N VAL A 563 13.35 21.02 -31.14
CA VAL A 563 13.69 21.78 -29.94
C VAL A 563 14.16 23.19 -30.32
N GLU A 564 13.76 24.16 -29.51
CA GLU A 564 14.11 25.56 -29.64
C GLU A 564 15.31 25.89 -28.77
N GLY A 565 15.88 27.08 -28.98
CA GLY A 565 17.01 27.49 -28.20
C GLY A 565 16.64 27.79 -26.75
N ALA A 566 17.64 27.71 -25.87
CA ALA A 566 17.39 27.95 -24.45
C ALA A 566 16.97 29.39 -24.18
N ASP A 567 17.20 30.30 -25.11
CA ASP A 567 16.80 31.69 -24.95
C ASP A 567 15.28 31.85 -24.84
N THR A 568 14.50 30.84 -25.24
CA THR A 568 13.03 30.90 -25.22
C THR A 568 12.39 29.85 -24.32
N GLY A 569 13.19 29.02 -23.66
CA GLY A 569 12.70 27.92 -22.85
C GLY A 569 13.00 26.56 -23.41
N ALA A 570 13.54 26.48 -24.63
CA ALA A 570 13.88 25.21 -25.26
C ALA A 570 12.70 24.23 -25.22
N ASP A 571 11.50 24.76 -25.44
CA ASP A 571 10.37 23.89 -25.73
C ASP A 571 10.50 23.32 -27.16
N LEU A 572 9.56 22.46 -27.54
CA LEU A 572 9.45 22.01 -28.93
C LEU A 572 8.51 22.96 -29.67
N ASP A 573 8.94 23.40 -30.86
CA ASP A 573 8.19 24.42 -31.58
C ASP A 573 6.71 24.07 -31.72
N PHE A 574 6.38 22.80 -31.99
CA PHE A 574 4.97 22.46 -32.16
C PHE A 574 4.21 22.25 -30.84
N LEU A 575 4.85 22.42 -29.69
CA LEU A 575 4.13 22.29 -28.43
C LEU A 575 3.87 23.63 -27.77
N LYS A 576 4.33 24.73 -28.35
CA LYS A 576 4.08 26.02 -27.74
C LYS A 576 2.59 26.30 -27.74
N GLY A 577 2.13 27.07 -26.75
CA GLY A 577 0.73 27.48 -26.68
C GLY A 577 -0.16 26.54 -25.88
N CYS A 578 -1.42 26.96 -25.78
CA CYS A 578 -2.42 26.30 -24.95
C CYS A 578 -3.56 25.79 -25.85
N ARG A 579 -3.71 24.48 -25.92
CA ARG A 579 -4.68 23.85 -26.81
C ARG A 579 -6.03 23.60 -26.13
N GLY A 580 -6.20 24.03 -24.90
CA GLY A 580 -7.49 23.95 -24.28
C GLY A 580 -7.81 22.54 -23.80
N ASN A 581 -9.09 22.35 -23.47
CA ASN A 581 -9.54 21.11 -22.86
C ASN A 581 -10.89 20.65 -23.39
N ALA A 582 -11.17 20.91 -24.67
CA ALA A 582 -12.41 20.40 -25.28
C ALA A 582 -12.41 18.87 -25.33
N VAL A 583 -13.46 18.26 -24.79
CA VAL A 583 -13.63 16.82 -24.92
C VAL A 583 -13.62 16.42 -26.40
N GLY A 584 -12.94 15.31 -26.70
CA GLY A 584 -12.88 14.82 -28.06
C GLY A 584 -14.19 14.13 -28.49
N LYS A 585 -14.18 13.62 -29.72
CA LYS A 585 -15.18 12.67 -30.15
C LYS A 585 -15.08 11.44 -29.27
N ASP A 586 -16.11 10.62 -29.29
CA ASP A 586 -16.05 9.44 -28.44
C ASP A 586 -15.55 8.26 -29.26
N SER A 587 -15.21 7.18 -28.56
CA SER A 587 -14.55 6.05 -29.18
C SER A 587 -15.52 4.97 -29.64
N LEU A 588 -16.83 5.18 -29.47
CA LEU A 588 -17.88 4.30 -30.01
C LEU A 588 -19.15 5.08 -30.43
N ALA B 14 25.90 -16.65 -22.77
CA ALA B 14 26.20 -15.35 -22.13
C ALA B 14 27.04 -15.54 -20.90
N GLU B 15 28.14 -14.80 -20.80
CA GLU B 15 29.01 -14.90 -19.65
C GLU B 15 28.37 -14.31 -18.40
N TRP B 16 28.49 -15.03 -17.28
CA TRP B 16 28.08 -14.51 -15.99
C TRP B 16 29.11 -14.95 -14.94
N PRO B 17 29.56 -14.04 -14.06
CA PRO B 17 29.19 -12.61 -14.07
C PRO B 17 29.89 -11.77 -15.15
N ARG B 18 29.27 -10.63 -15.44
CA ARG B 18 29.75 -9.64 -16.40
C ARG B 18 29.16 -8.29 -16.01
N LYS B 19 29.66 -7.23 -16.63
CA LYS B 19 29.16 -5.88 -16.33
C LYS B 19 27.87 -5.62 -17.09
N LEU B 20 26.75 -5.52 -16.38
CA LEU B 20 25.53 -5.10 -17.04
C LEU B 20 25.48 -3.58 -17.16
N ARG B 21 24.51 -3.09 -17.94
CA ARG B 21 24.52 -1.66 -18.23
C ARG B 21 24.18 -0.82 -17.01
N SER B 22 23.53 -1.41 -16.00
CA SER B 22 23.23 -0.62 -14.80
C SER B 22 24.50 -0.17 -14.09
N GLN B 23 25.56 -0.97 -14.16
CA GLN B 23 26.83 -0.60 -13.56
C GLN B 23 27.37 0.70 -14.14
N GLU B 24 26.95 1.08 -15.34
CA GLU B 24 27.35 2.37 -15.86
C GLU B 24 26.86 3.52 -14.99
N TRP B 25 25.80 3.31 -14.24
CA TRP B 25 25.31 4.29 -13.28
C TRP B 25 25.80 4.01 -11.85
N TYR B 26 26.00 2.74 -11.50
CA TYR B 26 26.05 2.32 -10.12
C TYR B 26 27.31 1.59 -9.71
N GLY B 27 28.21 1.26 -10.63
CA GLY B 27 29.44 0.54 -10.28
C GLY B 27 30.63 1.47 -10.08
N GLY B 28 31.50 1.10 -9.13
CA GLY B 28 32.79 1.77 -8.96
C GLY B 28 32.80 2.99 -8.05
N THR B 29 33.68 3.96 -8.30
CA THR B 29 34.04 4.95 -7.30
C THR B 29 34.02 6.42 -7.73
N SER B 30 33.80 6.71 -9.01
CA SER B 30 33.81 8.10 -9.46
C SER B 30 32.72 8.90 -8.74
N ARG B 31 32.87 10.22 -8.78
CA ARG B 31 31.83 11.09 -8.26
C ARG B 31 30.53 10.91 -9.03
N ASP B 32 30.61 10.67 -10.34
CA ASP B 32 29.39 10.44 -11.11
C ASP B 32 28.58 9.30 -10.51
N VAL B 33 29.24 8.18 -10.20
CA VAL B 33 28.56 7.04 -9.58
C VAL B 33 28.15 7.36 -8.14
N ILE B 34 28.98 8.12 -7.41
CA ILE B 34 28.63 8.50 -6.04
C ILE B 34 27.33 9.27 -6.04
N TYR B 35 27.10 10.08 -7.07
CA TYR B 35 25.87 10.82 -7.22
C TYR B 35 24.70 9.87 -7.47
N HIS B 36 24.78 9.07 -8.54
CA HIS B 36 23.71 8.15 -8.91
C HIS B 36 23.37 7.21 -7.76
N ARG B 37 24.38 6.49 -7.26
CA ARG B 37 24.14 5.47 -6.24
C ARG B 37 23.75 6.11 -4.90
N GLY B 38 24.36 7.24 -4.58
CA GLY B 38 24.08 7.86 -3.30
C GLY B 38 22.68 8.42 -3.24
N TRP B 39 22.13 8.81 -4.38
CA TRP B 39 20.82 9.44 -4.34
C TRP B 39 19.71 8.39 -4.23
N LEU B 40 19.83 7.28 -4.97
CA LEU B 40 18.83 6.22 -4.88
C LEU B 40 18.77 5.64 -3.47
N LYS B 41 19.90 5.68 -2.76
CA LYS B 41 19.96 5.20 -1.38
C LYS B 41 19.12 6.03 -0.41
N ASN B 42 18.60 7.19 -0.82
CA ASN B 42 17.73 7.90 0.12
C ASN B 42 16.42 7.15 0.39
N GLN B 43 16.17 6.02 -0.30
CA GLN B 43 14.99 5.22 -0.06
C GLN B 43 15.30 3.99 0.77
N GLY B 44 16.54 3.87 1.25
CA GLY B 44 16.94 2.78 2.13
C GLY B 44 17.25 1.47 1.43
N TYR B 45 18.39 1.39 0.75
CA TYR B 45 18.80 0.19 0.03
C TYR B 45 20.18 -0.25 0.49
N PRO B 46 20.38 -1.52 0.84
CA PRO B 46 21.73 -1.94 1.21
C PRO B 46 22.71 -1.63 0.10
N HIS B 47 23.96 -1.29 0.47
CA HIS B 47 24.95 -0.97 -0.56
C HIS B 47 25.09 -2.11 -1.57
N ASP B 48 25.17 -3.35 -1.09
CA ASP B 48 25.41 -4.48 -1.99
C ASP B 48 24.36 -4.64 -3.09
N LEU B 49 23.22 -3.93 -3.03
CA LEU B 49 22.28 -4.05 -4.13
C LEU B 49 22.80 -3.42 -5.41
N PHE B 50 23.89 -2.65 -5.32
CA PHE B 50 24.51 -1.99 -6.46
C PHE B 50 25.77 -2.72 -6.90
N ASP B 51 25.93 -3.96 -6.48
CA ASP B 51 27.09 -4.75 -6.83
C ASP B 51 27.09 -5.27 -8.26
N GLY B 52 26.12 -4.89 -9.10
CA GLY B 52 26.03 -5.44 -10.45
C GLY B 52 25.02 -6.57 -10.63
N ARG B 53 24.41 -7.09 -9.56
CA ARG B 53 23.28 -7.98 -9.76
C ARG B 53 22.25 -7.33 -10.68
N PRO B 54 21.40 -8.10 -11.37
CA PRO B 54 20.47 -7.50 -12.35
C PRO B 54 19.50 -6.51 -11.72
N VAL B 55 19.46 -5.30 -12.26
CA VAL B 55 18.45 -4.33 -11.90
C VAL B 55 17.25 -4.52 -12.83
N ILE B 56 16.08 -4.81 -12.25
CA ILE B 56 14.88 -5.13 -13.03
C ILE B 56 13.89 -3.98 -12.94
N GLY B 57 13.60 -3.37 -14.10
CA GLY B 57 12.55 -2.38 -14.20
C GLY B 57 11.20 -3.03 -14.37
N ILE B 58 10.25 -2.75 -13.48
CA ILE B 58 8.90 -3.31 -13.54
C ILE B 58 8.00 -2.22 -14.09
N LEU B 59 7.71 -2.28 -15.41
CA LEU B 59 6.94 -1.22 -16.05
C LEU B 59 5.46 -1.48 -15.79
N ASN B 60 4.82 -0.59 -15.06
CA ASN B 60 3.45 -0.77 -14.58
C ASN B 60 2.51 0.19 -15.30
N THR B 61 1.42 -0.35 -15.85
CA THR B 61 0.43 0.48 -16.50
C THR B 61 -0.79 0.71 -15.63
N TRP B 62 -0.64 0.53 -14.33
CA TRP B 62 -1.73 0.72 -13.40
C TRP B 62 -2.17 2.18 -13.39
N SER B 63 -3.46 2.39 -13.17
CA SER B 63 -3.98 3.74 -12.99
C SER B 63 -5.43 3.67 -12.57
N ASP B 64 -5.80 4.49 -11.59
CA ASP B 64 -7.21 4.62 -11.27
C ASP B 64 -8.05 4.95 -12.51
N MET B 65 -7.43 5.44 -13.59
CA MET B 65 -8.18 5.66 -14.82
C MET B 65 -7.91 4.58 -15.88
N THR B 66 -7.25 3.49 -15.51
CA THR B 66 -7.20 2.28 -16.34
C THR B 66 -7.82 1.17 -15.49
N PRO B 67 -9.15 1.20 -15.32
CA PRO B 67 -9.78 0.28 -14.36
C PRO B 67 -9.64 -1.18 -14.72
N CYS B 68 -9.36 -1.49 -16.00
CA CYS B 68 -9.13 -2.87 -16.40
C CYS B 68 -7.86 -3.43 -15.82
N ASN B 69 -6.95 -2.56 -15.34
CA ASN B 69 -5.67 -2.93 -14.75
C ASN B 69 -5.62 -2.58 -13.27
N GLY B 70 -6.77 -2.65 -12.59
CA GLY B 70 -6.92 -2.05 -11.27
C GLY B 70 -6.04 -2.68 -10.21
N HIS B 71 -5.70 -3.96 -10.37
CA HIS B 71 -4.96 -4.75 -9.39
C HIS B 71 -3.47 -4.85 -9.67
N LEU B 72 -2.96 -4.17 -10.70
CA LEU B 72 -1.57 -4.40 -11.07
C LEU B 72 -0.57 -3.94 -10.01
N ARG B 73 -0.98 -3.10 -9.04
CA ARG B 73 -0.07 -2.81 -7.94
C ARG B 73 0.15 -4.05 -7.06
N GLU B 74 -0.90 -4.83 -6.83
CA GLU B 74 -0.69 -6.10 -6.14
C GLU B 74 0.20 -7.02 -6.96
N LEU B 75 0.00 -7.05 -8.29
CA LEU B 75 0.85 -7.88 -9.13
C LEU B 75 2.30 -7.41 -9.11
N ALA B 76 2.52 -6.08 -9.18
CA ALA B 76 3.87 -5.55 -9.09
C ALA B 76 4.60 -6.04 -7.83
N GLU B 77 3.92 -6.02 -6.67
CA GLU B 77 4.51 -6.53 -5.44
C GLU B 77 4.84 -8.03 -5.56
N LYS B 78 3.97 -8.80 -6.22
CA LYS B 78 4.28 -10.21 -6.42
C LYS B 78 5.49 -10.40 -7.34
N VAL B 79 5.65 -9.53 -8.34
CA VAL B 79 6.84 -9.61 -9.19
C VAL B 79 8.08 -9.24 -8.41
N LYS B 80 8.06 -8.10 -7.72
CA LYS B 80 9.19 -7.69 -6.88
C LYS B 80 9.67 -8.84 -5.98
N ALA B 81 8.74 -9.49 -5.27
CA ALA B 81 9.12 -10.56 -4.37
C ALA B 81 9.92 -11.64 -5.11
N GLY B 82 9.50 -11.97 -6.33
CA GLY B 82 10.22 -12.95 -7.12
C GLY B 82 11.61 -12.48 -7.49
N VAL B 83 11.73 -11.18 -7.87
CA VAL B 83 13.03 -10.62 -8.22
C VAL B 83 13.97 -10.61 -7.01
N TRP B 84 13.45 -10.25 -5.82
CA TRP B 84 14.25 -10.36 -4.60
C TRP B 84 14.74 -11.80 -4.42
N GLU B 85 13.82 -12.77 -4.52
CA GLU B 85 14.20 -14.17 -4.33
C GLU B 85 15.34 -14.57 -5.26
N ALA B 86 15.24 -14.20 -6.54
CA ALA B 86 16.23 -14.56 -7.55
C ALA B 86 17.53 -13.76 -7.47
N GLY B 87 17.61 -12.77 -6.59
CA GLY B 87 18.84 -12.04 -6.38
C GLY B 87 18.98 -10.75 -7.17
N GLY B 88 17.91 -10.26 -7.79
CA GLY B 88 17.96 -8.99 -8.49
C GLY B 88 17.53 -7.81 -7.64
N PHE B 89 17.47 -6.64 -8.27
CA PHE B 89 17.12 -5.39 -7.61
C PHE B 89 15.88 -4.85 -8.30
N PRO B 90 14.68 -5.11 -7.78
CA PRO B 90 13.45 -4.68 -8.47
C PRO B 90 13.16 -3.21 -8.21
N LEU B 91 12.82 -2.48 -9.27
CA LEU B 91 12.39 -1.08 -9.14
C LEU B 91 11.18 -0.85 -10.05
N GLU B 92 10.06 -0.44 -9.46
CA GLU B 92 8.83 -0.21 -10.21
C GLU B 92 8.87 1.18 -10.85
N VAL B 93 8.47 1.24 -12.12
CA VAL B 93 8.46 2.42 -12.98
C VAL B 93 7.10 2.55 -13.65
N PRO B 94 6.18 3.39 -13.17
CA PRO B 94 4.93 3.60 -13.92
C PRO B 94 5.23 4.16 -15.29
N VAL B 95 4.40 3.79 -16.26
CA VAL B 95 4.49 4.25 -17.65
C VAL B 95 3.10 4.51 -18.20
N PHE B 96 3.04 5.37 -19.22
CA PHE B 96 1.79 5.71 -19.89
C PHE B 96 0.84 4.53 -20.00
N SER B 97 -0.45 4.79 -19.75
CA SER B 97 -1.48 3.77 -19.65
C SER B 97 -2.67 4.17 -20.53
N ALA B 98 -2.72 3.66 -21.76
CA ALA B 98 -3.70 4.14 -22.73
C ALA B 98 -5.00 3.38 -22.55
N SER B 99 -5.75 3.77 -21.52
CA SER B 99 -6.95 3.04 -21.11
C SER B 99 -8.06 3.16 -22.17
N GLU B 100 -8.54 2.00 -22.67
CA GLU B 100 -9.55 2.02 -23.73
C GLU B 100 -10.83 2.70 -23.27
N ASN B 101 -11.27 2.42 -22.05
CA ASN B 101 -12.56 2.93 -21.64
C ASN B 101 -12.54 4.38 -21.16
N THR B 102 -11.37 5.06 -21.15
CA THR B 102 -11.31 6.47 -20.79
C THR B 102 -10.87 7.39 -21.92
N PHE B 103 -9.87 7.01 -22.72
CA PHE B 103 -9.24 7.96 -23.62
C PHE B 103 -10.16 8.36 -24.78
N ARG B 104 -10.07 9.62 -25.18
CA ARG B 104 -10.89 10.16 -26.23
C ARG B 104 -10.05 11.17 -26.99
N PRO B 105 -10.09 11.16 -28.33
CA PRO B 105 -11.04 10.48 -29.23
C PRO B 105 -11.02 8.95 -29.20
N THR B 106 -9.85 8.33 -29.02
CA THR B 106 -9.73 6.89 -29.03
C THR B 106 -8.35 6.46 -28.56
N ALA B 107 -8.27 5.48 -27.65
CA ALA B 107 -6.98 5.13 -27.07
C ALA B 107 -5.96 4.73 -28.14
N MET B 108 -6.43 4.26 -29.30
CA MET B 108 -5.51 3.94 -30.38
C MET B 108 -4.66 5.15 -30.77
N MET B 109 -5.21 6.37 -30.66
CA MET B 109 -4.42 7.55 -30.99
C MET B 109 -3.17 7.63 -30.14
N TYR B 110 -3.22 7.11 -28.91
CA TYR B 110 -2.13 7.28 -27.95
C TYR B 110 -1.29 6.04 -27.79
N ARG B 111 -1.56 4.97 -28.55
CA ARG B 111 -0.73 3.77 -28.46
C ARG B 111 0.73 4.07 -28.78
N ASN B 112 0.99 5.02 -29.66
CA ASN B 112 2.36 5.33 -30.10
C ASN B 112 3.05 6.29 -29.15
N LEU B 113 2.29 7.29 -28.68
CA LEU B 113 2.72 8.08 -27.53
C LEU B 113 3.25 7.19 -26.42
N ALA B 114 2.47 6.19 -26.02
CA ALA B 114 2.88 5.34 -24.90
C ALA B 114 4.13 4.51 -25.24
N ALA B 115 4.22 4.00 -26.49
CA ALA B 115 5.41 3.27 -26.92
C ALA B 115 6.64 4.19 -26.94
N LEU B 116 6.46 5.43 -27.39
CA LEU B 116 7.54 6.41 -27.31
C LEU B 116 8.05 6.54 -25.87
N ALA B 117 7.14 6.82 -24.93
CA ALA B 117 7.56 6.97 -23.54
C ALA B 117 8.23 5.70 -23.00
N VAL B 118 7.64 4.54 -23.29
CA VAL B 118 8.20 3.28 -22.77
C VAL B 118 9.61 3.07 -23.25
N GLU B 119 9.89 3.41 -24.51
CA GLU B 119 11.22 3.20 -25.06
C GLU B 119 12.26 4.06 -24.34
N GLU B 120 11.98 5.35 -24.18
CA GLU B 120 12.97 6.24 -23.60
C GLU B 120 13.18 5.91 -22.13
N ALA B 121 12.09 5.61 -21.40
CA ALA B 121 12.20 5.25 -19.99
C ALA B 121 13.05 4.01 -19.79
N ILE B 122 13.08 3.10 -20.76
CA ILE B 122 13.96 1.94 -20.67
C ILE B 122 15.41 2.34 -20.93
N ARG B 123 15.69 2.90 -22.11
CA ARG B 123 17.08 3.17 -22.49
C ARG B 123 17.68 4.29 -21.67
N GLY B 124 16.88 5.26 -21.26
CA GLY B 124 17.36 6.37 -20.47
C GLY B 124 17.64 6.08 -19.00
N GLN B 125 17.21 4.95 -18.45
CA GLN B 125 17.41 4.70 -17.03
C GLN B 125 18.20 3.41 -16.80
N PRO B 126 18.75 3.22 -15.60
CA PRO B 126 19.66 2.07 -15.36
C PRO B 126 18.92 0.75 -15.12
N MET B 127 18.18 0.29 -16.10
CA MET B 127 17.51 -0.99 -15.96
C MET B 127 18.16 -2.01 -16.89
N ASP B 128 18.42 -3.22 -16.35
CA ASP B 128 19.06 -4.27 -17.14
C ASP B 128 18.07 -5.22 -17.81
N GLY B 129 16.82 -5.26 -17.32
CA GLY B 129 15.78 -6.11 -17.84
C GLY B 129 14.45 -5.52 -17.43
N CYS B 130 13.37 -6.04 -18.02
CA CYS B 130 12.04 -5.44 -17.90
C CYS B 130 10.97 -6.49 -17.72
N VAL B 131 10.00 -6.17 -16.85
CA VAL B 131 8.72 -6.87 -16.75
C VAL B 131 7.66 -5.89 -17.24
N LEU B 132 6.78 -6.37 -18.11
CA LEU B 132 5.74 -5.51 -18.66
C LEU B 132 4.39 -5.90 -18.05
N LEU B 133 3.78 -4.98 -17.30
CA LEU B 133 2.54 -5.24 -16.59
C LEU B 133 1.43 -4.58 -17.39
N VAL B 134 0.60 -5.40 -18.06
CA VAL B 134 -0.34 -4.93 -19.06
C VAL B 134 -1.73 -5.53 -18.79
N GLY B 135 -2.71 -5.02 -19.54
CA GLY B 135 -4.07 -5.54 -19.46
C GLY B 135 -4.96 -5.01 -20.56
N CYS B 136 -5.57 -3.85 -20.32
CA CYS B 136 -6.42 -3.16 -21.29
C CYS B 136 -5.81 -3.15 -22.70
N ASP B 137 -6.70 -3.33 -23.69
CA ASP B 137 -6.40 -3.46 -25.13
C ASP B 137 -5.00 -2.95 -25.58
N THR B 139 -2.53 -1.39 -23.88
CA THR B 139 -1.30 -1.47 -23.08
C THR B 139 -0.37 -2.59 -23.58
N THR B 140 -0.90 -3.80 -23.81
CA THR B 140 -0.04 -4.88 -24.29
C THR B 140 0.80 -4.48 -25.50
N PRO B 141 0.23 -3.93 -26.58
CA PRO B 141 1.08 -3.62 -27.74
C PRO B 141 2.03 -2.45 -27.51
N SER B 142 1.62 -1.45 -26.74
CA SER B 142 2.47 -0.26 -26.58
C SER B 142 3.74 -0.57 -25.77
N LEU B 143 3.64 -1.39 -24.73
CA LEU B 143 4.86 -1.71 -24.02
C LEU B 143 5.71 -2.69 -24.83
N LEU B 144 5.09 -3.57 -25.61
CA LEU B 144 5.86 -4.48 -26.46
C LEU B 144 6.62 -3.73 -27.56
N MET B 145 5.96 -2.77 -28.22
CA MET B 145 6.71 -1.92 -29.16
C MET B 145 7.84 -1.19 -28.45
N GLY B 146 7.53 -0.54 -27.31
CA GLY B 146 8.56 0.20 -26.60
C GLY B 146 9.74 -0.68 -26.25
N ALA B 147 9.47 -1.87 -25.71
CA ALA B 147 10.57 -2.73 -25.28
C ALA B 147 11.27 -3.34 -26.46
N ALA B 148 10.54 -3.58 -27.56
CA ALA B 148 11.16 -4.14 -28.75
C ALA B 148 12.22 -3.19 -29.30
N SER B 149 12.00 -1.88 -29.23
CA SER B 149 12.95 -0.91 -29.75
C SER B 149 14.20 -0.74 -28.87
N CYS B 150 14.25 -1.35 -27.68
CA CYS B 150 15.49 -1.40 -26.91
C CYS B 150 16.17 -2.75 -26.95
N ASP B 151 15.40 -3.83 -27.09
CA ASP B 151 15.93 -5.19 -27.08
C ASP B 151 16.61 -5.53 -25.77
N LEU B 152 16.12 -4.99 -24.66
CA LEU B 152 16.68 -5.65 -23.49
C LEU B 152 15.78 -6.82 -23.12
N PRO B 153 16.31 -7.87 -22.48
CA PRO B 153 15.43 -8.98 -22.07
C PRO B 153 14.22 -8.44 -21.33
N SER B 154 13.04 -8.85 -21.80
CA SER B 154 11.76 -8.40 -21.30
C SER B 154 10.82 -9.60 -21.27
N ILE B 155 9.78 -9.49 -20.42
CA ILE B 155 8.78 -10.55 -20.22
C ILE B 155 7.46 -9.90 -19.82
N VAL B 156 6.34 -10.47 -20.27
CA VAL B 156 5.02 -9.88 -20.07
C VAL B 156 4.31 -10.52 -18.89
N VAL B 157 3.56 -9.72 -18.13
CA VAL B 157 2.57 -10.22 -17.18
C VAL B 157 1.22 -9.60 -17.56
N THR B 158 0.26 -10.45 -17.86
CA THR B 158 -1.09 -10.04 -18.20
C THR B 158 -1.92 -9.85 -16.93
N GLY B 159 -2.71 -8.77 -16.90
CA GLY B 159 -3.65 -8.59 -15.80
C GLY B 159 -4.67 -9.71 -15.68
N GLY B 160 -5.36 -10.02 -16.78
CA GLY B 160 -6.36 -11.07 -16.82
C GLY B 160 -7.77 -10.55 -16.94
N PRO B 161 -8.69 -11.40 -17.40
CA PRO B 161 -10.08 -10.96 -17.63
C PRO B 161 -10.90 -10.91 -16.35
N MET B 162 -11.98 -10.12 -16.41
CA MET B 162 -12.98 -10.13 -15.36
C MET B 162 -13.69 -11.48 -15.32
N LEU B 163 -14.34 -11.75 -14.19
CA LEU B 163 -15.28 -12.85 -14.10
C LEU B 163 -16.49 -12.63 -15.03
N ASN B 164 -17.22 -13.70 -15.30
CA ASN B 164 -18.43 -13.56 -16.12
C ASN B 164 -19.37 -12.52 -15.51
N GLY B 165 -19.98 -11.73 -16.38
CA GLY B 165 -21.13 -10.93 -15.98
C GLY B 165 -22.44 -11.69 -16.11
N TYR B 166 -23.47 -11.18 -15.46
CA TYR B 166 -24.77 -11.86 -15.43
C TYR B 166 -25.90 -10.85 -15.37
N PHE B 167 -27.00 -11.16 -16.06
CA PHE B 167 -28.21 -10.35 -16.01
C PHE B 167 -29.42 -11.26 -16.12
N ARG B 168 -30.39 -11.11 -15.22
CA ARG B 168 -31.58 -11.96 -15.23
C ARG B 168 -31.16 -13.43 -15.26
N GLY B 169 -30.29 -13.79 -14.32
CA GLY B 169 -29.79 -15.14 -14.21
C GLY B 169 -29.11 -15.68 -15.45
N GLU B 170 -28.72 -14.82 -16.40
CA GLU B 170 -28.06 -15.24 -17.62
C GLU B 170 -26.70 -14.56 -17.78
N ARG B 171 -25.85 -15.13 -18.65
CA ARG B 171 -24.48 -14.66 -18.76
C ARG B 171 -24.40 -13.52 -19.75
N VAL B 172 -23.67 -12.48 -19.35
CA VAL B 172 -23.50 -11.27 -20.13
C VAL B 172 -22.01 -11.08 -20.41
N GLY B 173 -21.67 -10.82 -21.67
CA GLY B 173 -20.29 -10.65 -22.07
C GLY B 173 -19.88 -9.19 -22.14
N SER B 174 -18.60 -8.94 -21.83
CA SER B 174 -18.03 -7.61 -21.92
C SER B 174 -18.02 -7.13 -23.36
N GLY B 175 -18.67 -6.00 -23.61
CA GLY B 175 -18.73 -5.40 -24.96
C GLY B 175 -19.64 -6.08 -25.95
N THR B 176 -19.53 -7.39 -26.10
CA THR B 176 -20.39 -8.12 -27.03
C THR B 176 -21.86 -7.89 -26.72
N HIS B 177 -22.26 -8.08 -25.46
CA HIS B 177 -23.63 -7.75 -25.05
C HIS B 177 -23.89 -6.25 -25.04
N LEU B 178 -22.86 -5.41 -25.11
CA LEU B 178 -23.09 -3.98 -25.31
C LEU B 178 -23.73 -3.73 -26.67
N TRP B 179 -23.09 -4.21 -27.75
CA TRP B 179 -23.66 -4.11 -29.09
C TRP B 179 -25.00 -4.82 -29.17
N LYS B 180 -25.09 -6.02 -28.59
CA LYS B 180 -26.35 -6.78 -28.65
C LYS B 180 -27.50 -6.00 -28.02
N PHE B 181 -27.33 -5.51 -26.78
CA PHE B 181 -28.43 -4.85 -26.10
C PHE B 181 -28.83 -3.56 -26.81
N SER B 182 -27.85 -2.73 -27.18
CA SER B 182 -28.22 -1.46 -27.80
C SER B 182 -28.87 -1.65 -29.18
N GLU B 183 -28.65 -2.79 -29.85
CA GLU B 183 -29.36 -3.06 -31.10
C GLU B 183 -30.78 -3.56 -30.83
N MET B 184 -30.99 -4.25 -29.70
CA MET B 184 -32.33 -4.68 -29.34
C MET B 184 -33.19 -3.50 -28.91
N VAL B 185 -32.59 -2.48 -28.29
CA VAL B 185 -33.36 -1.28 -27.96
C VAL B 185 -33.82 -0.59 -29.24
N LYS B 186 -32.94 -0.46 -30.23
CA LYS B 186 -33.34 0.16 -31.50
C LYS B 186 -34.43 -0.66 -32.22
N ALA B 187 -34.39 -1.99 -32.09
CA ALA B 187 -35.37 -2.86 -32.73
C ALA B 187 -36.61 -3.08 -31.87
N GLY B 188 -36.74 -2.37 -30.75
CA GLY B 188 -37.92 -2.42 -29.91
C GLY B 188 -38.02 -3.59 -28.97
N GLU B 189 -37.04 -4.51 -28.97
CA GLU B 189 -37.10 -5.69 -28.12
C GLU B 189 -36.64 -5.44 -26.69
N MET B 190 -36.33 -4.20 -26.30
CA MET B 190 -35.69 -3.93 -25.02
C MET B 190 -35.70 -2.43 -24.76
N THR B 191 -35.82 -2.04 -23.49
CA THR B 191 -35.86 -0.63 -23.13
C THR B 191 -34.48 -0.13 -22.73
N GLN B 192 -34.26 1.18 -22.94
CA GLN B 192 -33.05 1.77 -22.39
C GLN B 192 -32.97 1.50 -20.90
N ALA B 193 -34.12 1.51 -20.21
CA ALA B 193 -34.11 1.38 -18.76
C ALA B 193 -33.77 -0.05 -18.31
N GLU B 194 -34.12 -1.06 -19.13
CA GLU B 194 -33.66 -2.43 -18.87
C GLU B 194 -32.15 -2.53 -19.07
N PHE B 195 -31.66 -2.08 -20.23
CA PHE B 195 -30.22 -1.90 -20.48
C PHE B 195 -29.48 -1.39 -19.23
N LEU B 196 -29.99 -0.31 -18.61
CA LEU B 196 -29.34 0.30 -17.45
C LEU B 196 -29.28 -0.64 -16.23
N GLU B 197 -30.24 -1.55 -16.09
CA GLU B 197 -30.20 -2.49 -14.96
C GLU B 197 -29.01 -3.43 -15.06
N ALA B 198 -28.71 -3.93 -16.26
CA ALA B 198 -27.62 -4.87 -16.40
C ALA B 198 -26.27 -4.25 -16.03
N GLU B 199 -26.15 -2.92 -16.05
CA GLU B 199 -24.84 -2.28 -15.96
C GLU B 199 -24.12 -2.64 -14.66
N ALA B 200 -24.84 -2.66 -13.53
CA ALA B 200 -24.17 -2.88 -12.25
C ALA B 200 -23.56 -4.29 -12.16
N SER B 201 -24.12 -5.26 -12.88
CA SER B 201 -23.61 -6.63 -12.85
C SER B 201 -22.83 -6.99 -14.11
N MET B 202 -22.55 -6.02 -14.97
CA MET B 202 -21.81 -6.29 -16.20
C MET B 202 -20.32 -6.48 -15.96
N SER B 203 -19.66 -5.48 -15.35
CA SER B 203 -18.24 -5.51 -14.99
C SER B 203 -18.15 -5.58 -13.48
N ARG B 204 -17.91 -6.78 -12.95
CA ARG B 204 -18.15 -7.04 -11.54
C ARG B 204 -16.94 -7.68 -10.85
N SER B 205 -15.78 -7.62 -11.48
CA SER B 205 -14.51 -7.94 -10.83
C SER B 205 -13.43 -7.14 -11.55
N SER B 206 -12.20 -7.21 -11.04
CA SER B 206 -11.11 -6.43 -11.59
C SER B 206 -10.42 -7.19 -12.72
N GLY B 207 -10.33 -6.56 -13.89
CA GLY B 207 -9.70 -7.19 -15.04
C GLY B 207 -10.23 -6.65 -16.35
N THR B 208 -9.83 -7.32 -17.43
CA THR B 208 -10.12 -6.86 -18.78
C THR B 208 -11.42 -7.47 -19.32
N CYS B 209 -11.83 -7.05 -20.53
CA CYS B 209 -13.08 -7.54 -21.11
C CYS B 209 -13.05 -9.04 -21.27
N ASN B 210 -14.15 -9.71 -20.88
CA ASN B 210 -14.15 -11.15 -20.71
C ASN B 210 -14.70 -11.91 -21.93
N THR B 211 -14.93 -11.22 -23.03
CA THR B 211 -15.10 -11.92 -24.30
C THR B 211 -13.74 -12.10 -24.94
N MET B 212 -13.71 -12.78 -26.08
CA MET B 212 -12.49 -12.93 -26.86
C MET B 212 -12.21 -11.64 -27.64
N GLY B 213 -12.06 -10.55 -26.88
CA GLY B 213 -11.84 -9.24 -27.42
C GLY B 213 -10.36 -8.92 -27.58
N THR B 214 -10.08 -7.63 -27.79
CA THR B 214 -8.70 -7.22 -28.05
C THR B 214 -7.78 -7.55 -26.88
N ALA B 215 -8.20 -7.25 -25.64
CA ALA B 215 -7.34 -7.55 -24.50
C ALA B 215 -7.11 -9.05 -24.39
N SER B 216 -8.16 -9.84 -24.54
CA SER B 216 -8.00 -11.29 -24.51
C SER B 216 -7.12 -11.77 -25.65
N THR B 217 -7.23 -11.12 -26.81
CA THR B 217 -6.46 -11.54 -27.97
C THR B 217 -5.01 -11.15 -27.82
N MET B 218 -4.75 -9.94 -27.32
CA MET B 218 -3.36 -9.48 -27.22
C MET B 218 -2.62 -10.24 -26.12
N ALA B 219 -3.31 -10.52 -25.01
CA ALA B 219 -2.76 -11.46 -24.03
C ALA B 219 -2.45 -12.82 -24.68
N SER B 220 -3.34 -13.32 -25.54
CA SER B 220 -3.08 -14.59 -26.20
C SER B 220 -1.88 -14.47 -27.16
N MET B 221 -1.81 -13.37 -27.91
CA MET B 221 -0.69 -13.13 -28.83
C MET B 221 0.65 -13.10 -28.09
N ALA B 222 0.67 -12.54 -26.89
CA ALA B 222 1.92 -12.46 -26.12
C ALA B 222 2.34 -13.84 -25.60
N GLU B 223 1.39 -14.69 -25.20
CA GLU B 223 1.73 -16.09 -24.94
C GLU B 223 2.12 -16.81 -26.23
N ALA B 224 1.33 -16.63 -27.29
CA ALA B 224 1.64 -17.25 -28.57
C ALA B 224 3.05 -16.91 -29.04
N LEU B 225 3.47 -15.63 -28.88
CA LEU B 225 4.81 -15.18 -29.25
C LEU B 225 5.91 -15.80 -28.41
N GLY B 226 5.58 -16.33 -27.22
CA GLY B 226 6.57 -16.77 -26.28
C GLY B 226 7.07 -15.70 -25.31
N MET B 227 6.53 -14.47 -25.37
CA MET B 227 6.90 -13.31 -24.57
C MET B 227 6.33 -13.36 -23.12
N ALA B 228 5.67 -14.46 -22.73
CA ALA B 228 5.02 -14.59 -21.44
C ALA B 228 4.96 -16.07 -21.10
N LEU B 229 4.93 -16.35 -19.80
CA LEU B 229 5.02 -17.73 -19.32
C LEU B 229 3.77 -18.52 -19.69
N SER B 230 3.96 -19.83 -19.89
CA SER B 230 2.85 -20.66 -20.36
C SER B 230 1.68 -20.55 -19.40
N GLY B 231 0.48 -20.40 -19.96
CA GLY B 231 -0.71 -20.17 -19.17
C GLY B 231 -1.03 -18.72 -18.91
N ASN B 232 -0.15 -17.80 -19.32
CA ASN B 232 -0.29 -16.38 -18.96
C ASN B 232 -1.63 -15.78 -19.35
N ALA B 233 -2.23 -16.26 -20.45
CA ALA B 233 -3.25 -15.46 -21.12
C ALA B 233 -4.59 -15.49 -20.38
N ALA B 234 -5.08 -16.66 -19.98
CA ALA B 234 -6.50 -16.73 -19.64
C ALA B 234 -6.81 -16.66 -18.15
N ILE B 235 -5.80 -16.75 -17.27
CA ILE B 235 -6.02 -16.69 -15.83
C ILE B 235 -6.77 -15.41 -15.47
N PRO B 236 -7.94 -15.51 -14.84
CA PRO B 236 -8.70 -14.30 -14.48
C PRO B 236 -7.91 -13.38 -13.55
N GLY B 237 -8.35 -12.11 -13.54
CA GLY B 237 -7.65 -11.09 -12.78
C GLY B 237 -7.55 -11.43 -11.31
N VAL B 238 -8.65 -11.91 -10.72
CA VAL B 238 -8.76 -12.09 -9.28
C VAL B 238 -8.48 -13.52 -8.87
N ASP B 239 -8.01 -14.32 -9.82
CA ASP B 239 -7.70 -15.72 -9.56
C ASP B 239 -6.32 -15.81 -8.95
N SER B 240 -6.18 -16.66 -7.94
CA SER B 240 -4.95 -16.67 -7.16
C SER B 240 -3.76 -17.14 -7.99
N ARG B 241 -3.99 -17.84 -9.11
CA ARG B 241 -2.86 -18.24 -9.94
C ARG B 241 -2.30 -17.08 -10.76
N ARG B 242 -3.06 -16.01 -10.93
CA ARG B 242 -2.47 -14.78 -11.45
C ARG B 242 -1.30 -14.30 -10.58
N LYS B 243 -1.47 -14.32 -9.26
CA LYS B 243 -0.40 -13.80 -8.41
C LYS B 243 0.79 -14.73 -8.38
N VAL B 244 0.56 -16.04 -8.45
CA VAL B 244 1.66 -16.99 -8.56
C VAL B 244 2.50 -16.69 -9.80
N MET B 245 1.83 -16.53 -10.93
CA MET B 245 2.48 -16.28 -12.20
C MET B 245 3.33 -15.02 -12.14
N ALA B 246 2.84 -13.97 -11.49
CA ALA B 246 3.61 -12.75 -11.38
C ALA B 246 4.88 -12.99 -10.55
N GLN B 247 4.76 -13.71 -9.42
CA GLN B 247 5.98 -14.00 -8.67
C GLN B 247 6.91 -14.92 -9.47
N LEU B 248 6.35 -15.90 -10.17
CA LEU B 248 7.20 -16.74 -11.02
C LEU B 248 7.87 -15.91 -12.11
N THR B 249 7.19 -14.90 -12.63
CA THR B 249 7.83 -14.05 -13.64
C THR B 249 8.95 -13.22 -13.04
N GLY B 250 8.75 -12.70 -11.83
CA GLY B 250 9.81 -11.95 -11.17
C GLY B 250 11.07 -12.76 -11.05
N ARG B 251 10.96 -13.99 -10.54
CA ARG B 251 12.12 -14.88 -10.47
C ARG B 251 12.82 -15.00 -11.82
N ARG B 252 12.03 -15.21 -12.89
CA ARG B 252 12.56 -15.69 -14.16
C ARG B 252 13.32 -14.60 -14.91
N ILE B 253 12.80 -13.37 -14.89
CA ILE B 253 13.47 -12.28 -15.62
C ILE B 253 14.89 -12.07 -15.13
N VAL B 254 15.10 -12.17 -13.80
CA VAL B 254 16.47 -12.05 -13.29
C VAL B 254 17.40 -13.02 -14.01
N GLN B 255 16.96 -14.28 -14.16
CA GLN B 255 17.81 -15.24 -14.86
C GLN B 255 17.93 -14.88 -16.34
N MET B 256 16.83 -14.40 -16.93
CA MET B 256 16.89 -13.98 -18.32
C MET B 256 17.96 -12.92 -18.52
N VAL B 257 18.05 -11.95 -17.60
CA VAL B 257 19.07 -10.92 -17.75
C VAL B 257 20.47 -11.54 -17.73
N LYS B 258 20.69 -12.51 -16.83
CA LYS B 258 21.99 -13.16 -16.76
C LYS B 258 22.30 -13.93 -18.04
N ASP B 259 21.29 -14.60 -18.61
CA ASP B 259 21.47 -15.34 -19.85
C ASP B 259 21.44 -14.44 -21.08
N ASP B 260 20.86 -13.25 -20.94
CA ASP B 260 20.67 -12.29 -22.03
C ASP B 260 19.73 -12.85 -23.10
N LEU B 261 18.56 -13.33 -22.66
CA LEU B 261 17.52 -13.80 -23.57
C LEU B 261 16.76 -12.59 -24.11
N LYS B 262 17.15 -12.10 -25.31
CA LYS B 262 16.54 -10.86 -25.76
C LYS B 262 15.26 -11.14 -26.53
N PRO B 263 14.39 -10.15 -26.67
CA PRO B 263 13.18 -10.37 -27.49
C PRO B 263 13.51 -10.69 -28.94
N SER B 264 14.63 -10.18 -29.47
CA SER B 264 14.94 -10.56 -30.86
C SER B 264 15.28 -12.03 -30.96
N GLU B 265 15.72 -12.66 -29.86
CA GLU B 265 15.89 -14.10 -29.80
C GLU B 265 14.56 -14.84 -29.83
N ILE B 266 13.47 -14.19 -29.43
CA ILE B 266 12.21 -14.86 -29.20
C ILE B 266 11.21 -14.58 -30.31
N MET B 267 11.04 -13.31 -30.65
CA MET B 267 10.02 -12.89 -31.62
C MET B 267 10.58 -13.07 -33.03
N THR B 268 10.74 -14.34 -33.40
CA THR B 268 11.19 -14.80 -34.71
C THR B 268 10.03 -14.86 -35.70
N LYS B 269 10.39 -15.06 -36.97
CA LYS B 269 9.35 -15.26 -37.98
C LYS B 269 8.42 -16.39 -37.56
N GLN B 270 9.00 -17.53 -37.15
CA GLN B 270 8.18 -18.63 -36.69
C GLN B 270 7.27 -18.20 -35.54
N ALA B 271 7.80 -17.41 -34.61
CA ALA B 271 7.00 -16.97 -33.47
C ALA B 271 5.82 -16.13 -33.94
N PHE B 272 6.05 -15.28 -34.95
CA PHE B 272 4.93 -14.49 -35.44
C PHE B 272 3.93 -15.39 -36.16
N GLU B 273 4.41 -16.39 -36.90
CA GLU B 273 3.50 -17.34 -37.54
C GLU B 273 2.68 -18.06 -36.48
N ASN B 274 3.34 -18.57 -35.46
CA ASN B 274 2.60 -19.16 -34.36
C ASN B 274 1.50 -18.21 -33.89
N ALA B 275 1.82 -16.93 -33.73
CA ALA B 275 0.81 -15.99 -33.25
C ALA B 275 -0.35 -15.83 -34.23
N ILE B 276 -0.06 -15.70 -35.54
CA ILE B 276 -1.13 -15.53 -36.51
C ILE B 276 -2.04 -16.74 -36.52
N ARG B 277 -1.46 -17.94 -36.38
CA ARG B 277 -2.29 -19.13 -36.43
C ARG B 277 -3.11 -19.29 -35.15
N THR B 278 -2.52 -18.96 -34.00
CA THR B 278 -3.27 -18.92 -32.75
C THR B 278 -4.46 -17.96 -32.86
N ASN B 279 -4.25 -16.80 -33.49
CA ASN B 279 -5.37 -15.88 -33.69
C ASN B 279 -6.54 -16.56 -34.39
N ALA B 280 -6.25 -17.33 -35.45
CA ALA B 280 -7.32 -18.02 -36.15
C ALA B 280 -8.02 -19.02 -35.25
N ALA B 281 -7.23 -19.80 -34.50
CA ALA B 281 -7.79 -20.85 -33.64
C ALA B 281 -8.74 -20.30 -32.57
N ILE B 282 -8.47 -19.09 -32.05
CA ILE B 282 -9.28 -18.56 -30.95
C ILE B 282 -10.31 -17.55 -31.43
N GLY B 283 -10.37 -17.28 -32.73
CA GLY B 283 -11.28 -16.28 -33.26
C GLY B 283 -10.96 -14.89 -32.73
N GLY B 284 -9.71 -14.50 -32.86
CA GLY B 284 -9.23 -13.28 -32.24
C GLY B 284 -9.67 -11.99 -32.93
N SER B 285 -9.34 -10.90 -32.24
CA SER B 285 -9.72 -9.56 -32.65
C SER B 285 -9.08 -9.18 -33.98
N THR B 286 -9.78 -8.36 -34.77
CA THR B 286 -9.17 -7.76 -35.95
C THR B 286 -7.99 -6.86 -35.57
N ASN B 287 -8.02 -6.23 -34.40
CA ASN B 287 -6.94 -5.34 -34.01
C ASN B 287 -5.62 -6.05 -33.82
N ALA B 288 -5.60 -7.38 -33.72
CA ALA B 288 -4.32 -8.07 -33.66
C ALA B 288 -3.52 -7.87 -34.94
N VAL B 289 -4.20 -7.73 -36.09
CA VAL B 289 -3.49 -7.51 -37.35
C VAL B 289 -2.64 -6.25 -37.27
N ILE B 290 -3.24 -5.15 -36.86
CA ILE B 290 -2.52 -3.90 -36.68
C ILE B 290 -1.43 -4.03 -35.61
N HIS B 291 -1.79 -4.50 -34.41
CA HIS B 291 -0.79 -4.49 -33.34
C HIS B 291 0.39 -5.44 -33.63
N LEU B 292 0.14 -6.60 -34.24
CA LEU B 292 1.25 -7.50 -34.53
C LEU B 292 2.24 -6.85 -35.52
N LEU B 293 1.73 -6.21 -36.57
CA LEU B 293 2.60 -5.56 -37.54
C LEU B 293 3.43 -4.45 -36.88
N ALA B 294 2.78 -3.59 -36.09
CA ALA B 294 3.51 -2.61 -35.28
C ALA B 294 4.65 -3.25 -34.51
N ILE B 295 4.37 -4.33 -33.80
CA ILE B 295 5.39 -5.00 -32.99
C ILE B 295 6.50 -5.55 -33.89
N ALA B 296 6.14 -6.22 -34.99
CA ALA B 296 7.15 -6.69 -35.93
C ALA B 296 7.99 -5.53 -36.49
N GLY B 297 7.35 -4.38 -36.76
CA GLY B 297 8.10 -3.24 -37.23
C GLY B 297 9.14 -2.71 -36.25
N ARG B 298 8.96 -2.99 -34.95
CA ARG B 298 9.96 -2.58 -33.99
C ARG B 298 11.06 -3.61 -33.84
N VAL B 299 10.74 -4.88 -34.07
CA VAL B 299 11.74 -5.93 -33.93
C VAL B 299 12.62 -5.99 -35.16
N GLY B 300 12.08 -5.60 -36.31
CA GLY B 300 12.78 -5.71 -37.56
C GLY B 300 12.45 -6.93 -38.39
N ILE B 301 11.40 -7.68 -38.03
CA ILE B 301 10.98 -8.87 -38.76
C ILE B 301 10.02 -8.43 -39.86
N ASP B 302 10.30 -8.85 -41.10
CA ASP B 302 9.42 -8.51 -42.21
C ASP B 302 8.14 -9.31 -42.08
N LEU B 303 7.00 -8.60 -42.05
CA LEU B 303 5.70 -9.23 -41.88
C LEU B 303 4.65 -8.35 -42.54
N SER B 304 3.70 -8.98 -43.22
CA SER B 304 2.83 -8.28 -44.12
C SER B 304 1.40 -8.71 -43.90
N LEU B 305 0.47 -7.89 -44.39
CA LEU B 305 -0.91 -8.35 -44.49
C LEU B 305 -1.01 -9.68 -45.21
N ASP B 306 -0.04 -10.02 -46.06
CA ASP B 306 -0.14 -11.25 -46.83
C ASP B 306 0.24 -12.47 -45.99
N ASP B 307 1.34 -12.36 -45.24
CA ASP B 307 1.63 -13.31 -44.17
C ASP B 307 0.38 -13.65 -43.37
N TRP B 308 -0.38 -12.62 -42.99
CA TRP B 308 -1.61 -12.86 -42.24
C TRP B 308 -2.58 -13.74 -43.04
N ASP B 309 -2.93 -13.33 -44.27
CA ASP B 309 -3.91 -14.08 -45.05
C ASP B 309 -3.47 -15.52 -45.27
N ARG B 310 -2.19 -15.71 -45.61
CA ARG B 310 -1.67 -17.04 -45.88
C ARG B 310 -1.73 -17.94 -44.64
N CYS B 311 -1.35 -17.39 -43.47
CA CYS B 311 -1.11 -18.27 -42.32
C CYS B 311 -2.40 -18.70 -41.65
N GLY B 312 -3.41 -17.83 -41.61
CA GLY B 312 -4.68 -18.19 -41.01
C GLY B 312 -5.59 -19.01 -41.88
N ARG B 313 -5.28 -19.14 -43.16
CA ARG B 313 -6.12 -19.90 -44.08
C ARG B 313 -6.26 -21.36 -43.63
N ASP B 314 -7.49 -21.85 -43.64
CA ASP B 314 -7.82 -23.24 -43.33
C ASP B 314 -7.51 -23.61 -41.88
N VAL B 315 -7.31 -22.61 -41.03
CA VAL B 315 -7.12 -22.84 -39.60
C VAL B 315 -8.49 -22.68 -38.92
N PRO B 316 -9.07 -23.74 -38.36
CA PRO B 316 -10.42 -23.62 -37.83
C PRO B 316 -10.38 -22.98 -36.46
N THR B 317 -11.40 -22.16 -36.17
CA THR B 317 -11.53 -21.57 -34.86
C THR B 317 -12.24 -22.58 -33.96
N ILE B 318 -11.59 -22.98 -32.88
CA ILE B 318 -12.07 -24.03 -32.01
C ILE B 318 -12.41 -23.51 -30.63
N VAL B 319 -12.20 -22.23 -30.38
CA VAL B 319 -12.50 -21.64 -29.07
C VAL B 319 -13.87 -21.00 -29.16
N ASN B 320 -14.79 -21.52 -28.37
CA ASN B 320 -16.21 -21.20 -28.50
C ASN B 320 -16.59 -20.12 -27.49
N LEU B 321 -16.01 -18.93 -27.69
CA LEU B 321 -16.30 -17.76 -26.86
C LEU B 321 -16.92 -16.66 -27.69
N MET B 322 -17.79 -15.85 -27.05
CA MET B 322 -18.30 -14.60 -27.61
C MET B 322 -17.13 -13.74 -28.09
N PRO B 323 -17.29 -12.97 -29.18
CA PRO B 323 -18.52 -12.63 -29.91
C PRO B 323 -18.79 -13.64 -31.02
N SER B 324 -17.82 -14.51 -31.15
CA SER B 324 -17.82 -15.49 -32.21
C SER B 324 -18.63 -16.73 -31.82
N GLY B 325 -18.62 -17.08 -30.54
CA GLY B 325 -19.24 -18.29 -30.00
C GLY B 325 -20.13 -17.94 -28.82
N LYS B 326 -20.12 -18.84 -27.82
CA LYS B 326 -21.13 -18.86 -26.78
C LYS B 326 -20.66 -18.50 -25.38
N TYR B 327 -19.40 -18.73 -25.03
CA TYR B 327 -18.95 -18.68 -23.64
C TYR B 327 -17.99 -17.50 -23.41
N LEU B 328 -17.48 -17.40 -22.18
CA LEU B 328 -16.61 -16.30 -21.77
C LEU B 328 -15.25 -16.82 -21.32
N MET B 329 -14.38 -15.88 -20.91
CA MET B 329 -12.98 -16.22 -20.66
C MET B 329 -12.81 -17.19 -19.50
N GLU B 330 -13.66 -17.07 -18.47
CA GLU B 330 -13.63 -18.01 -17.35
C GLU B 330 -13.65 -19.43 -17.85
N GLU B 331 -14.63 -19.77 -18.70
CA GLU B 331 -14.78 -21.13 -19.21
C GLU B 331 -13.57 -21.52 -20.05
N PHE B 332 -13.07 -20.60 -20.87
CA PHE B 332 -11.83 -20.84 -21.58
C PHE B 332 -10.70 -21.20 -20.62
N PHE B 333 -10.54 -20.41 -19.55
CA PHE B 333 -9.54 -20.72 -18.52
C PHE B 333 -9.71 -22.12 -17.95
N TYR B 334 -10.94 -22.50 -17.59
CA TYR B 334 -11.10 -23.81 -16.97
C TYR B 334 -10.97 -24.96 -17.97
N ALA B 335 -11.17 -24.72 -19.27
CA ALA B 335 -10.97 -25.80 -20.23
C ALA B 335 -9.50 -26.15 -20.40
N GLY B 336 -8.60 -25.23 -20.08
CA GLY B 336 -7.18 -25.48 -20.18
C GLY B 336 -6.45 -24.29 -20.77
N GLY B 337 -7.18 -23.32 -21.30
CA GLY B 337 -6.57 -22.11 -21.82
C GLY B 337 -5.78 -22.27 -23.12
N LEU B 338 -5.07 -21.18 -23.46
CA LEU B 338 -4.23 -21.16 -24.66
C LEU B 338 -3.27 -22.33 -24.77
N PRO B 339 -2.71 -22.87 -23.69
CA PRO B 339 -1.81 -24.02 -23.86
C PRO B 339 -2.48 -25.16 -24.60
N VAL B 340 -3.76 -25.41 -24.30
CA VAL B 340 -4.47 -26.49 -24.98
C VAL B 340 -4.63 -26.17 -26.47
N VAL B 341 -4.87 -24.91 -26.79
CA VAL B 341 -5.01 -24.49 -28.17
C VAL B 341 -3.68 -24.65 -28.91
N LEU B 342 -2.62 -24.08 -28.34
CA LEU B 342 -1.29 -24.27 -28.92
C LEU B 342 -0.99 -25.76 -29.12
N LYS B 343 -1.36 -26.59 -28.15
CA LYS B 343 -1.13 -28.04 -28.25
C LYS B 343 -1.83 -28.62 -29.47
N ARG B 344 -3.05 -28.16 -29.75
CA ARG B 344 -3.82 -28.69 -30.88
C ARG B 344 -3.21 -28.29 -32.21
N LEU B 345 -2.77 -27.04 -32.36
CA LEU B 345 -2.06 -26.67 -33.57
C LEU B 345 -0.91 -27.64 -33.83
N GLY B 346 -0.16 -27.99 -32.79
CA GLY B 346 0.94 -28.91 -32.97
C GLY B 346 0.47 -30.29 -33.34
N GLU B 347 -0.67 -30.71 -32.81
CA GLU B 347 -1.18 -32.01 -33.17
C GLU B 347 -1.68 -32.03 -34.60
N ALA B 348 -2.03 -30.87 -35.13
CA ALA B 348 -2.49 -30.74 -36.50
C ALA B 348 -1.37 -30.38 -37.48
N GLY B 349 -0.12 -30.35 -37.04
CA GLY B 349 0.96 -29.99 -37.94
C GLY B 349 1.04 -28.52 -38.29
N LEU B 350 0.35 -27.68 -37.55
CA LEU B 350 0.34 -26.24 -37.78
C LEU B 350 1.21 -25.45 -36.81
N LEU B 351 2.21 -26.04 -36.16
CA LEU B 351 2.94 -25.29 -35.13
C LEU B 351 4.46 -25.37 -35.32
N HIS B 352 5.12 -24.23 -35.23
CA HIS B 352 6.56 -24.27 -35.04
C HIS B 352 6.85 -24.72 -33.61
N LYS B 353 6.96 -26.02 -33.41
CA LYS B 353 7.09 -26.59 -32.07
C LYS B 353 8.38 -26.14 -31.38
N ASP B 354 9.37 -25.70 -32.15
CA ASP B 354 10.69 -25.41 -31.59
C ASP B 354 10.91 -23.91 -31.34
N ALA B 355 9.89 -23.08 -31.53
CA ALA B 355 10.05 -21.68 -31.19
C ALA B 355 10.34 -21.53 -29.69
N LEU B 356 11.26 -20.62 -29.37
CA LEU B 356 11.79 -20.53 -28.01
C LEU B 356 11.01 -19.48 -27.23
N THR B 357 10.72 -19.79 -25.96
CA THR B 357 9.94 -18.90 -25.10
C THR B 357 10.82 -18.28 -24.01
N VAL B 358 10.25 -17.27 -23.34
CA VAL B 358 11.00 -16.56 -22.30
C VAL B 358 11.46 -17.49 -21.18
N SER B 359 10.85 -18.65 -21.05
CA SER B 359 11.24 -19.63 -20.03
C SER B 359 12.49 -20.41 -20.40
N GLY B 360 13.07 -20.16 -21.56
CA GLY B 360 14.13 -21.03 -22.05
C GLY B 360 13.69 -22.42 -22.46
N GLU B 361 12.40 -22.66 -22.60
CA GLU B 361 11.89 -23.89 -23.19
C GLU B 361 11.13 -23.58 -24.48
N THR B 362 11.05 -24.56 -25.37
CA THR B 362 10.27 -24.40 -26.58
C THR B 362 8.78 -24.46 -26.27
N VAL B 363 7.99 -23.71 -27.05
CA VAL B 363 6.54 -23.71 -26.82
C VAL B 363 6.01 -25.14 -26.73
N TRP B 364 6.34 -25.98 -27.72
CA TRP B 364 5.81 -27.34 -27.71
C TRP B 364 6.21 -28.08 -26.44
N ASP B 365 7.43 -27.88 -25.99
CA ASP B 365 7.83 -28.44 -24.70
C ASP B 365 6.99 -27.89 -23.56
N GLU B 366 6.41 -26.71 -23.70
CA GLU B 366 5.61 -26.23 -22.58
C GLU B 366 4.21 -26.83 -22.59
N VAL B 367 3.59 -26.92 -23.77
CA VAL B 367 2.16 -27.24 -23.85
C VAL B 367 1.88 -28.70 -24.19
N LYS B 368 2.90 -29.48 -24.53
CA LYS B 368 2.66 -30.77 -25.18
C LYS B 368 1.90 -31.75 -24.31
N ASP B 369 1.81 -31.52 -23.00
CA ASP B 369 1.18 -32.48 -22.10
C ASP B 369 -0.13 -32.02 -21.49
N VAL B 370 -0.62 -30.83 -21.83
CA VAL B 370 -1.83 -30.32 -21.18
C VAL B 370 -3.05 -31.11 -21.63
N VAL B 371 -4.19 -30.80 -21.04
CA VAL B 371 -5.38 -31.63 -21.14
C VAL B 371 -6.56 -30.70 -21.38
N ASN B 372 -7.41 -31.04 -22.35
CA ASN B 372 -8.60 -30.26 -22.62
C ASN B 372 -9.69 -30.72 -21.64
N TRP B 373 -10.07 -29.86 -20.70
CA TRP B 373 -11.03 -30.24 -19.68
C TRP B 373 -12.46 -29.89 -20.05
N ASN B 374 -12.72 -29.56 -21.31
CA ASN B 374 -14.09 -29.29 -21.72
C ASN B 374 -14.19 -29.09 -23.24
N GLU B 375 -14.68 -30.15 -23.91
CA GLU B 375 -14.77 -30.15 -25.35
C GLU B 375 -15.90 -29.25 -25.88
N ASP B 376 -16.76 -28.73 -25.01
CA ASP B 376 -17.79 -27.79 -25.45
C ASP B 376 -17.25 -26.38 -25.62
N VAL B 377 -16.12 -26.08 -24.98
CA VAL B 377 -15.55 -24.74 -24.95
C VAL B 377 -14.29 -24.65 -25.81
N ILE B 378 -13.43 -25.65 -25.74
CA ILE B 378 -12.35 -25.83 -26.70
C ILE B 378 -12.71 -27.01 -27.61
N LEU B 379 -13.33 -26.71 -28.76
CA LEU B 379 -14.04 -27.70 -29.58
C LEU B 379 -13.10 -28.63 -30.35
N PRO B 380 -13.60 -29.82 -30.74
CA PRO B 380 -12.91 -30.61 -31.75
C PRO B 380 -13.05 -30.00 -33.13
N ALA B 381 -12.06 -30.27 -33.97
CA ALA B 381 -12.00 -29.69 -35.31
C ALA B 381 -13.31 -29.87 -36.08
N GLU B 382 -13.84 -31.10 -36.08
CA GLU B 382 -15.06 -31.42 -36.82
C GLU B 382 -16.29 -30.72 -36.26
N LYS B 383 -16.18 -30.01 -35.13
CA LYS B 383 -17.26 -29.21 -34.56
C LYS B 383 -16.88 -27.73 -34.48
N ALA B 384 -15.85 -27.31 -35.22
CA ALA B 384 -15.33 -25.96 -35.14
C ALA B 384 -16.37 -24.93 -35.57
N LEU B 385 -16.25 -23.71 -35.02
CA LEU B 385 -17.09 -22.61 -35.48
C LEU B 385 -16.94 -22.35 -36.98
N THR B 386 -15.72 -22.46 -37.50
CA THR B 386 -15.38 -22.26 -38.89
C THR B 386 -14.18 -23.13 -39.22
N SER B 387 -14.13 -23.58 -40.48
CA SER B 387 -13.01 -24.40 -40.92
C SER B 387 -11.82 -23.55 -41.35
N SER B 388 -12.06 -22.29 -41.71
CA SER B 388 -10.97 -21.38 -42.06
C SER B 388 -11.19 -20.09 -41.27
N GLY B 389 -10.76 -20.11 -40.01
CA GLY B 389 -11.06 -19.00 -39.12
C GLY B 389 -10.15 -17.81 -39.24
N GLY B 390 -9.07 -17.93 -40.01
CA GLY B 390 -8.13 -16.83 -40.11
C GLY B 390 -8.78 -15.56 -40.65
N ILE B 391 -8.37 -14.42 -40.10
CA ILE B 391 -8.76 -13.13 -40.64
C ILE B 391 -8.42 -13.16 -42.12
N VAL B 392 -9.22 -12.48 -42.95
CA VAL B 392 -9.06 -12.48 -44.41
C VAL B 392 -8.61 -11.09 -44.87
N VAL B 393 -7.71 -11.05 -45.85
CA VAL B 393 -7.23 -9.80 -46.44
C VAL B 393 -7.85 -9.67 -47.82
N LEU B 394 -8.81 -8.75 -47.96
CA LEU B 394 -9.39 -8.44 -49.25
C LEU B 394 -8.53 -7.41 -49.97
N ARG B 395 -8.42 -7.58 -51.29
CA ARG B 395 -7.81 -6.58 -52.16
C ARG B 395 -8.75 -6.26 -53.32
N GLY B 396 -8.44 -5.19 -54.02
CA GLY B 396 -9.30 -4.67 -55.07
C GLY B 396 -9.06 -3.19 -55.25
N ASN B 397 -9.67 -2.64 -56.31
CA ASN B 397 -9.50 -1.21 -56.58
C ASN B 397 -9.98 -0.34 -55.44
N LEU B 398 -10.86 -0.87 -54.57
CA LEU B 398 -11.42 -0.04 -53.50
C LEU B 398 -10.47 0.02 -52.29
N ALA B 399 -9.76 -1.06 -52.02
CA ALA B 399 -8.69 -1.06 -51.03
C ALA B 399 -7.45 -1.59 -51.74
N PRO B 400 -6.73 -0.73 -52.46
CA PRO B 400 -5.51 -1.19 -53.12
C PRO B 400 -4.47 -1.70 -52.15
N LYS B 401 -4.53 -1.28 -50.89
CA LYS B 401 -3.53 -1.65 -49.91
C LYS B 401 -4.09 -2.60 -48.86
N GLY B 402 -5.29 -3.10 -49.06
CA GLY B 402 -5.73 -4.17 -48.18
C GLY B 402 -6.88 -3.75 -47.29
N ALA B 403 -7.74 -4.72 -46.99
CA ALA B 403 -8.81 -4.56 -46.02
C ALA B 403 -9.04 -5.93 -45.42
N VAL B 404 -9.63 -5.95 -44.23
CA VAL B 404 -9.70 -7.18 -43.45
C VAL B 404 -11.13 -7.48 -43.03
N LEU B 405 -11.38 -8.76 -42.71
CA LEU B 405 -12.65 -9.24 -42.21
C LEU B 405 -12.40 -10.49 -41.36
N LYS B 406 -13.22 -10.65 -40.29
CA LYS B 406 -13.11 -11.72 -39.31
C LYS B 406 -14.17 -12.77 -39.59
N PRO B 407 -13.85 -13.85 -40.33
CA PRO B 407 -14.91 -14.79 -40.75
C PRO B 407 -15.62 -15.46 -39.58
N SER B 408 -14.90 -15.87 -38.53
CA SER B 408 -15.51 -16.65 -37.47
C SER B 408 -16.70 -15.97 -36.82
N ALA B 409 -16.87 -14.66 -37.00
CA ALA B 409 -18.02 -13.95 -36.44
C ALA B 409 -18.83 -13.21 -37.52
N ALA B 410 -18.78 -13.66 -38.77
CA ALA B 410 -19.54 -13.05 -39.86
C ALA B 410 -20.65 -13.99 -40.31
N SER B 411 -21.59 -13.45 -41.11
CA SER B 411 -22.73 -14.21 -41.65
C SER B 411 -22.31 -14.90 -42.95
N PRO B 412 -22.32 -16.23 -43.01
CA PRO B 412 -21.81 -16.93 -44.21
C PRO B 412 -22.59 -16.65 -45.49
N HIS B 413 -23.89 -16.36 -45.41
CA HIS B 413 -24.60 -16.05 -46.64
C HIS B 413 -24.22 -14.69 -47.20
N LEU B 414 -23.48 -13.88 -46.43
CA LEU B 414 -23.05 -12.54 -46.82
C LEU B 414 -21.59 -12.46 -47.23
N LEU B 415 -20.85 -13.58 -47.21
CA LEU B 415 -19.44 -13.54 -47.60
C LEU B 415 -19.24 -13.40 -49.10
N VAL B 416 -20.29 -13.52 -49.91
CA VAL B 416 -20.22 -13.25 -51.35
C VAL B 416 -21.49 -12.51 -51.71
N HIS B 417 -21.37 -11.19 -51.90
CA HIS B 417 -22.55 -10.34 -51.97
C HIS B 417 -22.22 -9.13 -52.83
N LYS B 418 -23.23 -8.60 -53.50
CA LYS B 418 -23.13 -7.35 -54.25
C LYS B 418 -24.31 -6.48 -53.86
N GLY B 419 -24.08 -5.17 -53.76
CA GLY B 419 -25.18 -4.32 -53.32
C GLY B 419 -24.94 -2.86 -53.63
N ARG B 420 -26.00 -2.08 -53.43
CA ARG B 420 -25.95 -0.63 -53.59
C ARG B 420 -25.30 0.02 -52.37
N ALA B 421 -24.40 0.99 -52.62
CA ALA B 421 -23.68 1.67 -51.54
C ALA B 421 -24.51 2.76 -50.89
N VAL B 422 -24.51 2.78 -49.56
CA VAL B 422 -25.07 3.89 -48.79
C VAL B 422 -23.92 4.51 -48.02
N VAL B 423 -23.59 5.76 -48.35
CA VAL B 423 -22.31 6.35 -48.02
C VAL B 423 -22.52 7.46 -47.00
N PHE B 424 -21.87 7.29 -45.85
CA PHE B 424 -21.74 8.31 -44.82
C PHE B 424 -20.34 8.89 -44.92
N GLU B 425 -20.24 10.21 -44.95
CA GLU B 425 -18.95 10.85 -45.19
C GLU B 425 -18.11 11.02 -43.94
N ASP B 426 -18.68 10.79 -42.76
CA ASP B 426 -17.95 10.84 -41.50
C ASP B 426 -18.89 10.37 -40.40
N ILE B 427 -18.34 10.12 -39.21
CA ILE B 427 -19.14 9.50 -38.14
C ILE B 427 -20.32 10.38 -37.75
N ASP B 428 -20.18 11.70 -37.85
CA ASP B 428 -21.30 12.59 -37.62
C ASP B 428 -22.36 12.44 -38.70
N ASP B 429 -21.93 12.13 -39.93
CA ASP B 429 -22.88 11.88 -41.01
C ASP B 429 -23.75 10.67 -40.70
N TYR B 430 -23.12 9.54 -40.38
CA TYR B 430 -23.89 8.35 -40.00
C TYR B 430 -24.76 8.61 -38.79
N LYS B 431 -24.20 9.27 -37.76
CA LYS B 431 -24.96 9.51 -36.54
C LYS B 431 -26.24 10.29 -36.82
N ALA B 432 -26.22 11.17 -37.82
CA ALA B 432 -27.42 11.93 -38.20
C ALA B 432 -28.35 11.14 -39.13
N LYS B 433 -27.81 10.22 -39.92
CA LYS B 433 -28.63 9.54 -40.92
C LYS B 433 -29.25 8.24 -40.42
N ILE B 434 -28.65 7.59 -39.43
CA ILE B 434 -28.86 6.15 -39.25
C ILE B 434 -30.28 5.83 -38.80
N ASN B 435 -30.84 6.63 -37.90
CA ASN B 435 -32.16 6.34 -37.33
C ASN B 435 -33.32 6.98 -38.09
N ASP B 436 -33.03 7.75 -39.14
CA ASP B 436 -34.07 8.28 -40.00
C ASP B 436 -34.71 7.16 -40.82
N ASP B 437 -36.01 6.93 -40.62
CA ASP B 437 -36.74 5.94 -41.41
C ASP B 437 -36.72 6.25 -42.91
N ASN B 438 -36.55 7.52 -43.28
CA ASN B 438 -36.57 7.90 -44.69
C ASN B 438 -35.24 7.67 -45.39
N LEU B 439 -34.20 7.34 -44.64
CA LEU B 439 -32.94 6.91 -45.23
C LEU B 439 -33.20 5.78 -46.22
N ASP B 440 -32.78 5.97 -47.47
CA ASP B 440 -33.02 4.95 -48.49
C ASP B 440 -32.00 3.84 -48.30
N ILE B 441 -32.42 2.76 -47.64
CA ILE B 441 -31.52 1.65 -47.34
C ILE B 441 -32.36 0.41 -47.11
N ASP B 442 -31.85 -0.75 -47.56
CA ASP B 442 -32.43 -2.04 -47.25
C ASP B 442 -31.35 -2.98 -46.73
N GLU B 443 -31.76 -4.20 -46.37
CA GLU B 443 -30.87 -5.26 -45.89
C GLU B 443 -29.93 -5.79 -46.96
N ASN B 444 -29.98 -5.26 -48.19
CA ASN B 444 -29.06 -5.66 -49.26
C ASN B 444 -28.09 -4.56 -49.68
N CYS B 445 -28.23 -3.36 -49.13
CA CYS B 445 -27.29 -2.29 -49.40
C CYS B 445 -25.97 -2.56 -48.67
N ILE B 446 -24.96 -1.78 -49.04
CA ILE B 446 -23.62 -1.84 -48.47
C ILE B 446 -23.39 -0.55 -47.72
N MET B 447 -23.43 -0.57 -46.39
CA MET B 447 -23.13 0.63 -45.63
C MET B 447 -21.63 0.94 -45.75
N VAL B 448 -21.31 2.09 -46.34
CA VAL B 448 -19.93 2.54 -46.52
C VAL B 448 -19.73 3.83 -45.74
N MET B 449 -18.59 3.94 -45.06
CA MET B 449 -18.29 5.12 -44.25
C MET B 449 -16.80 5.42 -44.34
N LYS B 450 -16.47 6.70 -44.42
CA LYS B 450 -15.11 7.18 -44.67
C LYS B 450 -14.63 8.12 -43.56
N ASN B 451 -13.34 8.49 -43.64
CA ASN B 451 -12.75 9.50 -42.76
C ASN B 451 -12.67 9.05 -41.30
N CYS B 452 -12.51 7.74 -41.03
CA CYS B 452 -12.34 7.26 -39.67
C CYS B 452 -11.00 6.57 -39.47
N GLY B 453 -10.05 6.76 -40.39
CA GLY B 453 -8.76 6.11 -40.33
C GLY B 453 -7.82 6.76 -39.33
N PRO B 454 -6.57 6.29 -39.33
CA PRO B 454 -5.53 6.90 -38.46
C PRO B 454 -5.53 8.42 -38.49
N LYS B 455 -5.41 9.01 -39.68
CA LYS B 455 -5.39 10.46 -39.79
C LYS B 455 -6.78 11.07 -39.76
N GLY B 456 -7.80 10.32 -40.22
CA GLY B 456 -9.10 10.90 -40.48
C GLY B 456 -9.95 11.12 -39.22
N TYR B 457 -9.94 10.16 -38.28
CA TYR B 457 -10.88 10.27 -37.16
C TYR B 457 -10.63 11.47 -36.28
N PRO B 458 -9.42 11.71 -35.76
CA PRO B 458 -8.18 10.96 -36.00
C PRO B 458 -8.01 9.82 -35.00
N GLY B 459 -7.11 8.89 -35.26
CA GLY B 459 -6.79 7.85 -34.32
C GLY B 459 -7.44 6.52 -34.60
N MET B 460 -8.22 6.42 -35.68
CA MET B 460 -8.84 5.18 -36.15
C MET B 460 -9.70 4.52 -35.06
N ALA B 461 -10.82 5.20 -34.76
CA ALA B 461 -11.77 4.70 -33.77
C ALA B 461 -12.33 3.33 -34.16
N GLU B 462 -13.01 2.70 -33.19
CA GLU B 462 -13.67 1.41 -33.40
C GLU B 462 -15.14 1.68 -33.74
N VAL B 463 -15.40 1.90 -35.03
CA VAL B 463 -16.74 2.34 -35.42
C VAL B 463 -17.16 1.69 -36.74
N GLY B 464 -16.30 0.86 -37.33
CA GLY B 464 -16.64 0.15 -38.56
C GLY B 464 -17.89 -0.73 -38.47
N ASN B 465 -18.22 -1.22 -37.27
CA ASN B 465 -19.37 -2.09 -37.08
C ASN B 465 -20.61 -1.25 -36.76
N MET B 466 -21.04 -0.49 -37.77
CA MET B 466 -22.13 0.44 -37.57
C MET B 466 -23.41 -0.31 -37.19
N GLY B 467 -24.09 0.18 -36.16
CA GLY B 467 -25.44 -0.26 -35.88
C GLY B 467 -26.29 -0.20 -37.14
N LEU B 468 -27.12 -1.22 -37.33
CA LEU B 468 -27.92 -1.33 -38.53
C LEU B 468 -29.02 -0.28 -38.52
N PRO B 469 -29.72 -0.13 -39.64
CA PRO B 469 -30.89 0.74 -39.68
C PRO B 469 -32.01 0.16 -38.85
N PRO B 470 -32.56 0.92 -37.89
CA PRO B 470 -33.64 0.39 -37.04
C PRO B 470 -34.76 -0.30 -37.81
N LYS B 471 -35.09 0.14 -39.03
CA LYS B 471 -36.18 -0.51 -39.76
C LYS B 471 -35.76 -1.87 -40.30
N VAL B 472 -34.48 -2.08 -40.59
CA VAL B 472 -33.99 -3.41 -40.92
C VAL B 472 -33.95 -4.29 -39.68
N LEU B 473 -33.44 -3.75 -38.57
CA LEU B 473 -33.38 -4.55 -37.34
C LEU B 473 -34.76 -5.08 -36.97
N LYS B 474 -35.81 -4.33 -37.25
CA LYS B 474 -37.15 -4.74 -36.86
C LYS B 474 -37.70 -5.83 -37.76
N LYS B 475 -37.22 -5.96 -38.99
CA LYS B 475 -37.56 -7.16 -39.75
C LYS B 475 -36.90 -8.41 -39.20
N GLY B 476 -36.11 -8.30 -38.14
CA GLY B 476 -35.38 -9.43 -37.60
C GLY B 476 -34.05 -9.72 -38.24
N ILE B 477 -33.49 -8.79 -39.03
CA ILE B 477 -32.16 -8.92 -39.60
C ILE B 477 -31.18 -8.19 -38.70
N LEU B 478 -30.04 -8.83 -38.42
CA LEU B 478 -29.04 -8.24 -37.53
C LEU B 478 -27.67 -8.06 -38.18
N ASP B 479 -27.49 -8.48 -39.43
CA ASP B 479 -26.20 -8.39 -40.12
C ASP B 479 -26.37 -7.74 -41.48
N MET B 480 -25.43 -6.86 -41.83
CA MET B 480 -25.35 -6.24 -43.15
C MET B 480 -23.88 -6.01 -43.48
N VAL B 481 -23.56 -6.03 -44.77
CA VAL B 481 -22.19 -5.74 -45.18
C VAL B 481 -21.87 -4.27 -44.94
N ARG B 482 -20.83 -4.01 -44.15
CA ARG B 482 -20.42 -2.64 -43.81
C ARG B 482 -18.93 -2.50 -44.08
N ILE B 483 -18.55 -1.39 -44.69
CA ILE B 483 -17.18 -1.18 -45.17
C ILE B 483 -16.69 0.17 -44.70
N SER B 484 -15.44 0.22 -44.23
CA SER B 484 -14.91 1.51 -43.80
C SER B 484 -13.39 1.41 -43.65
N ASP B 485 -12.80 2.54 -43.26
CA ASP B 485 -11.39 2.64 -42.94
C ASP B 485 -11.13 2.66 -41.43
N ALA B 486 -12.16 2.40 -40.62
CA ALA B 486 -12.06 2.38 -39.17
C ALA B 486 -11.57 1.01 -38.67
N ARG B 487 -11.50 0.88 -37.36
CA ARG B 487 -11.39 -0.42 -36.72
C ARG B 487 -12.77 -0.84 -36.22
N MET B 488 -12.85 -2.00 -35.57
CA MET B 488 -14.00 -2.26 -34.70
C MET B 488 -13.50 -2.80 -33.37
N SER B 489 -14.42 -3.02 -32.42
CA SER B 489 -14.04 -3.66 -31.16
C SER B 489 -13.75 -5.13 -31.38
N GLY B 490 -12.72 -5.65 -30.70
CA GLY B 490 -12.48 -7.09 -30.73
C GLY B 490 -13.65 -7.92 -30.20
N THR B 491 -14.56 -7.27 -29.46
CA THR B 491 -15.80 -7.88 -29.02
C THR B 491 -16.93 -7.75 -30.03
N ALA B 492 -16.63 -7.32 -31.26
CA ALA B 492 -17.65 -7.03 -32.27
C ALA B 492 -17.84 -8.19 -33.23
N TYR B 493 -18.99 -8.19 -33.90
CA TYR B 493 -19.38 -9.23 -34.83
C TYR B 493 -20.13 -8.60 -35.99
N GLY B 494 -20.43 -9.43 -37.00
CA GLY B 494 -21.10 -9.02 -38.21
C GLY B 494 -20.20 -9.21 -39.42
N THR B 495 -20.77 -8.92 -40.59
CA THR B 495 -20.01 -9.02 -41.84
C THR B 495 -19.46 -7.64 -42.15
N VAL B 496 -18.31 -7.35 -41.53
CA VAL B 496 -17.71 -6.03 -41.46
C VAL B 496 -16.37 -6.08 -42.16
N VAL B 497 -16.12 -5.14 -43.06
CA VAL B 497 -14.84 -4.97 -43.74
C VAL B 497 -14.16 -3.77 -43.11
N LEU B 498 -12.92 -3.94 -42.66
CA LEU B 498 -12.22 -2.92 -41.89
C LEU B 498 -10.83 -2.64 -42.45
N HIS B 499 -10.19 -1.62 -41.84
CA HIS B 499 -8.83 -1.15 -42.12
C HIS B 499 -8.59 -0.88 -43.59
N THR B 500 -9.57 -0.29 -44.26
CA THR B 500 -9.50 -0.16 -45.72
C THR B 500 -8.40 0.82 -46.10
N SER B 501 -7.40 0.33 -46.82
CA SER B 501 -6.20 1.11 -47.05
C SER B 501 -5.98 1.38 -48.53
N PRO B 502 -5.54 2.57 -48.92
CA PRO B 502 -5.31 3.71 -48.02
C PRO B 502 -6.61 4.27 -47.44
N GLU B 503 -6.54 5.12 -46.41
CA GLU B 503 -7.76 5.68 -45.84
C GLU B 503 -8.27 6.85 -46.68
N ALA B 504 -9.53 7.21 -46.42
CA ALA B 504 -10.15 8.27 -47.20
C ALA B 504 -9.40 9.59 -47.01
N ALA B 505 -8.98 9.88 -45.77
CA ALA B 505 -8.35 11.15 -45.45
C ALA B 505 -6.99 11.34 -46.11
N VAL B 506 -6.38 10.31 -46.68
CA VAL B 506 -5.15 10.55 -47.43
C VAL B 506 -5.36 10.22 -48.89
N GLY B 507 -6.59 10.33 -49.37
CA GLY B 507 -6.88 10.25 -50.78
C GLY B 507 -7.00 8.86 -51.35
N GLY B 508 -7.10 7.82 -50.52
CA GLY B 508 -7.31 6.49 -51.03
C GLY B 508 -8.61 6.42 -51.81
N PRO B 509 -8.76 5.38 -52.63
CA PRO B 509 -10.02 5.21 -53.38
C PRO B 509 -11.28 5.35 -52.53
N LEU B 510 -11.32 4.76 -51.34
CA LEU B 510 -12.56 4.78 -50.56
C LEU B 510 -13.14 6.18 -50.50
N ALA B 511 -12.29 7.21 -50.53
CA ALA B 511 -12.75 8.57 -50.34
C ALA B 511 -13.83 8.98 -51.35
N VAL B 512 -13.90 8.32 -52.51
CA VAL B 512 -14.65 8.85 -53.64
C VAL B 512 -15.92 8.05 -53.93
N VAL B 513 -16.22 7.00 -53.16
CA VAL B 513 -17.47 6.29 -53.37
C VAL B 513 -18.65 7.24 -53.19
N LYS B 514 -19.65 7.11 -54.04
CA LYS B 514 -20.89 7.86 -53.96
C LYS B 514 -22.04 6.89 -53.79
N ASN B 515 -23.13 7.37 -53.19
CA ASN B 515 -24.29 6.50 -53.03
C ASN B 515 -24.64 5.87 -54.38
N GLY B 516 -25.16 4.64 -54.33
CA GLY B 516 -25.57 3.95 -55.51
C GLY B 516 -24.47 3.20 -56.25
N ASP B 517 -23.20 3.51 -55.99
CA ASP B 517 -22.15 2.69 -56.58
C ASP B 517 -22.37 1.23 -56.22
N MET B 518 -21.97 0.35 -57.13
CA MET B 518 -22.06 -1.09 -56.90
C MET B 518 -20.75 -1.56 -56.29
N ILE B 519 -20.84 -2.31 -55.19
CA ILE B 519 -19.69 -2.88 -54.51
C ILE B 519 -19.89 -4.39 -54.43
N GLU B 520 -18.84 -5.14 -54.76
CA GLU B 520 -18.87 -6.60 -54.70
C GLU B 520 -17.87 -7.08 -53.64
N LEU B 521 -18.31 -8.03 -52.81
CA LEU B 521 -17.50 -8.63 -51.76
C LEU B 521 -17.48 -10.14 -51.98
N ASP B 522 -16.32 -10.65 -52.38
CA ASP B 522 -16.14 -12.09 -52.62
C ASP B 522 -14.98 -12.51 -51.73
N VAL B 523 -15.31 -13.02 -50.55
CA VAL B 523 -14.32 -13.39 -49.54
C VAL B 523 -13.49 -14.59 -50.00
N PRO B 524 -14.10 -15.67 -50.49
CA PRO B 524 -13.28 -16.80 -50.97
C PRO B 524 -12.24 -16.38 -51.98
N ASN B 525 -12.47 -15.30 -52.73
CA ASN B 525 -11.50 -14.81 -53.70
C ASN B 525 -10.73 -13.59 -53.22
N ARG B 526 -10.86 -13.22 -51.94
CA ARG B 526 -10.14 -12.09 -51.39
C ARG B 526 -10.21 -10.88 -52.32
N ARG B 527 -11.43 -10.54 -52.74
CA ARG B 527 -11.65 -9.44 -53.66
C ARG B 527 -12.71 -8.51 -53.10
N LEU B 528 -12.46 -7.20 -53.16
CA LEU B 528 -13.42 -6.18 -52.75
C LEU B 528 -13.38 -5.09 -53.80
N HIS B 529 -14.48 -4.93 -54.55
CA HIS B 529 -14.44 -4.26 -55.85
C HIS B 529 -15.47 -3.14 -55.92
N LEU B 530 -15.02 -1.96 -56.36
CA LEU B 530 -15.93 -0.88 -56.72
C LEU B 530 -16.21 -1.00 -58.21
N ASP B 531 -17.49 -1.17 -58.57
CA ASP B 531 -17.89 -1.35 -59.97
C ASP B 531 -18.08 0.01 -60.64
N ILE B 532 -16.96 0.63 -61.00
CA ILE B 532 -16.94 1.82 -61.86
C ILE B 532 -15.79 1.66 -62.81
N SER B 533 -15.80 2.47 -63.87
CA SER B 533 -14.76 2.37 -64.88
C SER B 533 -13.45 2.90 -64.34
N ASP B 534 -12.34 2.28 -64.75
CA ASP B 534 -11.02 2.79 -64.40
C ASP B 534 -10.96 4.30 -64.60
N GLU B 535 -11.54 4.80 -65.68
CA GLU B 535 -11.50 6.23 -65.94
C GLU B 535 -12.36 7.01 -64.96
N GLU B 536 -13.54 6.48 -64.64
CA GLU B 536 -14.44 7.20 -63.75
C GLU B 536 -13.85 7.31 -62.35
N LEU B 537 -13.18 6.25 -61.89
CA LEU B 537 -12.43 6.38 -60.64
C LEU B 537 -11.24 7.30 -60.85
N ALA B 538 -10.49 7.09 -61.93
CA ALA B 538 -9.42 8.01 -62.32
C ALA B 538 -9.86 9.45 -62.13
N ARG B 539 -10.96 9.83 -62.80
CA ARG B 539 -11.47 11.18 -62.71
C ARG B 539 -11.82 11.55 -61.26
N ARG B 540 -12.58 10.68 -60.58
CA ARG B 540 -13.06 10.99 -59.23
C ARG B 540 -11.93 11.43 -58.32
N LEU B 541 -10.88 10.61 -58.23
CA LEU B 541 -9.73 10.97 -57.39
C LEU B 541 -9.08 12.27 -57.87
N ALA B 542 -8.93 12.43 -59.19
CA ALA B 542 -8.16 13.55 -59.72
C ALA B 542 -8.62 14.89 -59.16
N GLU B 543 -9.86 14.99 -58.72
CA GLU B 543 -10.38 16.21 -58.10
C GLU B 543 -10.88 15.87 -56.70
N TRP B 544 -9.94 15.45 -55.84
CA TRP B 544 -10.17 15.16 -54.43
C TRP B 544 -9.42 16.18 -53.60
N GLN B 545 -10.08 16.73 -52.58
CA GLN B 545 -9.34 17.65 -51.72
C GLN B 545 -9.19 17.06 -50.32
N PRO B 546 -8.08 17.37 -49.64
CA PRO B 546 -7.88 16.85 -48.28
C PRO B 546 -8.67 17.63 -47.23
N ASN B 547 -8.90 16.97 -46.10
CA ASN B 547 -9.69 17.54 -45.03
C ASN B 547 -9.20 18.94 -44.67
N HIS B 548 -10.14 19.82 -44.34
CA HIS B 548 -9.79 21.15 -43.84
C HIS B 548 -9.70 21.11 -42.31
N ASP B 549 -8.91 22.04 -41.77
CA ASP B 549 -8.70 22.14 -40.32
C ASP B 549 -7.72 21.09 -39.81
N LEU B 550 -6.69 20.79 -40.58
CA LEU B 550 -5.60 19.98 -40.08
C LEU B 550 -5.07 20.59 -38.78
N PRO B 551 -4.72 19.78 -37.78
CA PRO B 551 -4.22 20.35 -36.52
C PRO B 551 -2.83 20.94 -36.73
N THR B 552 -2.60 22.10 -36.11
CA THR B 552 -1.36 22.83 -36.32
C THR B 552 -0.48 22.88 -35.08
N SER B 553 -0.84 22.20 -33.99
CA SER B 553 0.05 22.16 -32.84
C SER B 553 -0.28 20.97 -31.94
N GLY B 554 0.61 20.73 -30.99
CA GLY B 554 0.42 19.66 -30.04
C GLY B 554 0.54 18.29 -30.67
N TYR B 555 0.34 17.28 -29.82
CA TYR B 555 0.46 15.90 -30.24
C TYR B 555 -0.45 15.59 -31.43
N ALA B 556 -1.61 16.24 -31.54
CA ALA B 556 -2.47 16.01 -32.69
C ALA B 556 -1.74 16.34 -33.99
N PHE B 557 -0.92 17.38 -33.99
CA PHE B 557 -0.13 17.71 -35.17
C PHE B 557 0.95 16.66 -35.40
N LEU B 558 1.69 16.30 -34.34
CA LEU B 558 2.67 15.23 -34.47
C LEU B 558 2.05 14.01 -35.15
N HIS B 559 0.86 13.64 -34.69
CA HIS B 559 0.18 12.46 -35.23
C HIS B 559 -0.20 12.65 -36.70
N GLN B 560 -0.86 13.76 -37.01
CA GLN B 560 -1.23 14.06 -38.38
C GLN B 560 -0.06 13.98 -39.34
N GLN B 561 1.15 14.32 -38.86
CA GLN B 561 2.31 14.42 -39.72
C GLN B 561 3.03 13.09 -39.97
N HIS B 562 2.85 12.10 -39.10
CA HIS B 562 3.73 10.94 -39.12
C HIS B 562 3.09 9.57 -39.07
N VAL B 563 1.79 9.45 -38.73
CA VAL B 563 1.25 8.11 -38.56
C VAL B 563 1.15 7.44 -39.93
N GLU B 564 1.69 6.23 -40.05
CA GLU B 564 1.54 5.45 -41.27
C GLU B 564 0.15 4.80 -41.31
N GLY B 565 -0.06 3.93 -42.31
CA GLY B 565 -1.36 3.32 -42.49
C GLY B 565 -1.59 2.09 -41.62
N ALA B 566 -2.87 1.76 -41.46
CA ALA B 566 -3.26 0.53 -40.78
C ALA B 566 -2.66 -0.71 -41.43
N ASP B 567 -2.37 -0.65 -42.73
CA ASP B 567 -1.83 -1.82 -43.42
C ASP B 567 -0.39 -2.14 -43.04
N THR B 568 0.29 -1.25 -42.31
CA THR B 568 1.62 -1.54 -41.76
C THR B 568 1.63 -1.44 -40.23
N GLY B 569 0.46 -1.42 -39.59
CA GLY B 569 0.39 -1.32 -38.16
C GLY B 569 0.20 0.08 -37.62
N ALA B 570 0.23 1.10 -38.49
CA ALA B 570 -0.13 2.46 -38.08
C ALA B 570 0.83 2.98 -37.03
N ASP B 571 2.10 2.64 -37.18
CA ASP B 571 3.13 3.23 -36.35
C ASP B 571 3.32 4.71 -36.73
N LEU B 572 4.29 5.33 -36.08
CA LEU B 572 4.87 6.58 -36.54
C LEU B 572 6.13 6.25 -37.34
N ASP B 573 6.29 6.89 -38.51
CA ASP B 573 7.41 6.53 -39.39
C ASP B 573 8.75 6.66 -38.66
N PHE B 574 8.96 7.73 -37.88
CA PHE B 574 10.26 7.92 -37.26
C PHE B 574 10.48 7.01 -36.05
N LEU B 575 9.52 6.17 -35.71
CA LEU B 575 9.71 5.26 -34.60
C LEU B 575 9.97 3.82 -35.04
N LYS B 576 9.74 3.49 -36.31
CA LYS B 576 9.92 2.10 -36.72
C LYS B 576 11.35 1.64 -36.45
N GLY B 577 11.51 0.34 -36.28
CA GLY B 577 12.84 -0.22 -36.08
C GLY B 577 13.30 -0.22 -34.64
N CYS B 578 14.56 -0.65 -34.46
CA CYS B 578 15.14 -0.91 -33.14
C CYS B 578 16.45 -0.14 -32.97
N ARG B 579 16.46 0.78 -32.00
CA ARG B 579 17.60 1.64 -31.71
C ARG B 579 18.48 1.14 -30.57
N GLY B 580 18.20 -0.05 -30.01
CA GLY B 580 19.16 -0.66 -29.11
C GLY B 580 19.11 -0.06 -27.71
N ASN B 581 20.19 -0.29 -26.94
CA ASN B 581 20.17 0.01 -25.51
C ASN B 581 21.50 0.58 -25.00
N ALA B 582 22.28 1.20 -25.89
CA ALA B 582 23.54 1.80 -25.47
C ALA B 582 23.28 2.94 -24.50
N VAL B 583 23.98 2.91 -23.37
CA VAL B 583 23.84 3.96 -22.39
C VAL B 583 24.36 5.28 -22.94
N GLY B 584 23.60 6.35 -22.71
CA GLY B 584 24.02 7.64 -23.22
C GLY B 584 25.13 8.30 -22.42
N LYS B 585 25.64 9.40 -22.99
CA LYS B 585 26.55 10.29 -22.26
C LYS B 585 26.01 10.55 -20.86
N ASP B 586 26.87 10.93 -19.91
CA ASP B 586 26.38 11.12 -18.55
C ASP B 586 25.84 12.54 -18.38
N SER B 587 25.01 12.71 -17.34
CA SER B 587 24.40 13.99 -17.04
C SER B 587 25.36 14.99 -16.41
N LEU B 588 26.51 14.53 -15.90
CA LEU B 588 27.59 15.39 -15.42
C LEU B 588 28.95 14.76 -15.70
N ALA C 14 23.74 -26.50 15.17
CA ALA C 14 22.40 -26.68 14.61
C ALA C 14 22.48 -27.16 13.17
N GLU C 15 21.73 -28.19 12.85
CA GLU C 15 21.84 -28.92 11.60
C GLU C 15 20.92 -28.32 10.54
N TRP C 16 21.47 -28.08 9.34
CA TRP C 16 20.68 -27.53 8.24
C TRP C 16 21.08 -28.24 6.96
N PRO C 17 20.11 -28.71 6.17
CA PRO C 17 18.67 -28.57 6.44
C PRO C 17 18.13 -29.55 7.47
N ARG C 18 16.98 -29.20 8.04
CA ARG C 18 16.24 -29.99 9.00
C ARG C 18 14.76 -29.63 8.89
N LYS C 19 13.93 -30.40 9.56
CA LYS C 19 12.50 -30.12 9.57
C LYS C 19 12.22 -29.01 10.59
N LEU C 20 11.62 -27.91 10.16
CA LEU C 20 11.21 -26.85 11.08
C LEU C 20 9.74 -26.98 11.46
N ARG C 21 9.36 -26.28 12.52
CA ARG C 21 8.04 -26.49 13.10
C ARG C 21 6.94 -26.15 12.11
N SER C 22 7.22 -25.27 11.15
CA SER C 22 6.24 -24.95 10.13
C SER C 22 5.94 -26.14 9.25
N GLN C 23 6.85 -27.10 9.16
CA GLN C 23 6.59 -28.26 8.33
C GLN C 23 5.58 -29.20 8.98
N GLU C 24 5.16 -28.92 10.22
CA GLU C 24 4.02 -29.61 10.84
C GLU C 24 2.70 -29.10 10.28
N TRP C 25 2.71 -27.93 9.65
CA TRP C 25 1.54 -27.44 8.92
C TRP C 25 1.63 -27.63 7.41
N TYR C 26 2.85 -27.62 6.83
CA TYR C 26 3.01 -27.35 5.41
C TYR C 26 3.81 -28.39 4.64
N GLY C 27 4.39 -29.39 5.30
CA GLY C 27 5.21 -30.38 4.63
C GLY C 27 4.45 -31.67 4.41
N GLY C 28 4.72 -32.32 3.28
CA GLY C 28 4.19 -33.65 3.05
C GLY C 28 2.86 -33.65 2.32
N THR C 29 2.14 -34.77 2.46
CA THR C 29 1.06 -35.09 1.53
C THR C 29 -0.27 -35.45 2.15
N SER C 30 -0.44 -35.34 3.47
CA SER C 30 -1.66 -35.81 4.10
C SER C 30 -2.80 -34.81 3.90
N ARG C 31 -4.00 -35.25 4.25
CA ARG C 31 -5.17 -34.38 4.19
C ARG C 31 -4.94 -33.06 4.92
N ASP C 32 -4.39 -33.11 6.13
CA ASP C 32 -4.31 -31.90 6.96
C ASP C 32 -3.37 -30.87 6.36
N VAL C 33 -2.30 -31.33 5.74
CA VAL C 33 -1.40 -30.46 5.01
C VAL C 33 -2.06 -29.90 3.76
N ILE C 34 -2.74 -30.74 2.96
CA ILE C 34 -3.46 -30.19 1.81
C ILE C 34 -4.36 -29.05 2.27
N TYR C 35 -4.87 -29.14 3.50
CA TYR C 35 -5.77 -28.11 4.00
C TYR C 35 -4.99 -26.84 4.36
N HIS C 36 -3.95 -26.96 5.20
CA HIS C 36 -3.16 -25.79 5.61
C HIS C 36 -2.49 -25.14 4.40
N ARG C 37 -1.69 -25.91 3.66
CA ARG C 37 -0.97 -25.35 2.52
C ARG C 37 -1.91 -24.89 1.41
N GLY C 38 -3.04 -25.60 1.21
CA GLY C 38 -3.96 -25.25 0.15
C GLY C 38 -4.65 -23.93 0.37
N TRP C 39 -5.04 -23.65 1.61
CA TRP C 39 -5.78 -22.42 1.87
C TRP C 39 -4.87 -21.20 1.78
N LEU C 40 -3.65 -21.29 2.34
CA LEU C 40 -2.75 -20.13 2.30
C LEU C 40 -2.42 -19.75 0.87
N LYS C 41 -2.38 -20.76 -0.02
CA LYS C 41 -2.19 -20.60 -1.47
C LYS C 41 -3.29 -19.75 -2.12
N ASN C 42 -4.41 -19.51 -1.46
CA ASN C 42 -5.39 -18.63 -2.08
C ASN C 42 -4.85 -17.20 -2.24
N GLN C 43 -3.73 -16.88 -1.58
CA GLN C 43 -3.11 -15.57 -1.70
C GLN C 43 -2.10 -15.47 -2.85
N GLY C 44 -1.76 -16.58 -3.51
CA GLY C 44 -0.89 -16.58 -4.67
C GLY C 44 0.57 -16.89 -4.40
N TYR C 45 0.88 -18.12 -3.99
CA TYR C 45 2.21 -18.45 -3.49
C TYR C 45 2.79 -19.64 -4.25
N PRO C 46 4.00 -19.52 -4.78
CA PRO C 46 4.66 -20.68 -5.40
C PRO C 46 4.67 -21.87 -4.47
N HIS C 47 4.46 -23.06 -5.04
CA HIS C 47 4.44 -24.27 -4.23
C HIS C 47 5.69 -24.40 -3.40
N ASP C 48 6.85 -23.98 -3.95
CA ASP C 48 8.11 -24.26 -3.28
C ASP C 48 8.37 -23.40 -2.05
N LEU C 49 7.54 -22.37 -1.76
CA LEU C 49 7.67 -21.63 -0.51
C LEU C 49 7.41 -22.53 0.71
N PHE C 50 6.78 -23.67 0.51
CA PHE C 50 6.40 -24.63 1.53
C PHE C 50 7.40 -25.79 1.62
N ASP C 51 8.60 -25.63 1.09
CA ASP C 51 9.52 -26.74 0.95
C ASP C 51 10.37 -26.95 2.18
N GLY C 52 10.18 -26.17 3.24
CA GLY C 52 10.98 -26.28 4.44
C GLY C 52 11.78 -25.04 4.76
N ARG C 53 11.94 -24.12 3.80
CA ARG C 53 12.64 -22.88 4.10
C ARG C 53 11.99 -22.18 5.30
N PRO C 54 12.77 -21.42 6.07
CA PRO C 54 12.20 -20.76 7.26
C PRO C 54 11.01 -19.90 6.90
N VAL C 55 9.93 -20.07 7.67
CA VAL C 55 8.76 -19.20 7.62
C VAL C 55 8.88 -18.17 8.73
N ILE C 56 8.77 -16.90 8.36
CA ILE C 56 9.19 -15.78 9.18
C ILE C 56 7.94 -14.97 9.53
N GLY C 57 7.64 -14.88 10.82
CA GLY C 57 6.53 -14.03 11.23
C GLY C 57 7.02 -12.63 11.54
N ILE C 58 6.55 -11.62 10.81
CA ILE C 58 6.92 -10.22 11.02
C ILE C 58 5.81 -9.61 11.89
N LEU C 59 6.04 -9.53 13.19
CA LEU C 59 5.02 -9.04 14.11
C LEU C 59 5.03 -7.52 14.12
N ASN C 60 3.90 -6.91 13.77
CA ASN C 60 3.84 -5.49 13.46
C ASN C 60 2.91 -4.78 14.44
N THR C 61 3.38 -3.70 15.04
CA THR C 61 2.54 -2.92 15.94
C THR C 61 1.99 -1.68 15.28
N TRP C 62 2.11 -1.56 13.96
CA TRP C 62 1.53 -0.41 13.27
C TRP C 62 0.04 -0.29 13.59
N SER C 63 -0.43 0.94 13.70
CA SER C 63 -1.85 1.19 13.86
C SER C 63 -2.07 2.69 13.66
N ASP C 64 -3.21 3.05 13.07
CA ASP C 64 -3.48 4.48 12.99
C ASP C 64 -3.64 5.10 14.37
N MET C 65 -3.76 4.27 15.40
CA MET C 65 -3.88 4.74 16.78
C MET C 65 -2.62 4.47 17.58
N THR C 66 -1.52 4.11 16.92
CA THR C 66 -0.19 4.10 17.50
C THR C 66 0.72 4.98 16.63
N PRO C 67 0.51 6.30 16.65
CA PRO C 67 1.21 7.18 15.71
C PRO C 67 2.72 7.20 15.87
N CYS C 68 3.24 6.94 17.06
CA CYS C 68 4.69 6.78 17.14
C CYS C 68 5.18 5.70 16.19
N ASN C 69 4.30 4.76 15.82
CA ASN C 69 4.61 3.66 14.92
C ASN C 69 3.98 3.80 13.53
N GLY C 70 3.51 4.99 13.16
CA GLY C 70 2.71 5.11 11.95
C GLY C 70 3.43 4.75 10.66
N HIS C 71 4.76 4.65 10.69
CA HIS C 71 5.55 4.34 9.50
C HIS C 71 6.06 2.90 9.49
N LEU C 72 5.57 2.02 10.40
CA LEU C 72 6.07 0.66 10.49
C LEU C 72 5.58 -0.27 9.36
N ARG C 73 4.46 0.08 8.69
CA ARG C 73 4.06 -0.67 7.50
C ARG C 73 5.14 -0.62 6.43
N GLU C 74 5.66 0.57 6.14
CA GLU C 74 6.79 0.64 5.20
C GLU C 74 8.02 -0.10 5.73
N LEU C 75 8.25 -0.10 7.05
CA LEU C 75 9.36 -0.89 7.57
C LEU C 75 9.12 -2.38 7.37
N ALA C 76 7.86 -2.81 7.51
CA ALA C 76 7.51 -4.21 7.31
C ALA C 76 7.75 -4.67 5.86
N GLU C 77 7.66 -3.76 4.89
CA GLU C 77 7.95 -4.14 3.50
C GLU C 77 9.43 -4.36 3.29
N LYS C 78 10.25 -3.53 3.93
CA LYS C 78 11.69 -3.66 3.81
C LYS C 78 12.17 -4.97 4.43
N VAL C 79 11.54 -5.38 5.54
CA VAL C 79 11.83 -6.66 6.20
C VAL C 79 11.47 -7.83 5.29
N LYS C 80 10.28 -7.77 4.66
CA LYS C 80 9.87 -8.81 3.69
C LYS C 80 10.93 -9.03 2.62
N ALA C 81 11.41 -7.94 2.01
CA ALA C 81 12.41 -8.03 0.96
C ALA C 81 13.67 -8.76 1.44
N GLY C 82 14.13 -8.41 2.64
CA GLY C 82 15.27 -9.11 3.20
C GLY C 82 15.03 -10.59 3.35
N VAL C 83 13.86 -10.96 3.90
CA VAL C 83 13.54 -12.37 4.03
C VAL C 83 13.49 -13.04 2.65
N TRP C 84 12.77 -12.43 1.71
CA TRP C 84 12.80 -12.95 0.33
C TRP C 84 14.23 -13.13 -0.16
N GLU C 85 15.04 -12.08 -0.03
CA GLU C 85 16.40 -12.12 -0.54
C GLU C 85 17.15 -13.34 -0.03
N ALA C 86 16.90 -13.69 1.23
CA ALA C 86 17.65 -14.72 1.93
C ALA C 86 17.02 -16.10 1.79
N GLY C 87 15.95 -16.22 1.01
CA GLY C 87 15.36 -17.52 0.75
C GLY C 87 14.37 -18.04 1.78
N GLY C 88 13.84 -17.16 2.63
CA GLY C 88 12.76 -17.50 3.52
C GLY C 88 11.40 -17.11 2.95
N PHE C 89 10.36 -17.27 3.78
CA PHE C 89 8.98 -17.01 3.38
C PHE C 89 8.36 -16.01 4.35
N PRO C 90 8.29 -14.73 3.99
CA PRO C 90 7.79 -13.72 4.94
C PRO C 90 6.27 -13.69 5.03
N LEU C 91 5.79 -13.49 6.25
CA LEU C 91 4.35 -13.33 6.49
C LEU C 91 4.17 -12.32 7.61
N GLU C 92 3.44 -11.25 7.30
CA GLU C 92 3.22 -10.14 8.22
C GLU C 92 1.98 -10.45 9.06
N VAL C 93 2.13 -10.34 10.39
CA VAL C 93 1.09 -10.62 11.37
C VAL C 93 0.93 -9.41 12.29
N PRO C 94 -0.12 -8.59 12.13
CA PRO C 94 -0.37 -7.55 13.13
C PRO C 94 -0.60 -8.16 14.51
N VAL C 95 -0.15 -7.43 15.53
CA VAL C 95 -0.34 -7.83 16.94
C VAL C 95 -0.70 -6.60 17.77
N PHE C 96 -1.18 -6.86 19.00
CA PHE C 96 -1.72 -5.81 19.86
C PHE C 96 -0.72 -4.68 20.06
N SER C 97 -1.13 -3.45 19.75
CA SER C 97 -0.23 -2.29 19.83
C SER C 97 -0.67 -1.39 20.97
N ALA C 98 0.04 -1.45 22.10
CA ALA C 98 -0.36 -0.72 23.31
C ALA C 98 0.21 0.69 23.27
N SER C 99 -0.43 1.53 22.45
CA SER C 99 0.06 2.88 22.22
C SER C 99 -0.02 3.72 23.49
N GLU C 100 1.09 4.38 23.88
CA GLU C 100 1.06 5.12 25.14
C GLU C 100 0.16 6.35 25.07
N ASN C 101 -0.03 6.94 23.90
CA ASN C 101 -0.73 8.21 23.86
C ASN C 101 -2.20 8.10 23.48
N THR C 102 -2.70 6.89 23.22
CA THR C 102 -4.13 6.71 23.04
C THR C 102 -4.80 6.00 24.22
N PHE C 103 -4.11 5.05 24.85
CA PHE C 103 -4.77 4.14 25.78
C PHE C 103 -4.99 4.79 27.14
N ARG C 104 -6.14 4.53 27.70
CA ARG C 104 -6.54 4.92 29.03
C ARG C 104 -7.10 3.68 29.70
N PRO C 105 -6.87 3.50 31.02
CA PRO C 105 -6.24 4.44 31.96
C PRO C 105 -4.77 4.72 31.69
N THR C 106 -4.07 3.74 31.12
CA THR C 106 -2.66 3.90 30.83
C THR C 106 -2.20 2.67 30.08
N ALA C 107 -1.33 2.87 29.08
CA ALA C 107 -0.91 1.75 28.25
C ALA C 107 -0.27 0.65 29.09
N MET C 108 0.37 1.00 30.20
CA MET C 108 0.94 -0.02 31.07
C MET C 108 -0.11 -1.04 31.52
N MET C 109 -1.39 -0.64 31.63
CA MET C 109 -2.40 -1.61 32.04
C MET C 109 -2.51 -2.74 31.05
N TYR C 110 -2.18 -2.49 29.78
CA TYR C 110 -2.40 -3.45 28.71
C TYR C 110 -1.11 -4.06 28.19
N ARG C 111 0.03 -3.72 28.80
CA ARG C 111 1.29 -4.32 28.39
C ARG C 111 1.25 -5.84 28.49
N ASN C 112 0.72 -6.37 29.61
CA ASN C 112 0.63 -7.82 29.80
C ASN C 112 -0.33 -8.46 28.80
N LEU C 113 -1.43 -7.77 28.50
CA LEU C 113 -2.38 -8.31 27.56
C LEU C 113 -1.70 -8.53 26.22
N ALA C 114 -0.94 -7.53 25.77
CA ALA C 114 -0.25 -7.66 24.49
C ALA C 114 0.77 -8.79 24.52
N ALA C 115 1.47 -8.94 25.65
CA ALA C 115 2.41 -10.06 25.80
C ALA C 115 1.70 -11.40 25.60
N LEU C 116 0.68 -11.68 26.41
CA LEU C 116 -0.10 -12.89 26.25
C LEU C 116 -0.53 -13.09 24.81
N ALA C 117 -1.21 -12.10 24.24
CA ALA C 117 -1.67 -12.20 22.85
C ALA C 117 -0.52 -12.48 21.90
N VAL C 118 0.61 -11.78 22.05
CA VAL C 118 1.76 -12.06 21.22
C VAL C 118 2.23 -13.50 21.41
N GLU C 119 2.22 -14.00 22.65
CA GLU C 119 2.79 -15.33 22.88
C GLU C 119 1.97 -16.40 22.16
N GLU C 120 0.65 -16.33 22.29
CA GLU C 120 -0.19 -17.30 21.63
C GLU C 120 -0.07 -17.19 20.10
N ALA C 121 0.02 -15.95 19.59
CA ALA C 121 0.07 -15.76 18.13
C ALA C 121 1.30 -16.42 17.54
N ILE C 122 2.45 -16.31 18.22
CA ILE C 122 3.65 -17.01 17.76
C ILE C 122 3.47 -18.51 17.89
N ARG C 123 3.17 -19.01 19.10
CA ARG C 123 3.18 -20.47 19.30
C ARG C 123 2.12 -21.16 18.48
N GLY C 124 0.93 -20.58 18.37
CA GLY C 124 -0.16 -21.25 17.73
C GLY C 124 -0.20 -21.18 16.22
N GLN C 125 0.86 -20.66 15.57
CA GLN C 125 0.82 -20.53 14.11
C GLN C 125 2.15 -20.96 13.53
N PRO C 126 2.23 -21.19 12.18
CA PRO C 126 3.36 -21.89 11.56
C PRO C 126 4.57 -21.01 11.27
N MET C 127 4.99 -20.21 12.25
CA MET C 127 6.16 -19.38 12.08
C MET C 127 7.35 -20.04 12.77
N ASP C 128 8.52 -19.89 12.14
CA ASP C 128 9.77 -20.50 12.55
C ASP C 128 10.69 -19.50 13.22
N GLY C 129 10.44 -18.22 12.98
CA GLY C 129 11.26 -17.13 13.46
C GLY C 129 10.39 -15.90 13.48
N CYS C 130 10.79 -14.91 14.29
CA CYS C 130 10.02 -13.70 14.47
C CYS C 130 10.90 -12.47 14.26
N VAL C 131 10.33 -11.48 13.60
CA VAL C 131 10.85 -10.13 13.61
C VAL C 131 9.84 -9.31 14.39
N LEU C 132 10.33 -8.44 15.27
CA LEU C 132 9.45 -7.69 16.16
C LEU C 132 9.55 -6.22 15.80
N LEU C 133 8.47 -5.69 15.23
CA LEU C 133 8.44 -4.31 14.79
C LEU C 133 7.76 -3.51 15.89
N VAL C 134 8.54 -2.68 16.56
CA VAL C 134 8.15 -1.99 17.78
C VAL C 134 8.63 -0.54 17.72
N GLY C 135 8.19 0.25 18.71
CA GLY C 135 8.57 1.65 18.83
C GLY C 135 8.06 2.36 20.07
N CYS C 136 6.77 2.66 20.10
CA CYS C 136 6.19 3.37 21.24
C CYS C 136 6.48 2.64 22.56
N ASP C 137 6.74 3.43 23.60
CA ASP C 137 6.98 2.94 24.97
C ASP C 137 6.73 1.45 25.24
N THR C 139 5.41 -1.16 23.50
CA THR C 139 5.52 -2.17 22.45
C THR C 139 6.79 -3.03 22.59
N THR C 140 7.95 -2.39 22.71
CA THR C 140 9.20 -3.13 22.84
C THR C 140 9.08 -4.21 23.92
N PRO C 141 8.71 -3.83 25.14
CA PRO C 141 8.68 -4.82 26.22
C PRO C 141 7.52 -5.80 26.07
N SER C 142 6.40 -5.40 25.47
CA SER C 142 5.30 -6.36 25.30
C SER C 142 5.68 -7.49 24.33
N LEU C 143 6.30 -7.15 23.20
CA LEU C 143 6.68 -8.19 22.24
C LEU C 143 7.87 -8.99 22.74
N LEU C 144 8.86 -8.35 23.35
CA LEU C 144 9.97 -9.13 23.90
C LEU C 144 9.47 -10.15 24.93
N MET C 145 8.49 -9.77 25.77
CA MET C 145 7.95 -10.73 26.73
C MET C 145 7.18 -11.83 26.03
N GLY C 146 6.38 -11.48 25.02
CA GLY C 146 5.68 -12.50 24.25
C GLY C 146 6.63 -13.47 23.58
N ALA C 147 7.64 -12.94 22.88
CA ALA C 147 8.57 -13.81 22.18
C ALA C 147 9.43 -14.60 23.15
N ALA C 148 9.74 -14.01 24.31
CA ALA C 148 10.55 -14.71 25.30
C ALA C 148 9.88 -16.00 25.78
N SER C 149 8.56 -15.95 26.00
CA SER C 149 7.85 -17.14 26.49
C SER C 149 7.74 -18.24 25.44
N CYS C 150 8.04 -17.98 24.17
CA CYS C 150 8.11 -19.07 23.20
C CYS C 150 9.53 -19.54 22.92
N ASP C 151 10.51 -18.62 22.93
CA ASP C 151 11.93 -18.93 22.70
C ASP C 151 12.21 -19.41 21.28
N LEU C 152 11.51 -18.85 20.30
CA LEU C 152 11.92 -19.01 18.91
C LEU C 152 12.88 -17.91 18.54
N PRO C 153 13.73 -18.14 17.53
CA PRO C 153 14.63 -17.07 17.06
C PRO C 153 13.89 -15.79 16.73
N SER C 154 14.22 -14.72 17.43
CA SER C 154 13.53 -13.45 17.26
C SER C 154 14.58 -12.35 17.15
N ILE C 155 14.14 -11.17 16.70
CA ILE C 155 15.04 -10.03 16.53
C ILE C 155 14.24 -8.74 16.36
N VAL C 156 14.79 -7.63 16.85
CA VAL C 156 14.02 -6.41 17.07
C VAL C 156 14.33 -5.39 15.99
N VAL C 157 13.28 -4.73 15.51
CA VAL C 157 13.40 -3.56 14.65
C VAL C 157 12.67 -2.42 15.34
N THR C 158 13.39 -1.32 15.60
CA THR C 158 12.85 -0.13 16.25
C THR C 158 12.35 0.87 15.20
N GLY C 159 11.18 1.46 15.46
CA GLY C 159 10.67 2.51 14.59
C GLY C 159 11.61 3.71 14.47
N GLY C 160 12.07 4.22 15.62
CA GLY C 160 13.03 5.32 15.66
C GLY C 160 12.42 6.61 16.18
N PRO C 161 13.25 7.54 16.67
CA PRO C 161 12.71 8.76 17.26
C PRO C 161 12.24 9.73 16.18
N MET C 162 11.30 10.59 16.56
CA MET C 162 10.96 11.77 15.76
C MET C 162 12.18 12.66 15.60
N LEU C 163 12.08 13.61 14.67
CA LEU C 163 13.09 14.66 14.55
C LEU C 163 12.93 15.67 15.70
N ASN C 164 13.80 16.68 15.75
CA ASN C 164 13.74 17.69 16.80
C ASN C 164 12.52 18.58 16.67
N GLY C 165 11.89 18.92 17.80
CA GLY C 165 10.89 19.97 17.82
C GLY C 165 11.54 21.35 17.87
N TYR C 166 10.82 22.36 17.36
CA TYR C 166 11.40 23.70 17.17
C TYR C 166 10.29 24.74 17.31
N PHE C 167 10.21 25.38 18.49
CA PHE C 167 9.22 26.42 18.78
C PHE C 167 9.90 27.73 19.16
N ARG C 168 9.65 28.77 18.36
CA ARG C 168 10.21 30.11 18.61
C ARG C 168 11.74 30.06 18.65
N GLY C 169 12.32 29.29 17.73
CA GLY C 169 13.77 29.16 17.67
C GLY C 169 14.38 28.34 18.77
N GLU C 170 13.58 27.63 19.57
CA GLU C 170 14.07 26.81 20.67
C GLU C 170 13.85 25.34 20.34
N ARG C 171 14.86 24.51 20.61
CA ARG C 171 14.69 23.07 20.58
C ARG C 171 13.67 22.66 21.61
N VAL C 172 12.64 21.93 21.16
CA VAL C 172 11.59 21.43 22.05
C VAL C 172 11.68 19.90 22.11
N GLY C 173 11.48 19.35 23.30
CA GLY C 173 11.63 17.93 23.54
C GLY C 173 10.30 17.27 23.83
N SER C 174 10.08 16.11 23.21
CA SER C 174 8.88 15.31 23.44
C SER C 174 8.71 15.02 24.94
N GLY C 175 7.64 15.55 25.50
CA GLY C 175 7.33 15.27 26.90
C GLY C 175 8.03 16.12 27.93
N THR C 176 9.38 16.12 27.91
CA THR C 176 10.14 16.98 28.82
C THR C 176 9.58 18.40 28.81
N HIS C 177 9.27 18.94 27.63
CA HIS C 177 8.73 20.28 27.55
C HIS C 177 7.24 20.35 27.88
N LEU C 178 6.52 19.23 27.84
CA LEU C 178 5.15 19.19 28.37
C LEU C 178 5.14 19.60 29.82
N TRP C 179 6.03 18.99 30.62
CA TRP C 179 6.14 19.32 32.03
C TRP C 179 6.58 20.77 32.22
N LYS C 180 7.71 21.14 31.61
CA LYS C 180 8.19 22.52 31.70
C LYS C 180 7.06 23.51 31.38
N PHE C 181 6.44 23.37 30.20
CA PHE C 181 5.48 24.36 29.75
C PHE C 181 4.26 24.43 30.65
N SER C 182 3.79 23.29 31.17
CA SER C 182 2.63 23.32 32.06
C SER C 182 3.00 23.81 33.46
N GLU C 183 4.23 23.57 33.91
CA GLU C 183 4.69 24.21 35.15
C GLU C 183 4.89 25.72 34.96
N MET C 184 5.32 26.17 33.77
CA MET C 184 5.48 27.60 33.55
C MET C 184 4.14 28.33 33.52
N VAL C 185 3.08 27.67 33.05
CA VAL C 185 1.76 28.30 33.04
C VAL C 185 1.22 28.40 34.46
N LYS C 186 1.46 27.39 35.29
CA LYS C 186 1.08 27.49 36.70
C LYS C 186 1.85 28.60 37.39
N ALA C 187 3.12 28.80 37.02
CA ALA C 187 4.00 29.81 37.61
C ALA C 187 3.92 31.15 36.89
N GLY C 188 2.96 31.33 36.00
CA GLY C 188 2.73 32.60 35.34
C GLY C 188 3.81 33.06 34.39
N GLU C 189 4.78 32.20 34.05
CA GLU C 189 5.84 32.57 33.13
C GLU C 189 5.44 32.42 31.67
N MET C 190 4.29 31.81 31.38
CA MET C 190 3.83 31.53 30.04
C MET C 190 2.35 31.17 30.08
N THR C 191 1.62 31.52 29.03
CA THR C 191 0.17 31.33 28.96
C THR C 191 -0.21 30.05 28.21
N GLN C 192 -1.36 29.49 28.58
CA GLN C 192 -1.87 28.35 27.83
C GLN C 192 -1.99 28.67 26.36
N ALA C 193 -2.26 29.93 26.02
CA ALA C 193 -2.28 30.37 24.62
C ALA C 193 -0.96 30.06 23.93
N GLU C 194 0.16 30.50 24.52
CA GLU C 194 1.45 30.24 23.87
C GLU C 194 1.82 28.77 23.90
N PHE C 195 1.39 28.04 24.94
CA PHE C 195 1.55 26.58 24.99
C PHE C 195 0.84 25.90 23.80
N LEU C 196 -0.31 26.43 23.38
CA LEU C 196 -1.05 25.87 22.25
C LEU C 196 -0.36 26.10 20.91
N GLU C 197 0.51 27.10 20.79
CA GLU C 197 1.24 27.28 19.55
C GLU C 197 2.45 26.36 19.44
N ALA C 198 2.88 25.75 20.53
CA ALA C 198 3.97 24.80 20.45
C ALA C 198 3.53 23.49 19.79
N GLU C 199 2.22 23.24 19.72
CA GLU C 199 1.70 21.93 19.32
C GLU C 199 2.12 21.55 17.91
N ALA C 200 1.91 22.46 16.96
CA ALA C 200 2.17 22.15 15.56
C ALA C 200 3.61 21.71 15.34
N SER C 201 4.56 22.38 15.97
CA SER C 201 5.97 22.11 15.73
C SER C 201 6.58 21.18 16.77
N MET C 202 5.75 20.53 17.59
CA MET C 202 6.28 19.66 18.64
C MET C 202 6.53 18.23 18.18
N SER C 203 5.62 17.64 17.39
CA SER C 203 5.78 16.28 16.90
C SER C 203 5.63 16.34 15.39
N ARG C 204 6.76 16.40 14.69
CA ARG C 204 6.72 16.88 13.32
C ARG C 204 7.30 15.89 12.30
N SER C 205 7.49 14.64 12.69
CA SER C 205 7.69 13.55 11.76
C SER C 205 7.25 12.28 12.47
N SER C 206 7.22 11.18 11.71
CA SER C 206 6.76 9.89 12.22
C SER C 206 7.82 9.26 13.11
N GLY C 207 7.44 8.87 14.33
CA GLY C 207 8.38 8.22 15.23
C GLY C 207 8.04 8.49 16.69
N THR C 208 8.90 7.93 17.56
CA THR C 208 8.72 7.98 19.02
C THR C 208 9.31 9.27 19.62
N CYS C 209 9.08 9.46 20.94
CA CYS C 209 9.50 10.68 21.61
C CYS C 209 11.01 10.89 21.53
N ASN C 210 11.42 12.11 21.18
CA ASN C 210 12.79 12.43 20.79
C ASN C 210 13.72 12.78 21.96
N THR C 211 13.24 12.76 23.20
CA THR C 211 14.08 12.83 24.37
C THR C 211 14.49 11.41 24.81
N MET C 212 15.24 11.31 25.91
CA MET C 212 15.62 10.00 26.44
C MET C 212 14.54 9.44 27.37
N GLY C 213 13.30 9.39 26.87
CA GLY C 213 12.19 8.77 27.58
C GLY C 213 12.18 7.25 27.44
N THR C 214 10.99 6.67 27.66
CA THR C 214 10.89 5.20 27.65
C THR C 214 11.14 4.62 26.25
N ALA C 215 10.63 5.28 25.20
CA ALA C 215 10.81 4.75 23.85
C ALA C 215 12.30 4.66 23.50
N SER C 216 13.04 5.74 23.72
CA SER C 216 14.48 5.72 23.43
C SER C 216 15.19 4.73 24.35
N THR C 217 14.78 4.67 25.62
CA THR C 217 15.43 3.77 26.57
C THR C 217 15.20 2.31 26.18
N MET C 218 13.94 1.93 25.93
CA MET C 218 13.67 0.53 25.58
C MET C 218 14.39 0.13 24.30
N ALA C 219 14.47 1.04 23.33
CA ALA C 219 15.23 0.71 22.13
C ALA C 219 16.70 0.42 22.48
N SER C 220 17.30 1.23 23.38
CA SER C 220 18.72 1.00 23.68
C SER C 220 18.89 -0.25 24.51
N MET C 221 17.89 -0.59 25.33
CA MET C 221 17.87 -1.89 26.00
C MET C 221 17.78 -3.04 24.99
N ALA C 222 16.91 -2.88 23.98
CA ALA C 222 16.88 -3.88 22.90
C ALA C 222 18.26 -4.08 22.32
N GLU C 223 18.95 -2.97 22.00
CA GLU C 223 20.26 -3.08 21.38
C GLU C 223 21.30 -3.57 22.35
N ALA C 224 21.26 -3.09 23.61
CA ALA C 224 22.26 -3.47 24.60
C ALA C 224 22.11 -4.93 25.05
N LEU C 225 20.89 -5.45 25.03
CA LEU C 225 20.68 -6.88 25.26
C LEU C 225 21.24 -7.74 24.13
N GLY C 226 21.53 -7.16 22.97
CA GLY C 226 21.94 -7.90 21.81
C GLY C 226 20.79 -8.43 20.99
N MET C 227 19.57 -7.98 21.27
CA MET C 227 18.38 -8.49 20.60
C MET C 227 18.06 -7.73 19.32
N ALA C 228 18.95 -6.83 18.89
CA ALA C 228 18.77 -6.06 17.68
C ALA C 228 20.14 -5.73 17.11
N LEU C 229 20.21 -5.58 15.79
CA LEU C 229 21.48 -5.26 15.15
C LEU C 229 22.04 -3.95 15.70
N SER C 230 23.37 -3.83 15.66
CA SER C 230 24.07 -2.68 16.21
C SER C 230 23.76 -1.41 15.44
N GLY C 231 23.52 -0.33 16.18
CA GLY C 231 23.03 0.92 15.63
C GLY C 231 21.53 1.06 15.62
N ASN C 232 20.81 0.05 16.08
CA ASN C 232 19.37 0.02 15.91
C ASN C 232 18.66 1.14 16.66
N ALA C 233 19.15 1.50 17.85
CA ALA C 233 18.31 2.26 18.78
C ALA C 233 18.10 3.71 18.32
N ALA C 234 19.14 4.38 17.84
CA ALA C 234 19.10 5.83 17.74
C ALA C 234 18.75 6.37 16.36
N ILE C 235 18.61 5.52 15.34
CA ILE C 235 18.32 6.05 13.99
C ILE C 235 16.95 6.71 13.99
N PRO C 236 16.81 7.95 13.53
CA PRO C 236 15.47 8.57 13.48
C PRO C 236 14.55 7.81 12.53
N GLY C 237 13.27 7.80 12.90
CA GLY C 237 12.28 7.04 12.15
C GLY C 237 12.27 7.33 10.67
N VAL C 238 12.55 8.57 10.26
CA VAL C 238 12.39 8.99 8.88
C VAL C 238 13.70 8.99 8.10
N ASP C 239 14.77 8.48 8.69
CA ASP C 239 16.10 8.50 8.07
C ASP C 239 16.30 7.23 7.25
N SER C 240 16.89 7.39 6.07
CA SER C 240 16.99 6.25 5.16
C SER C 240 17.59 5.02 5.83
N ARG C 241 18.47 5.22 6.79
CA ARG C 241 19.18 4.10 7.38
C ARG C 241 18.27 3.23 8.28
N ARG C 242 17.17 3.78 8.79
CA ARG C 242 16.13 2.92 9.37
C ARG C 242 15.69 1.88 8.35
N LYS C 243 15.38 2.30 7.12
CA LYS C 243 14.91 1.35 6.13
C LYS C 243 15.99 0.33 5.78
N VAL C 244 17.22 0.78 5.55
CA VAL C 244 18.31 -0.16 5.36
C VAL C 244 18.35 -1.19 6.49
N MET C 245 18.17 -0.73 7.73
CA MET C 245 18.25 -1.62 8.89
C MET C 245 17.12 -2.65 8.90
N ALA C 246 15.89 -2.23 8.60
CA ALA C 246 14.80 -3.19 8.48
C ALA C 246 15.11 -4.27 7.45
N GLN C 247 15.68 -3.88 6.29
CA GLN C 247 15.95 -4.88 5.27
C GLN C 247 17.06 -5.81 5.71
N LEU C 248 18.12 -5.26 6.30
CA LEU C 248 19.19 -6.16 6.73
C LEU C 248 18.71 -7.08 7.84
N THR C 249 17.80 -6.62 8.70
CA THR C 249 17.23 -7.54 9.70
C THR C 249 16.46 -8.66 9.03
N GLY C 250 15.62 -8.31 8.05
CA GLY C 250 14.92 -9.31 7.28
C GLY C 250 15.84 -10.38 6.73
N ARG C 251 17.01 -9.98 6.25
CA ARG C 251 17.95 -10.98 5.75
C ARG C 251 18.45 -11.87 6.87
N ARG C 252 18.69 -11.30 8.05
CA ARG C 252 19.42 -12.02 9.09
C ARG C 252 18.55 -13.04 9.82
N ILE C 253 17.26 -12.72 10.05
CA ILE C 253 16.42 -13.66 10.79
C ILE C 253 16.32 -15.00 10.06
N VAL C 254 16.32 -15.00 8.71
CA VAL C 254 16.30 -16.28 8.00
C VAL C 254 17.45 -17.15 8.48
N GLN C 255 18.65 -16.56 8.57
CA GLN C 255 19.84 -17.31 8.94
C GLN C 255 19.87 -17.67 10.44
N MET C 256 19.36 -16.80 11.31
CA MET C 256 19.23 -17.21 12.70
C MET C 256 18.31 -18.42 12.84
N VAL C 257 17.18 -18.44 12.13
CA VAL C 257 16.30 -19.60 12.21
C VAL C 257 17.07 -20.87 11.87
N LYS C 258 17.88 -20.81 10.80
CA LYS C 258 18.69 -21.96 10.40
C LYS C 258 19.68 -22.33 11.48
N ASP C 259 20.40 -21.34 12.03
CA ASP C 259 21.33 -21.64 13.10
C ASP C 259 20.64 -21.91 14.44
N ASP C 260 19.35 -21.56 14.56
CA ASP C 260 18.61 -21.71 15.81
C ASP C 260 19.21 -20.86 16.93
N LEU C 261 19.37 -19.56 16.64
CA LEU C 261 19.82 -18.57 17.63
C LEU C 261 18.61 -18.05 18.39
N LYS C 262 18.40 -18.57 19.62
CA LYS C 262 17.20 -18.33 20.42
C LYS C 262 17.40 -17.15 21.36
N PRO C 263 16.33 -16.42 21.67
CA PRO C 263 16.44 -15.38 22.70
C PRO C 263 17.13 -15.87 23.96
N SER C 264 16.90 -17.13 24.33
CA SER C 264 17.48 -17.69 25.55
C SER C 264 19.01 -17.70 25.49
N GLU C 265 19.61 -17.76 24.30
CA GLU C 265 21.06 -17.70 24.19
C GLU C 265 21.59 -16.27 24.09
N ILE C 266 20.70 -15.28 23.99
CA ILE C 266 21.13 -13.89 23.84
C ILE C 266 20.99 -13.18 25.19
N MET C 267 19.77 -13.14 25.73
CA MET C 267 19.53 -12.46 27.00
C MET C 267 19.89 -13.38 28.18
N THR C 268 21.20 -13.53 28.34
CA THR C 268 21.87 -14.10 29.49
C THR C 268 21.96 -13.11 30.63
N LYS C 269 22.27 -13.64 31.82
CA LYS C 269 22.53 -12.76 32.97
C LYS C 269 23.54 -11.68 32.61
N GLN C 270 24.60 -12.05 31.85
CA GLN C 270 25.60 -11.06 31.43
CA GLN C 270 25.59 -11.07 31.44
C GLN C 270 24.98 -10.01 30.52
N ALA C 271 24.16 -10.42 29.56
CA ALA C 271 23.48 -9.46 28.70
C ALA C 271 22.66 -8.47 29.54
N PHE C 272 21.93 -8.99 30.53
CA PHE C 272 21.07 -8.10 31.33
C PHE C 272 21.90 -7.10 32.13
N GLU C 273 23.04 -7.54 32.67
CA GLU C 273 23.92 -6.58 33.33
C GLU C 273 24.39 -5.51 32.34
N ASN C 274 24.66 -5.90 31.09
CA ASN C 274 25.02 -4.90 30.07
C ASN C 274 23.88 -3.93 29.83
N ALA C 275 22.66 -4.44 29.70
CA ALA C 275 21.52 -3.54 29.61
C ALA C 275 21.50 -2.54 30.77
N ILE C 276 21.60 -3.04 32.00
CA ILE C 276 21.48 -2.15 33.18
C ILE C 276 22.56 -1.07 33.15
N ARG C 277 23.81 -1.45 32.92
CA ARG C 277 24.88 -0.47 32.94
C ARG C 277 24.73 0.56 31.82
N THR C 278 24.23 0.12 30.66
CA THR C 278 23.92 1.07 29.59
C THR C 278 22.88 2.09 30.04
N ASN C 279 21.85 1.65 30.77
CA ASN C 279 20.83 2.59 31.21
C ASN C 279 21.43 3.74 32.02
N ALA C 280 22.37 3.44 32.92
CA ALA C 280 23.04 4.50 33.66
C ALA C 280 23.82 5.42 32.74
N ALA C 281 24.60 4.83 31.82
CA ALA C 281 25.40 5.63 30.92
C ALA C 281 24.54 6.60 30.10
N ILE C 282 23.31 6.19 29.75
CA ILE C 282 22.51 6.97 28.83
C ILE C 282 21.46 7.81 29.55
N GLY C 283 21.46 7.81 30.88
CA GLY C 283 20.41 8.49 31.62
C GLY C 283 19.05 7.90 31.37
N GLY C 284 18.96 6.56 31.35
CA GLY C 284 17.76 5.87 30.93
C GLY C 284 16.57 6.06 31.84
N SER C 285 15.42 5.66 31.31
CA SER C 285 14.14 5.89 31.97
C SER C 285 13.94 4.91 33.15
N THR C 286 13.23 5.38 34.18
CA THR C 286 12.89 4.48 35.28
C THR C 286 12.04 3.30 34.81
N ASN C 287 11.34 3.44 33.69
CA ASN C 287 10.47 2.36 33.23
C ASN C 287 11.25 1.13 32.79
N ALA C 288 12.53 1.31 32.40
CA ALA C 288 13.38 0.17 32.09
C ALA C 288 13.43 -0.83 33.23
N VAL C 289 13.40 -0.35 34.47
CA VAL C 289 13.56 -1.24 35.62
C VAL C 289 12.43 -2.26 35.66
N ILE C 290 11.19 -1.78 35.47
CA ILE C 290 10.02 -2.66 35.46
C ILE C 290 10.00 -3.56 34.22
N HIS C 291 10.36 -3.04 33.06
CA HIS C 291 10.26 -3.87 31.86
C HIS C 291 11.36 -4.93 31.80
N LEU C 292 12.57 -4.62 32.28
CA LEU C 292 13.66 -5.58 32.21
C LEU C 292 13.49 -6.69 33.24
N LEU C 293 12.92 -6.38 34.40
CA LEU C 293 12.51 -7.44 35.32
C LEU C 293 11.42 -8.30 34.67
N ALA C 294 10.41 -7.65 34.08
CA ALA C 294 9.39 -8.37 33.33
C ALA C 294 10.02 -9.35 32.33
N ILE C 295 10.92 -8.86 31.46
CA ILE C 295 11.46 -9.72 30.41
C ILE C 295 12.25 -10.87 30.99
N ALA C 296 13.08 -10.59 31.99
CA ALA C 296 13.88 -11.64 32.60
C ALA C 296 13.01 -12.74 33.23
N GLY C 297 11.85 -12.36 33.76
CA GLY C 297 10.90 -13.34 34.28
C GLY C 297 10.27 -14.24 33.22
N ARG C 298 10.38 -13.90 31.94
CA ARG C 298 10.00 -14.80 30.86
C ARG C 298 11.18 -15.67 30.40
N VAL C 299 12.36 -15.06 30.16
CA VAL C 299 13.56 -15.79 29.76
C VAL C 299 14.01 -16.79 30.80
N GLY C 300 13.72 -16.51 32.08
CA GLY C 300 14.16 -17.36 33.19
C GLY C 300 15.49 -16.96 33.82
N ILE C 301 15.67 -15.68 34.06
CA ILE C 301 16.93 -15.14 34.56
C ILE C 301 16.70 -14.50 35.93
N ASP C 302 17.60 -14.79 36.87
CA ASP C 302 17.52 -14.16 38.18
C ASP C 302 17.91 -12.68 38.05
N LEU C 303 16.92 -11.79 38.10
CA LEU C 303 17.18 -10.35 38.07
C LEU C 303 16.30 -9.69 39.11
N SER C 304 16.90 -8.89 39.98
CA SER C 304 16.16 -8.24 41.05
C SER C 304 16.52 -6.77 41.12
N LEU C 305 15.71 -6.02 41.88
CA LEU C 305 16.08 -4.65 42.22
C LEU C 305 17.49 -4.57 42.79
N ASP C 306 18.01 -5.66 43.34
CA ASP C 306 19.36 -5.62 43.88
C ASP C 306 20.40 -5.57 42.77
N ASP C 307 20.15 -6.27 41.67
CA ASP C 307 21.04 -6.17 40.51
C ASP C 307 21.06 -4.75 39.96
N TRP C 308 19.91 -4.07 39.92
CA TRP C 308 19.85 -2.74 39.36
C TRP C 308 20.65 -1.76 40.19
N ASP C 309 20.60 -1.93 41.51
CA ASP C 309 21.34 -1.06 42.42
C ASP C 309 22.84 -1.35 42.37
N ARG C 310 23.22 -2.62 42.29
CA ARG C 310 24.63 -2.98 42.28
C ARG C 310 25.34 -2.49 41.03
N CYS C 311 24.78 -2.81 39.85
CA CYS C 311 25.50 -2.56 38.60
C CYS C 311 25.47 -1.09 38.18
N GLY C 312 24.37 -0.37 38.46
CA GLY C 312 24.24 1.01 38.01
C GLY C 312 25.10 1.98 38.77
N ARG C 313 25.92 1.45 39.67
CA ARG C 313 26.60 2.23 40.68
C ARG C 313 27.96 2.64 40.13
N ASP C 314 28.28 3.94 40.28
CA ASP C 314 29.56 4.49 39.82
C ASP C 314 29.70 4.38 38.31
N VAL C 315 28.58 4.38 37.59
CA VAL C 315 28.58 4.43 36.13
C VAL C 315 28.31 5.88 35.75
N PRO C 316 29.26 6.60 35.16
CA PRO C 316 29.01 7.99 34.80
C PRO C 316 27.94 8.09 33.72
N THR C 317 26.95 8.96 33.95
CA THR C 317 25.98 9.31 32.92
C THR C 317 26.63 10.23 31.91
N ILE C 318 26.69 9.83 30.65
CA ILE C 318 27.50 10.53 29.66
C ILE C 318 26.73 10.92 28.40
N VAL C 319 25.44 10.60 28.28
CA VAL C 319 24.67 11.02 27.12
C VAL C 319 23.95 12.33 27.47
N ASN C 320 24.22 13.39 26.71
CA ASN C 320 23.79 14.73 27.08
C ASN C 320 22.43 15.11 26.48
N LEU C 321 21.40 14.35 26.86
CA LEU C 321 20.08 14.50 26.29
C LEU C 321 19.04 14.78 27.38
N MET C 322 18.00 15.53 27.01
CA MET C 322 16.84 15.62 27.87
C MET C 322 16.33 14.21 28.16
N PRO C 323 15.81 13.95 29.37
CA PRO C 323 15.58 14.94 30.43
C PRO C 323 16.78 15.34 31.31
N SER C 324 17.84 14.53 31.37
CA SER C 324 18.93 14.87 32.28
C SER C 324 19.80 15.99 31.73
N GLY C 325 20.04 16.01 30.41
CA GLY C 325 20.93 16.94 29.76
C GLY C 325 20.28 17.81 28.69
N LYS C 326 21.05 18.17 27.66
CA LYS C 326 20.71 19.32 26.82
C LYS C 326 20.00 18.95 25.52
N TYR C 327 20.43 17.90 24.82
CA TYR C 327 20.05 17.73 23.43
C TYR C 327 19.00 16.62 23.26
N LEU C 328 18.89 16.14 22.02
CA LEU C 328 17.83 15.25 21.56
C LEU C 328 18.41 14.07 20.80
N MET C 329 17.51 13.13 20.51
CA MET C 329 17.85 11.89 19.80
C MET C 329 18.61 12.16 18.49
N GLU C 330 18.18 13.18 17.74
CA GLU C 330 18.87 13.55 16.52
C GLU C 330 20.37 13.69 16.73
N GLU C 331 20.76 14.55 17.69
CA GLU C 331 22.18 14.82 17.93
C GLU C 331 22.89 13.58 18.48
N PHE C 332 22.17 12.77 19.26
CA PHE C 332 22.76 11.55 19.79
C PHE C 332 23.07 10.58 18.66
N PHE C 333 22.13 10.40 17.73
CA PHE C 333 22.41 9.59 16.55
C PHE C 333 23.64 10.10 15.82
N TYR C 334 23.71 11.43 15.53
CA TYR C 334 24.79 11.99 14.73
C TYR C 334 26.14 11.89 15.44
N ALA C 335 26.14 11.87 16.78
CA ALA C 335 27.36 11.62 17.52
C ALA C 335 27.86 10.19 17.39
N GLY C 336 26.99 9.25 17.04
CA GLY C 336 27.41 7.86 16.97
C GLY C 336 26.48 6.84 17.60
N GLY C 337 25.46 7.30 18.32
CA GLY C 337 24.44 6.41 18.85
C GLY C 337 24.90 5.59 20.04
N LEU C 338 24.25 4.44 20.24
CA LEU C 338 24.58 3.60 21.39
C LEU C 338 25.85 2.77 21.19
N PRO C 339 26.25 2.44 19.96
CA PRO C 339 27.51 1.68 19.80
C PRO C 339 28.68 2.38 20.45
N VAL C 340 28.66 3.71 20.46
CA VAL C 340 29.70 4.50 21.11
C VAL C 340 29.63 4.31 22.62
N VAL C 341 28.47 4.60 23.21
CA VAL C 341 28.29 4.35 24.63
C VAL C 341 28.72 2.93 24.99
N LEU C 342 28.37 1.95 24.17
CA LEU C 342 28.72 0.58 24.52
C LEU C 342 30.22 0.37 24.53
N LYS C 343 30.94 1.00 23.61
CA LYS C 343 32.39 0.89 23.58
C LYS C 343 33.04 1.56 24.78
N ARG C 344 32.56 2.74 25.17
CA ARG C 344 33.11 3.40 26.34
C ARG C 344 32.94 2.53 27.60
N LEU C 345 31.87 1.71 27.67
CA LEU C 345 31.75 0.77 28.78
C LEU C 345 32.82 -0.31 28.73
N GLY C 346 33.12 -0.84 27.54
CA GLY C 346 34.13 -1.87 27.44
C GLY C 346 35.51 -1.36 27.76
N GLU C 347 35.71 -0.05 27.60
CA GLU C 347 37.01 0.53 27.88
C GLU C 347 37.16 0.83 29.36
N ALA C 348 36.05 1.07 30.04
CA ALA C 348 36.06 1.30 31.48
C ALA C 348 36.00 0.00 32.27
N GLY C 349 36.31 -1.13 31.64
CA GLY C 349 36.21 -2.41 32.32
C GLY C 349 34.80 -2.76 32.75
N LEU C 350 33.78 -2.20 32.11
CA LEU C 350 32.40 -2.36 32.54
C LEU C 350 31.51 -3.12 31.57
N LEU C 351 32.03 -3.62 30.46
CA LEU C 351 31.19 -4.31 29.50
C LEU C 351 31.51 -5.80 29.56
N HIS C 352 30.47 -6.62 29.64
CA HIS C 352 30.65 -8.05 29.44
C HIS C 352 30.93 -8.24 27.95
N LYS C 353 32.21 -8.23 27.59
CA LYS C 353 32.58 -7.99 26.20
C LYS C 353 32.19 -9.16 25.28
N ASP C 354 32.15 -10.37 25.82
CA ASP C 354 31.86 -11.53 24.98
C ASP C 354 30.38 -11.87 24.90
N ALA C 355 29.52 -11.05 25.50
CA ALA C 355 28.09 -11.30 25.40
C ALA C 355 27.70 -11.45 23.93
N LEU C 356 26.92 -12.47 23.62
CA LEU C 356 26.55 -12.75 22.24
C LEU C 356 25.33 -11.94 21.83
N THR C 357 25.25 -11.65 20.52
CA THR C 357 24.17 -10.82 19.97
C THR C 357 23.51 -11.52 18.78
N VAL C 358 22.39 -10.96 18.31
CA VAL C 358 21.63 -11.59 17.22
C VAL C 358 22.43 -11.64 15.94
N SER C 359 23.41 -10.76 15.79
CA SER C 359 24.30 -10.83 14.63
C SER C 359 25.17 -12.08 14.65
N GLY C 360 25.33 -12.71 15.81
CA GLY C 360 26.27 -13.80 15.90
C GLY C 360 27.70 -13.39 16.17
N GLU C 361 27.99 -12.09 16.29
CA GLU C 361 29.23 -11.63 16.89
C GLU C 361 28.97 -11.14 18.31
N THR C 362 30.04 -11.01 19.08
CA THR C 362 29.88 -10.45 20.42
C THR C 362 29.60 -8.96 20.36
N VAL C 363 29.06 -8.44 21.45
CA VAL C 363 28.76 -7.01 21.49
C VAL C 363 30.04 -6.19 21.32
N TRP C 364 31.15 -6.67 21.87
CA TRP C 364 32.42 -5.93 21.74
C TRP C 364 32.88 -5.87 20.28
N ASP C 365 32.92 -7.02 19.61
CA ASP C 365 33.29 -7.04 18.20
C ASP C 365 32.41 -6.14 17.36
N GLU C 366 31.13 -6.00 17.72
CA GLU C 366 30.25 -5.10 16.98
C GLU C 366 30.64 -3.63 17.15
N VAL C 367 31.09 -3.22 18.33
CA VAL C 367 31.23 -1.81 18.64
C VAL C 367 32.65 -1.37 18.89
N LYS C 368 33.62 -2.30 18.95
CA LYS C 368 34.94 -1.91 19.44
C LYS C 368 35.63 -0.87 18.56
N ASP C 369 35.15 -0.59 17.34
CA ASP C 369 35.85 0.32 16.44
C ASP C 369 35.08 1.59 16.10
N VAL C 370 33.95 1.87 16.75
CA VAL C 370 33.19 3.07 16.37
C VAL C 370 33.90 4.34 16.87
N VAL C 371 33.52 5.48 16.27
CA VAL C 371 34.15 6.77 16.50
C VAL C 371 33.13 7.72 17.13
N ASN C 372 33.52 8.38 18.21
CA ASN C 372 32.66 9.39 18.83
C ASN C 372 32.78 10.69 18.03
N TRP C 373 31.67 11.18 17.50
CA TRP C 373 31.70 12.32 16.60
C TRP C 373 31.25 13.63 17.25
N ASN C 374 30.94 13.64 18.54
CA ASN C 374 30.53 14.89 19.17
C ASN C 374 30.59 14.71 20.69
N GLU C 375 31.64 15.27 21.30
CA GLU C 375 31.81 15.19 22.74
C GLU C 375 30.93 16.17 23.52
N ASP C 376 30.28 17.12 22.87
CA ASP C 376 29.21 17.85 23.57
C ASP C 376 28.02 16.96 23.86
N VAL C 377 27.86 15.87 23.10
CA VAL C 377 26.68 15.01 23.14
C VAL C 377 26.96 13.70 23.87
N ILE C 378 28.03 13.01 23.49
CA ILE C 378 28.52 11.86 24.22
C ILE C 378 29.79 12.34 24.94
N LEU C 379 29.60 12.78 26.23
CA LEU C 379 30.56 13.57 26.99
C LEU C 379 31.69 12.68 27.51
N PRO C 380 32.92 13.18 27.57
CA PRO C 380 34.00 12.43 28.22
C PRO C 380 33.74 12.29 29.71
N ALA C 381 34.37 11.28 30.32
CA ALA C 381 34.08 10.95 31.72
C ALA C 381 34.23 12.16 32.64
N GLU C 382 35.22 13.02 32.38
CA GLU C 382 35.49 14.17 33.25
C GLU C 382 34.44 15.27 33.09
N LYS C 383 33.65 15.25 32.01
CA LYS C 383 32.56 16.19 31.80
C LYS C 383 31.19 15.55 32.01
N ALA C 384 31.15 14.39 32.69
CA ALA C 384 29.93 13.61 32.84
C ALA C 384 28.86 14.39 33.59
N LEU C 385 27.60 14.13 33.26
CA LEU C 385 26.50 14.77 33.98
C LEU C 385 26.44 14.34 35.43
N THR C 386 26.79 13.09 35.72
CA THR C 386 26.84 12.57 37.07
C THR C 386 27.75 11.36 37.07
N SER C 387 28.49 11.19 38.15
CA SER C 387 29.52 10.18 38.19
C SER C 387 28.95 8.79 38.50
N SER C 388 27.82 8.75 39.19
CA SER C 388 27.10 7.52 39.52
C SER C 388 25.69 7.75 38.99
N GLY C 389 25.47 7.38 37.73
CA GLY C 389 24.22 7.70 37.07
C GLY C 389 23.12 6.69 37.21
N GLY C 390 23.44 5.51 37.76
CA GLY C 390 22.47 4.42 37.81
C GLY C 390 21.31 4.72 38.72
N ILE C 391 20.14 4.21 38.33
CA ILE C 391 18.96 4.34 39.18
C ILE C 391 19.26 3.72 40.54
N VAL C 392 18.69 4.31 41.59
CA VAL C 392 18.98 3.92 42.97
C VAL C 392 17.76 3.23 43.57
N VAL C 393 18.00 2.22 44.41
CA VAL C 393 16.91 1.45 45.02
C VAL C 393 16.84 1.77 46.50
N LEU C 394 15.82 2.54 46.89
CA LEU C 394 15.58 2.85 48.29
C LEU C 394 14.83 1.71 48.96
N ARG C 395 15.16 1.48 50.23
CA ARG C 395 14.49 0.51 51.07
C ARG C 395 14.23 1.14 52.42
N GLY C 396 13.38 0.50 53.19
CA GLY C 396 13.01 1.01 54.50
C GLY C 396 11.60 0.60 54.83
N ASN C 397 11.19 0.95 56.05
CA ASN C 397 9.85 0.61 56.51
C ASN C 397 8.77 1.14 55.56
N LEU C 398 9.06 2.21 54.81
CA LEU C 398 8.07 2.81 53.91
C LEU C 398 8.04 2.12 52.55
N ALA C 399 9.18 1.60 52.08
CA ALA C 399 9.29 0.83 50.85
C ALA C 399 9.91 -0.51 51.22
N PRO C 400 9.17 -1.36 51.91
CA PRO C 400 9.77 -2.62 52.39
C PRO C 400 10.26 -3.49 51.26
N LYS C 401 9.61 -3.41 50.09
CA LYS C 401 10.05 -4.10 48.89
C LYS C 401 10.67 -3.15 47.86
N GLY C 402 10.99 -1.92 48.26
CA GLY C 402 11.82 -1.13 47.39
C GLY C 402 11.08 0.00 46.70
N ALA C 403 11.81 1.07 46.41
CA ALA C 403 11.40 2.15 45.52
C ALA C 403 12.64 2.58 44.74
N VAL C 404 12.44 3.48 43.76
CA VAL C 404 13.54 3.86 42.86
C VAL C 404 13.51 5.34 42.55
N LEU C 405 14.70 5.90 42.27
CA LEU C 405 14.85 7.27 41.81
C LEU C 405 15.95 7.34 40.75
N LYS C 406 15.72 8.18 39.74
CA LYS C 406 16.67 8.44 38.67
C LYS C 406 17.53 9.65 39.01
N PRO C 407 18.77 9.45 39.48
CA PRO C 407 19.52 10.57 40.10
C PRO C 407 20.05 11.60 39.10
N SER C 408 20.25 11.24 37.83
CA SER C 408 20.82 12.15 36.85
C SER C 408 19.83 13.20 36.34
N ALA C 409 18.57 13.16 36.79
CA ALA C 409 17.62 14.24 36.57
C ALA C 409 17.05 14.77 37.89
N ALA C 410 17.74 14.53 39.00
CA ALA C 410 17.29 14.93 40.32
C ALA C 410 18.21 16.00 40.89
N SER C 411 17.66 16.84 41.76
CA SER C 411 18.40 17.92 42.41
C SER C 411 19.32 17.40 43.51
N PRO C 412 20.66 17.42 43.28
CA PRO C 412 21.59 16.88 44.28
C PRO C 412 21.28 17.26 45.73
N HIS C 413 20.85 18.50 45.95
CA HIS C 413 20.68 18.95 47.33
C HIS C 413 19.43 18.39 48.01
N LEU C 414 18.53 17.71 47.28
CA LEU C 414 17.41 16.99 47.88
C LEU C 414 17.64 15.49 47.97
N LEU C 415 18.84 15.00 47.62
CA LEU C 415 19.09 13.56 47.71
C LEU C 415 19.24 13.10 49.16
N VAL C 416 19.52 14.03 50.08
CA VAL C 416 19.39 13.79 51.51
C VAL C 416 18.52 14.91 52.05
N HIS C 417 17.33 14.56 52.55
CA HIS C 417 16.32 15.53 52.92
C HIS C 417 15.32 14.83 53.84
N LYS C 418 14.91 15.53 54.89
CA LYS C 418 13.87 15.10 55.82
C LYS C 418 12.80 16.18 55.85
N GLY C 419 11.53 15.79 55.88
CA GLY C 419 10.49 16.79 55.76
C GLY C 419 9.12 16.32 56.22
N ARG C 420 8.18 17.26 56.21
CA ARG C 420 6.78 16.97 56.53
C ARG C 420 6.07 16.31 55.35
N ALA C 421 5.37 15.21 55.63
CA ALA C 421 4.54 14.55 54.63
C ALA C 421 3.28 15.38 54.36
N VAL C 422 3.05 15.73 53.09
CA VAL C 422 1.76 16.23 52.63
C VAL C 422 1.14 15.10 51.82
N VAL C 423 0.03 14.54 52.31
CA VAL C 423 -0.50 13.27 51.81
C VAL C 423 -1.72 13.54 50.94
N PHE C 424 -1.70 13.01 49.71
CA PHE C 424 -2.86 12.93 48.84
C PHE C 424 -3.28 11.47 48.73
N GLU C 425 -4.57 11.20 48.94
CA GLU C 425 -5.05 9.82 49.03
C GLU C 425 -5.21 9.14 47.68
N ASP C 426 -5.37 9.90 46.60
CA ASP C 426 -5.43 9.35 45.26
C ASP C 426 -5.12 10.49 44.29
N ILE C 427 -5.21 10.21 42.99
CA ILE C 427 -4.85 11.24 42.01
C ILE C 427 -5.91 12.31 41.93
N ASP C 428 -7.16 11.97 42.24
CA ASP C 428 -8.18 13.01 42.33
C ASP C 428 -7.99 13.87 43.57
N ASP C 429 -7.66 13.23 44.69
CA ASP C 429 -7.22 13.96 45.87
C ASP C 429 -6.15 14.97 45.49
N TYR C 430 -5.04 14.48 44.93
CA TYR C 430 -3.96 15.37 44.53
C TYR C 430 -4.47 16.47 43.60
N LYS C 431 -5.21 16.09 42.55
CA LYS C 431 -5.65 17.06 41.56
C LYS C 431 -6.59 18.10 42.15
N ALA C 432 -7.33 17.75 43.22
CA ALA C 432 -8.25 18.70 43.84
C ALA C 432 -7.56 19.62 44.85
N LYS C 433 -6.36 19.29 45.32
CA LYS C 433 -5.67 20.09 46.34
C LYS C 433 -4.48 20.86 45.83
N ILE C 434 -3.80 20.39 44.78
CA ILE C 434 -2.47 20.91 44.49
C ILE C 434 -2.49 22.40 44.23
N ASN C 435 -3.57 22.92 43.63
CA ASN C 435 -3.67 24.33 43.26
C ASN C 435 -4.42 25.18 44.27
N ASP C 436 -5.09 24.55 45.24
CA ASP C 436 -5.67 25.25 46.37
C ASP C 436 -4.58 25.98 47.13
N ASP C 437 -4.60 27.33 47.10
CA ASP C 437 -3.59 28.09 47.84
C ASP C 437 -3.68 27.84 49.34
N ASN C 438 -4.83 27.36 49.81
CA ASN C 438 -5.06 27.03 51.21
C ASN C 438 -4.41 25.71 51.62
N LEU C 439 -3.66 25.07 50.74
CA LEU C 439 -2.93 23.86 51.09
C LEU C 439 -1.71 24.21 51.95
N ASP C 440 -1.50 23.46 53.03
CA ASP C 440 -0.42 23.76 53.96
C ASP C 440 0.87 23.05 53.52
N ILE C 441 1.66 23.74 52.71
CA ILE C 441 2.82 23.10 52.07
C ILE C 441 3.87 24.15 51.78
N ASP C 442 5.12 23.82 52.07
CA ASP C 442 6.25 24.67 51.68
C ASP C 442 7.23 23.84 50.84
N GLU C 443 8.27 24.50 50.38
CA GLU C 443 9.24 23.86 49.50
C GLU C 443 10.03 22.75 50.19
N ASN C 444 10.03 22.70 51.53
CA ASN C 444 10.75 21.66 52.24
C ASN C 444 9.89 20.44 52.54
N CYS C 445 8.57 20.55 52.32
CA CYS C 445 7.63 19.46 52.54
C CYS C 445 7.96 18.27 51.64
N ILE C 446 7.23 17.17 51.87
CA ILE C 446 7.42 15.93 51.14
C ILE C 446 6.05 15.45 50.67
N MET C 447 5.77 15.62 49.37
CA MET C 447 4.51 15.18 48.80
C MET C 447 4.42 13.65 48.71
N VAL C 448 3.27 13.10 49.11
CA VAL C 448 3.07 11.66 49.19
C VAL C 448 1.75 11.31 48.52
N MET C 449 1.79 10.33 47.62
CA MET C 449 0.59 9.91 46.90
C MET C 449 0.43 8.40 46.96
N LYS C 450 -0.80 7.94 47.18
CA LYS C 450 -1.08 6.50 47.19
C LYS C 450 -2.19 6.17 46.19
N ASN C 451 -2.39 4.86 46.00
CA ASN C 451 -3.47 4.31 45.21
C ASN C 451 -3.26 4.57 43.72
N CYS C 452 -1.99 4.54 43.28
CA CYS C 452 -1.66 4.78 41.88
C CYS C 452 -0.77 3.67 41.31
N GLY C 453 -0.67 2.53 41.99
CA GLY C 453 0.10 1.41 41.50
C GLY C 453 -0.69 0.50 40.59
N PRO C 454 -0.13 -0.69 40.27
CA PRO C 454 -0.85 -1.67 39.44
C PRO C 454 -2.33 -1.85 39.76
N LYS C 455 -2.67 -2.32 40.96
CA LYS C 455 -4.09 -2.53 41.26
C LYS C 455 -4.81 -1.22 41.56
N GLY C 456 -4.10 -0.21 42.08
CA GLY C 456 -4.77 0.96 42.62
C GLY C 456 -5.18 2.02 41.62
N TYR C 457 -4.46 2.17 40.50
CA TYR C 457 -4.82 3.24 39.58
C TYR C 457 -6.14 2.98 38.86
N PRO C 458 -6.31 1.86 38.11
CA PRO C 458 -5.41 0.71 37.91
C PRO C 458 -4.38 0.93 36.80
N GLY C 459 -3.35 0.10 36.75
CA GLY C 459 -2.40 0.14 35.66
C GLY C 459 -1.06 0.80 35.97
N MET C 460 -0.94 1.53 37.07
CA MET C 460 0.33 2.19 37.41
C MET C 460 0.68 3.28 36.39
N ALA C 461 -0.16 4.31 36.39
CA ALA C 461 0.03 5.49 35.55
C ALA C 461 1.31 6.23 35.91
N GLU C 462 1.73 7.09 34.99
CA GLU C 462 2.92 7.92 35.17
C GLU C 462 2.50 9.25 35.79
N VAL C 463 2.14 9.20 37.06
CA VAL C 463 1.73 10.39 37.80
C VAL C 463 2.62 10.65 39.02
N GLY C 464 3.80 10.01 39.08
CA GLY C 464 4.65 10.13 40.25
C GLY C 464 5.39 11.45 40.32
N ASN C 465 5.61 12.08 39.16
CA ASN C 465 6.28 13.38 39.05
C ASN C 465 5.27 14.51 39.19
N MET C 466 4.65 14.59 40.38
CA MET C 466 3.51 15.49 40.59
C MET C 466 3.92 16.94 40.34
N GLY C 467 3.03 17.68 39.68
CA GLY C 467 3.25 19.11 39.52
C GLY C 467 3.41 19.80 40.86
N LEU C 468 4.32 20.77 40.91
CA LEU C 468 4.56 21.46 42.17
C LEU C 468 3.46 22.47 42.45
N PRO C 469 3.28 22.85 43.72
CA PRO C 469 2.21 23.81 44.07
C PRO C 469 2.49 25.18 43.49
N PRO C 470 1.50 25.82 42.86
CA PRO C 470 1.78 27.09 42.17
C PRO C 470 2.45 28.10 43.08
N LYS C 471 2.18 28.06 44.38
CA LYS C 471 2.78 29.04 45.29
C LYS C 471 4.23 28.70 45.64
N VAL C 472 4.61 27.44 45.56
CA VAL C 472 6.04 27.11 45.60
C VAL C 472 6.69 27.37 44.24
N LEU C 473 5.91 27.31 43.16
CA LEU C 473 6.46 27.48 41.83
C LEU C 473 6.75 28.96 41.54
N LYS C 474 6.01 29.85 42.18
CA LYS C 474 6.18 31.27 41.91
C LYS C 474 7.36 31.88 42.67
N LYS C 475 7.92 31.15 43.64
CA LYS C 475 9.21 31.50 44.21
C LYS C 475 10.38 30.98 43.38
N GLY C 476 10.13 30.56 42.14
CA GLY C 476 11.20 30.04 41.30
C GLY C 476 11.81 28.72 41.76
N ILE C 477 11.10 27.95 42.58
CA ILE C 477 11.53 26.63 43.03
C ILE C 477 10.89 25.60 42.11
N LEU C 478 11.72 24.76 41.46
CA LEU C 478 11.19 23.82 40.47
C LEU C 478 11.12 22.36 40.94
N ASP C 479 11.85 21.97 42.01
CA ASP C 479 11.92 20.58 42.43
C ASP C 479 11.50 20.40 43.88
N MET C 480 10.72 19.34 44.14
CA MET C 480 10.37 18.94 45.49
C MET C 480 10.46 17.41 45.62
N VAL C 481 10.70 16.95 46.84
CA VAL C 481 10.79 15.52 47.14
C VAL C 481 9.39 14.92 47.06
N ARG C 482 9.16 14.04 46.09
CA ARG C 482 7.86 13.41 45.92
C ARG C 482 7.97 11.88 46.04
N ILE C 483 6.93 11.26 46.60
CA ILE C 483 6.88 9.82 46.85
C ILE C 483 5.50 9.31 46.45
N SER C 484 5.48 8.19 45.73
CA SER C 484 4.21 7.56 45.34
C SER C 484 4.49 6.13 44.91
N ASP C 485 3.40 5.39 44.68
CA ASP C 485 3.50 4.03 44.19
C ASP C 485 3.36 3.95 42.68
N ALA C 486 3.54 5.07 41.98
CA ALA C 486 3.34 5.17 40.54
C ALA C 486 4.68 5.10 39.79
N ARG C 487 4.60 5.27 38.46
CA ARG C 487 5.73 5.55 37.59
C ARG C 487 5.72 7.04 37.24
N MET C 488 6.84 7.53 36.70
CA MET C 488 6.76 8.75 35.89
C MET C 488 7.12 8.43 34.45
N SER C 489 6.75 9.36 33.56
CA SER C 489 7.24 9.27 32.19
C SER C 489 8.76 9.16 32.21
N GLY C 490 9.31 8.43 31.24
CA GLY C 490 10.76 8.43 31.06
C GLY C 490 11.32 9.81 30.75
N THR C 491 10.48 10.70 30.20
CA THR C 491 10.86 12.07 29.87
C THR C 491 10.80 13.03 31.06
N ALA C 492 10.37 12.56 32.24
CA ALA C 492 10.23 13.40 33.41
C ALA C 492 11.56 13.52 34.18
N TYR C 493 11.58 14.49 35.10
CA TYR C 493 12.77 14.81 35.89
C TYR C 493 12.31 15.22 37.28
N GLY C 494 13.28 15.42 38.17
CA GLY C 494 13.02 15.81 39.54
C GLY C 494 13.47 14.75 40.52
N THR C 495 13.48 15.14 41.80
CA THR C 495 13.78 14.23 42.91
C THR C 495 12.53 13.43 43.25
N VAL C 496 12.23 12.44 42.41
CA VAL C 496 10.99 11.67 42.48
C VAL C 496 11.31 10.23 42.88
N VAL C 497 10.57 9.74 43.87
CA VAL C 497 10.74 8.41 44.43
C VAL C 497 9.56 7.58 43.96
N LEU C 498 9.83 6.51 43.21
CA LEU C 498 8.80 5.83 42.45
C LEU C 498 8.75 4.34 42.79
N HIS C 499 7.68 3.70 42.33
CA HIS C 499 7.47 2.26 42.48
C HIS C 499 7.46 1.83 43.94
N THR C 500 6.95 2.68 44.82
CA THR C 500 6.97 2.32 46.23
C THR C 500 6.16 1.05 46.46
N SER C 501 6.83 -0.04 46.83
CA SER C 501 6.25 -1.38 46.88
C SER C 501 6.38 -1.97 48.28
N PRO C 502 5.35 -2.68 48.77
CA PRO C 502 4.06 -2.90 48.09
C PRO C 502 3.29 -1.62 47.87
N GLU C 503 2.48 -1.58 46.81
CA GLU C 503 1.63 -0.41 46.57
C GLU C 503 0.62 -0.25 47.71
N ALA C 504 -0.04 0.92 47.73
CA ALA C 504 -1.02 1.18 48.78
C ALA C 504 -2.27 0.33 48.61
N ALA C 505 -2.69 0.07 47.37
CA ALA C 505 -3.93 -0.65 47.14
C ALA C 505 -3.89 -2.08 47.67
N VAL C 506 -2.71 -2.60 48.00
CA VAL C 506 -2.59 -3.96 48.53
C VAL C 506 -2.18 -3.97 49.99
N GLY C 507 -2.27 -2.85 50.69
CA GLY C 507 -1.97 -2.80 52.11
C GLY C 507 -0.51 -2.55 52.46
N GLY C 508 0.31 -2.09 51.53
CA GLY C 508 1.67 -1.72 51.86
C GLY C 508 1.73 -0.58 52.87
N PRO C 509 2.89 -0.41 53.51
CA PRO C 509 3.00 0.67 54.51
C PRO C 509 2.64 2.05 53.97
N LEU C 510 2.88 2.33 52.68
CA LEU C 510 2.56 3.66 52.15
C LEU C 510 1.09 4.01 52.42
N ALA C 511 0.22 3.01 52.46
CA ALA C 511 -1.21 3.25 52.59
C ALA C 511 -1.57 4.02 53.85
N VAL C 512 -0.76 3.90 54.91
CA VAL C 512 -1.12 4.46 56.22
C VAL C 512 -0.35 5.73 56.55
N VAL C 513 0.43 6.27 55.60
CA VAL C 513 1.09 7.55 55.83
C VAL C 513 0.03 8.61 56.12
N LYS C 514 0.23 9.36 57.21
CA LYS C 514 -0.72 10.39 57.62
C LYS C 514 -0.12 11.77 57.44
N ASN C 515 -0.99 12.76 57.22
CA ASN C 515 -0.49 14.13 57.10
C ASN C 515 0.24 14.51 58.38
N GLY C 516 1.40 15.13 58.23
CA GLY C 516 2.17 15.51 59.40
C GLY C 516 3.36 14.61 59.68
N ASP C 517 3.23 13.30 59.46
CA ASP C 517 4.35 12.40 59.67
C ASP C 517 5.61 12.95 59.00
N MET C 518 6.76 12.61 59.56
CA MET C 518 8.03 12.95 58.96
C MET C 518 8.64 11.74 58.26
N ILE C 519 9.34 12.04 57.16
CA ILE C 519 9.98 11.03 56.33
C ILE C 519 11.39 11.52 56.03
N GLU C 520 12.36 10.62 56.16
CA GLU C 520 13.72 10.88 55.73
C GLU C 520 14.00 10.22 54.39
N LEU C 521 14.84 10.87 53.59
CA LEU C 521 15.27 10.37 52.29
C LEU C 521 16.78 10.45 52.22
N ASP C 522 17.43 9.31 51.94
CA ASP C 522 18.89 9.19 52.03
C ASP C 522 19.42 8.35 50.84
N VAL C 523 19.58 9.02 49.69
CA VAL C 523 20.06 8.31 48.50
C VAL C 523 21.40 7.63 48.75
N PRO C 524 22.42 8.29 49.30
CA PRO C 524 23.71 7.60 49.49
C PRO C 524 23.61 6.29 50.29
N ASN C 525 22.70 6.20 51.26
CA ASN C 525 22.53 4.98 52.06
C ASN C 525 21.30 4.18 51.66
N ARG C 526 20.74 4.44 50.48
CA ARG C 526 19.61 3.67 49.97
C ARG C 526 18.55 3.47 51.06
N ARG C 527 18.22 4.56 51.75
CA ARG C 527 17.31 4.51 52.88
C ARG C 527 16.09 5.39 52.63
N LEU C 528 14.90 4.83 52.89
CA LEU C 528 13.63 5.55 52.85
C LEU C 528 12.83 5.20 54.10
N HIS C 529 12.70 6.15 55.04
CA HIS C 529 12.21 5.86 56.39
C HIS C 529 11.08 6.79 56.80
N LEU C 530 9.95 6.21 57.21
CA LEU C 530 8.84 6.95 57.83
C LEU C 530 9.05 7.00 59.34
N ASP C 531 9.11 8.21 59.91
CA ASP C 531 9.54 8.42 61.29
C ASP C 531 8.36 8.26 62.24
N ILE C 532 7.98 7.02 62.47
CA ILE C 532 6.96 6.67 63.44
C ILE C 532 7.33 5.33 64.04
N SER C 533 6.74 5.02 65.18
CA SER C 533 7.18 3.86 65.95
C SER C 533 6.71 2.56 65.29
N ASP C 534 7.51 1.51 65.48
CA ASP C 534 7.15 0.20 64.95
C ASP C 534 5.79 -0.27 65.47
N GLU C 535 5.42 0.16 66.68
CA GLU C 535 4.09 -0.16 67.19
C GLU C 535 3.01 0.68 66.52
N GLU C 536 3.33 1.94 66.19
CA GLU C 536 2.35 2.79 65.54
C GLU C 536 2.13 2.38 64.08
N LEU C 537 3.21 2.10 63.35
CA LEU C 537 3.06 1.57 62.00
C LEU C 537 2.30 0.26 62.01
N ALA C 538 2.80 -0.70 62.79
CA ALA C 538 2.11 -1.98 62.95
C ALA C 538 0.62 -1.79 63.23
N ARG C 539 0.30 -0.88 64.16
CA ARG C 539 -1.08 -0.74 64.59
C ARG C 539 -1.93 -0.06 63.51
N ARG C 540 -1.36 0.94 62.82
CA ARG C 540 -2.07 1.60 61.71
C ARG C 540 -2.40 0.63 60.58
N LEU C 541 -1.47 -0.28 60.24
CA LEU C 541 -1.72 -1.27 59.21
C LEU C 541 -2.90 -2.15 59.56
N ALA C 542 -3.03 -2.50 60.84
CA ALA C 542 -4.15 -3.33 61.26
C ALA C 542 -5.51 -2.66 61.00
N GLU C 543 -5.52 -1.39 60.59
CA GLU C 543 -6.75 -0.66 60.29
C GLU C 543 -7.13 -0.69 58.81
N TRP C 544 -6.17 -1.01 57.94
CA TRP C 544 -6.33 -0.85 56.51
C TRP C 544 -7.34 -1.83 55.94
N GLN C 545 -8.12 -1.36 54.97
CA GLN C 545 -9.10 -2.16 54.27
C GLN C 545 -8.93 -1.97 52.76
N PRO C 546 -9.32 -2.96 51.98
CA PRO C 546 -9.24 -2.82 50.51
C PRO C 546 -9.96 -1.61 49.97
N ASN C 547 -9.87 -1.38 48.67
CA ASN C 547 -10.41 -0.19 48.03
C ASN C 547 -11.90 -0.43 47.73
N HIS C 548 -12.51 0.49 46.99
CA HIS C 548 -13.96 0.53 46.80
C HIS C 548 -14.42 0.10 45.41
N ASP C 549 -13.76 0.56 44.36
CA ASP C 549 -14.20 0.35 42.97
C ASP C 549 -13.76 -1.02 42.42
N LEU C 550 -13.95 -2.09 43.18
CA LEU C 550 -13.31 -3.33 42.74
C LEU C 550 -14.08 -3.93 41.56
N PRO C 551 -13.41 -4.26 40.46
CA PRO C 551 -14.14 -4.70 39.26
C PRO C 551 -14.52 -6.17 39.34
N THR C 552 -15.75 -6.48 38.91
CA THR C 552 -16.28 -7.84 39.00
C THR C 552 -16.20 -8.61 37.69
N SER C 553 -15.80 -8.00 36.58
CA SER C 553 -15.75 -8.73 35.32
C SER C 553 -14.77 -8.05 34.36
N GLY C 554 -14.55 -8.70 33.21
CA GLY C 554 -13.74 -8.13 32.14
C GLY C 554 -12.25 -8.12 32.44
N TYR C 555 -11.51 -7.50 31.53
CA TYR C 555 -10.06 -7.47 31.70
C TYR C 555 -9.67 -6.78 33.01
N ALA C 556 -10.43 -5.78 33.43
CA ALA C 556 -10.14 -5.11 34.70
C ALA C 556 -10.11 -6.13 35.83
N PHE C 557 -11.12 -6.99 35.86
CA PHE C 557 -11.13 -8.12 36.79
C PHE C 557 -9.84 -8.93 36.70
N LEU C 558 -9.55 -9.48 35.51
CA LEU C 558 -8.38 -10.32 35.35
C LEU C 558 -7.12 -9.63 35.85
N HIS C 559 -6.98 -8.34 35.53
CA HIS C 559 -5.83 -7.57 35.96
C HIS C 559 -5.83 -7.40 37.47
N GLN C 560 -6.95 -6.94 38.01
CA GLN C 560 -7.05 -6.75 39.45
C GLN C 560 -6.80 -8.04 40.20
N GLN C 561 -7.04 -9.20 39.59
CA GLN C 561 -6.82 -10.47 40.27
C GLN C 561 -5.38 -10.98 40.18
N HIS C 562 -4.64 -10.67 39.12
CA HIS C 562 -3.40 -11.38 38.86
C HIS C 562 -2.14 -10.52 38.75
N VAL C 563 -2.26 -9.19 38.71
CA VAL C 563 -1.07 -8.39 38.48
C VAL C 563 -0.15 -8.48 39.69
N GLU C 564 1.14 -8.55 39.44
CA GLU C 564 2.14 -8.57 40.49
C GLU C 564 2.68 -7.16 40.69
N GLY C 565 3.46 -7.01 41.76
CA GLY C 565 3.94 -5.71 42.14
C GLY C 565 4.98 -5.21 41.17
N ALA C 566 5.25 -3.90 41.27
CA ALA C 566 6.26 -3.26 40.44
C ALA C 566 7.67 -3.75 40.74
N ASP C 567 7.90 -4.35 41.91
CA ASP C 567 9.27 -4.73 42.28
C ASP C 567 9.71 -6.03 41.62
N THR C 568 8.79 -6.77 41.02
CA THR C 568 9.10 -7.98 40.27
C THR C 568 8.88 -7.80 38.79
N GLY C 569 8.43 -6.61 38.35
CA GLY C 569 8.15 -6.31 36.96
C GLY C 569 6.69 -6.16 36.61
N ALA C 570 5.77 -6.31 37.58
CA ALA C 570 4.34 -6.06 37.37
C ALA C 570 3.77 -6.88 36.23
N ASP C 571 4.10 -8.18 36.22
CA ASP C 571 3.51 -9.15 35.31
C ASP C 571 2.22 -9.69 35.92
N LEU C 572 1.52 -10.52 35.13
CA LEU C 572 0.50 -11.40 35.66
C LEU C 572 1.16 -12.69 36.10
N ASP C 573 0.78 -13.18 37.28
CA ASP C 573 1.46 -14.33 37.84
C ASP C 573 1.38 -15.53 36.91
N PHE C 574 0.25 -15.73 36.24
CA PHE C 574 0.14 -16.96 35.45
C PHE C 574 0.85 -16.87 34.10
N LEU C 575 1.45 -15.73 33.76
CA LEU C 575 2.18 -15.57 32.52
C LEU C 575 3.69 -15.70 32.70
N LYS C 576 4.19 -15.71 33.92
CA LYS C 576 5.61 -15.78 34.12
C LYS C 576 6.16 -17.14 33.66
N GLY C 577 7.46 -17.16 33.36
CA GLY C 577 8.12 -18.37 32.90
C GLY C 577 8.13 -18.44 31.39
N CYS C 578 8.68 -19.55 30.89
CA CYS C 578 8.73 -19.84 29.48
C CYS C 578 7.97 -21.12 29.19
N ARG C 579 7.07 -21.07 28.21
CA ARG C 579 6.23 -22.20 27.92
C ARG C 579 6.59 -22.88 26.60
N GLY C 580 7.60 -22.39 25.88
CA GLY C 580 8.11 -23.11 24.71
C GLY C 580 7.32 -22.93 23.44
N ASN C 581 7.64 -23.80 22.46
CA ASN C 581 7.08 -23.63 21.12
C ASN C 581 6.64 -24.94 20.49
N ALA C 582 6.25 -25.91 21.32
CA ALA C 582 5.72 -27.15 20.77
C ALA C 582 4.45 -26.88 19.98
N VAL C 583 4.33 -27.52 18.83
CA VAL C 583 3.10 -27.44 18.05
C VAL C 583 2.02 -28.26 18.72
N GLY C 584 0.86 -27.64 18.96
CA GLY C 584 -0.25 -28.36 19.56
C GLY C 584 -0.86 -29.42 18.65
N LYS C 585 -1.92 -30.03 19.15
CA LYS C 585 -2.70 -30.94 18.32
C LYS C 585 -3.10 -30.21 17.04
N ASP C 586 -3.61 -30.91 16.04
CA ASP C 586 -4.01 -30.21 14.83
C ASP C 586 -5.49 -29.79 14.88
N SER C 587 -5.83 -28.88 13.95
CA SER C 587 -7.14 -28.27 13.80
C SER C 587 -8.24 -29.28 13.48
N LEU C 588 -7.88 -30.41 12.89
CA LEU C 588 -8.81 -31.42 12.38
C LEU C 588 -8.19 -32.82 12.43
N ALA D 14 -30.66 10.67 19.49
CA ALA D 14 -29.86 11.55 20.32
C ALA D 14 -29.60 12.83 19.55
N GLU D 15 -29.04 13.84 20.21
CA GLU D 15 -28.92 15.16 19.62
C GLU D 15 -27.52 15.37 19.04
N TRP D 16 -27.45 16.20 18.01
CA TRP D 16 -26.23 16.46 17.28
C TRP D 16 -26.24 17.89 16.80
N PRO D 17 -25.17 18.67 17.00
CA PRO D 17 -23.91 18.32 17.68
C PRO D 17 -23.99 17.98 19.19
N ARG D 18 -22.93 17.32 19.64
CA ARG D 18 -22.78 16.91 21.01
C ARG D 18 -21.36 16.40 21.15
N LYS D 19 -20.89 16.35 22.38
CA LYS D 19 -19.52 15.93 22.70
C LYS D 19 -19.46 14.40 22.70
N LEU D 20 -18.80 13.81 21.70
CA LEU D 20 -18.58 12.37 21.71
C LEU D 20 -17.39 12.01 22.57
N ARG D 21 -17.28 10.72 22.90
CA ARG D 21 -16.26 10.29 23.86
C ARG D 21 -14.83 10.53 23.37
N SER D 22 -14.61 10.81 22.08
CA SER D 22 -13.25 11.03 21.61
C SER D 22 -12.73 12.38 22.05
N GLN D 23 -13.62 13.34 22.29
CA GLN D 23 -13.23 14.64 22.78
C GLN D 23 -12.60 14.59 24.18
N GLU D 24 -12.80 13.51 24.95
CA GLU D 24 -12.07 13.34 26.21
C GLU D 24 -10.58 13.28 25.97
N TRP D 25 -10.17 13.02 24.74
CA TRP D 25 -8.78 13.01 24.31
C TRP D 25 -8.40 14.25 23.50
N TYR D 26 -9.29 14.73 22.61
CA TYR D 26 -8.90 15.62 21.53
C TYR D 26 -9.60 16.98 21.51
N GLY D 27 -10.55 17.23 22.39
CA GLY D 27 -11.20 18.53 22.49
C GLY D 27 -10.55 19.41 23.54
N GLY D 28 -10.47 20.70 23.25
CA GLY D 28 -10.04 21.67 24.24
C GLY D 28 -8.57 22.01 24.18
N THR D 29 -8.06 22.47 25.32
CA THR D 29 -6.76 23.14 25.38
C THR D 29 -5.82 22.68 26.48
N SER D 30 -6.24 21.75 27.35
CA SER D 30 -5.38 21.35 28.46
C SER D 30 -4.12 20.68 27.94
N ARG D 31 -3.04 20.78 28.73
CA ARG D 31 -1.83 20.02 28.39
C ARG D 31 -2.15 18.56 28.07
N ASP D 32 -3.16 17.96 28.72
CA ASP D 32 -3.47 16.56 28.44
C ASP D 32 -3.92 16.36 26.99
N VAL D 33 -4.68 17.31 26.45
CA VAL D 33 -5.19 17.20 25.08
C VAL D 33 -4.18 17.70 24.04
N ILE D 34 -3.31 18.65 24.41
CA ILE D 34 -2.14 18.96 23.58
C ILE D 34 -1.31 17.71 23.36
N TYR D 35 -1.17 16.90 24.41
CA TYR D 35 -0.43 15.64 24.29
C TYR D 35 -1.10 14.70 23.33
N HIS D 36 -2.38 14.39 23.58
CA HIS D 36 -3.07 13.40 22.74
C HIS D 36 -3.18 13.90 21.30
N ARG D 37 -3.82 15.07 21.13
CA ARG D 37 -4.02 15.62 19.79
C ARG D 37 -2.68 15.93 19.12
N GLY D 38 -1.74 16.50 19.87
CA GLY D 38 -0.45 16.86 19.28
C GLY D 38 0.34 15.67 18.78
N TRP D 39 0.29 14.55 19.48
CA TRP D 39 1.08 13.40 19.05
C TRP D 39 0.46 12.71 17.83
N LEU D 40 -0.88 12.65 17.76
CA LEU D 40 -1.49 12.04 16.60
C LEU D 40 -1.28 12.89 15.35
N LYS D 41 -1.04 14.20 15.52
CA LYS D 41 -0.81 15.05 14.36
C LYS D 41 0.51 14.73 13.67
N ASN D 42 1.34 13.89 14.26
CA ASN D 42 2.63 13.60 13.68
C ASN D 42 2.53 12.77 12.40
N GLN D 43 1.30 12.46 11.97
CA GLN D 43 1.05 11.74 10.73
C GLN D 43 0.39 12.61 9.67
N GLY D 44 0.35 13.92 9.87
CA GLY D 44 -0.25 14.84 8.91
C GLY D 44 -1.76 14.80 8.88
N TYR D 45 -2.40 15.29 9.94
CA TYR D 45 -3.83 15.42 10.03
C TYR D 45 -4.22 16.88 10.20
N PRO D 46 -5.09 17.43 9.36
CA PRO D 46 -5.59 18.78 9.61
C PRO D 46 -6.11 18.92 11.04
N HIS D 47 -6.00 20.15 11.58
CA HIS D 47 -6.42 20.39 12.95
C HIS D 47 -7.92 20.13 13.14
N ASP D 48 -8.75 20.53 12.17
CA ASP D 48 -10.21 20.40 12.29
C ASP D 48 -10.71 18.96 12.31
N LEU D 49 -9.85 17.98 11.99
CA LEU D 49 -10.28 16.60 12.20
C LEU D 49 -10.64 16.36 13.65
N PHE D 50 -10.05 17.13 14.56
CA PHE D 50 -10.24 16.93 16.00
C PHE D 50 -11.40 17.75 16.56
N ASP D 51 -12.24 18.32 15.72
CA ASP D 51 -13.27 19.25 16.15
C ASP D 51 -14.45 18.57 16.85
N GLY D 52 -14.47 17.25 16.95
CA GLY D 52 -15.62 16.56 17.50
C GLY D 52 -16.45 15.80 16.49
N ARG D 53 -16.13 15.90 15.19
CA ARG D 53 -16.70 14.98 14.23
C ARG D 53 -16.39 13.55 14.66
N PRO D 54 -17.16 12.57 14.18
CA PRO D 54 -17.03 11.20 14.70
C PRO D 54 -15.71 10.56 14.29
N VAL D 55 -15.05 9.96 15.28
CA VAL D 55 -13.78 9.28 15.11
C VAL D 55 -14.06 7.78 15.00
N ILE D 56 -13.82 7.20 13.84
CA ILE D 56 -14.28 5.85 13.52
C ILE D 56 -13.10 4.89 13.59
N GLY D 57 -13.19 3.92 14.50
CA GLY D 57 -12.24 2.81 14.53
C GLY D 57 -12.59 1.75 13.49
N ILE D 58 -11.60 1.35 12.71
CA ILE D 58 -11.80 0.30 11.71
C ILE D 58 -11.04 -0.93 12.16
N LEU D 59 -11.68 -1.78 12.93
CA LEU D 59 -11.05 -2.99 13.45
C LEU D 59 -10.81 -3.96 12.30
N ASN D 60 -9.56 -4.32 12.05
CA ASN D 60 -9.20 -5.08 10.86
C ASN D 60 -8.49 -6.35 11.24
N THR D 61 -9.08 -7.49 10.88
CA THR D 61 -8.51 -8.79 11.19
C THR D 61 -7.70 -9.34 10.03
N TRP D 62 -7.26 -8.46 9.14
CA TRP D 62 -6.31 -8.83 8.09
C TRP D 62 -5.04 -9.45 8.69
N SER D 63 -4.34 -10.22 7.86
CA SER D 63 -3.10 -10.87 8.28
C SER D 63 -2.57 -11.79 7.18
N ASP D 64 -1.28 -11.72 6.87
CA ASP D 64 -0.70 -12.72 5.98
C ASP D 64 -0.97 -14.13 6.49
N MET D 65 -1.22 -14.31 7.79
CA MET D 65 -1.50 -15.64 8.29
C MET D 65 -2.99 -15.88 8.53
N THR D 66 -3.85 -15.00 8.02
CA THR D 66 -5.28 -15.24 7.89
C THR D 66 -5.64 -15.13 6.41
N PRO D 67 -5.26 -16.12 5.60
CA PRO D 67 -5.41 -15.93 4.15
C PRO D 67 -6.85 -15.73 3.71
N CYS D 68 -7.84 -16.29 4.42
CA CYS D 68 -9.25 -16.05 4.05
C CYS D 68 -9.64 -14.58 4.10
N ASN D 69 -8.91 -13.76 4.86
CA ASN D 69 -9.15 -12.32 4.92
C ASN D 69 -8.05 -11.51 4.21
N GLY D 70 -7.34 -12.11 3.25
CA GLY D 70 -6.14 -11.50 2.69
C GLY D 70 -6.35 -10.20 1.95
N HIS D 71 -7.58 -9.88 1.58
CA HIS D 71 -7.90 -8.66 0.87
C HIS D 71 -8.55 -7.60 1.75
N LEU D 72 -8.59 -7.82 3.07
CA LEU D 72 -9.29 -6.87 3.96
C LEU D 72 -8.55 -5.54 4.12
N ARG D 73 -7.24 -5.47 3.81
CA ARG D 73 -6.58 -4.16 3.77
C ARG D 73 -7.20 -3.28 2.69
N GLU D 74 -7.43 -3.85 1.49
CA GLU D 74 -8.11 -3.10 0.43
C GLU D 74 -9.54 -2.75 0.85
N LEU D 75 -10.26 -3.69 1.47
CA LEU D 75 -11.57 -3.34 2.02
C LEU D 75 -11.47 -2.18 2.99
N ALA D 76 -10.44 -2.17 3.85
CA ALA D 76 -10.25 -1.07 4.79
C ALA D 76 -10.16 0.28 4.07
N GLU D 77 -9.37 0.36 2.98
CA GLU D 77 -9.24 1.64 2.27
C GLU D 77 -10.59 2.13 1.77
N LYS D 78 -11.43 1.21 1.30
CA LYS D 78 -12.77 1.58 0.83
C LYS D 78 -13.63 2.10 1.97
N VAL D 79 -13.53 1.50 3.15
CA VAL D 79 -14.28 2.00 4.30
C VAL D 79 -13.82 3.40 4.66
N LYS D 80 -12.50 3.63 4.61
CA LYS D 80 -11.95 4.94 4.95
C LYS D 80 -12.55 6.03 4.06
N ALA D 81 -12.59 5.79 2.75
CA ALA D 81 -13.17 6.78 1.84
C ALA D 81 -14.61 7.08 2.21
N GLY D 82 -15.35 6.06 2.64
CA GLY D 82 -16.71 6.29 3.11
C GLY D 82 -16.75 7.23 4.31
N VAL D 83 -15.90 6.98 5.32
CA VAL D 83 -15.87 7.84 6.50
C VAL D 83 -15.47 9.27 6.10
N TRP D 84 -14.37 9.42 5.36
CA TRP D 84 -14.00 10.74 4.83
C TRP D 84 -15.21 11.46 4.21
N GLU D 85 -15.83 10.85 3.20
CA GLU D 85 -16.98 11.46 2.55
C GLU D 85 -18.04 11.89 3.58
N ALA D 86 -18.43 10.96 4.46
CA ALA D 86 -19.47 11.15 5.47
C ALA D 86 -19.12 12.20 6.53
N GLY D 87 -17.90 12.74 6.53
CA GLY D 87 -17.54 13.79 7.46
C GLY D 87 -16.90 13.32 8.74
N GLY D 88 -16.42 12.07 8.78
CA GLY D 88 -15.77 11.52 9.95
C GLY D 88 -14.25 11.45 9.78
N PHE D 89 -13.63 10.92 10.81
CA PHE D 89 -12.17 10.80 10.88
C PHE D 89 -11.84 9.32 11.02
N PRO D 90 -11.51 8.63 9.92
CA PRO D 90 -11.28 7.18 9.98
C PRO D 90 -9.89 6.82 10.46
N LEU D 91 -9.80 5.73 11.21
CA LEU D 91 -8.53 5.27 11.77
C LEU D 91 -8.55 3.74 11.83
N GLU D 92 -7.58 3.10 11.18
CA GLU D 92 -7.51 1.64 11.09
C GLU D 92 -6.75 1.06 12.28
N VAL D 93 -7.37 0.10 12.95
CA VAL D 93 -6.78 -0.54 14.13
C VAL D 93 -6.78 -2.05 13.92
N PRO D 94 -5.64 -2.67 13.65
CA PRO D 94 -5.63 -4.13 13.53
C PRO D 94 -6.00 -4.77 14.86
N VAL D 95 -6.59 -5.97 14.77
CA VAL D 95 -6.94 -6.70 15.97
C VAL D 95 -6.70 -8.18 15.74
N PHE D 96 -6.62 -8.90 16.84
CA PHE D 96 -6.41 -10.35 16.83
C PHE D 96 -7.23 -11.01 15.73
N SER D 97 -6.54 -11.75 14.88
CA SER D 97 -7.17 -12.51 13.79
C SER D 97 -7.03 -14.00 14.11
N ALA D 98 -8.09 -14.59 14.66
CA ALA D 98 -8.06 -16.01 15.04
C ALA D 98 -8.32 -16.88 13.81
N SER D 99 -7.27 -17.04 12.99
CA SER D 99 -7.42 -17.67 11.67
C SER D 99 -7.70 -19.16 11.80
N GLU D 100 -8.74 -19.63 11.09
CA GLU D 100 -9.16 -21.01 11.22
C GLU D 100 -8.09 -21.98 10.72
N ASN D 101 -7.29 -21.59 9.73
CA ASN D 101 -6.42 -22.58 9.13
C ASN D 101 -4.98 -22.50 9.58
N THR D 102 -4.60 -21.53 10.38
CA THR D 102 -3.25 -21.53 10.93
C THR D 102 -3.20 -21.93 12.40
N PHE D 103 -4.25 -21.64 13.16
CA PHE D 103 -4.18 -21.76 14.61
C PHE D 103 -4.38 -23.22 15.03
N ARG D 104 -3.41 -23.73 15.80
CA ARG D 104 -3.43 -25.01 16.48
C ARG D 104 -3.29 -24.81 17.98
N PRO D 105 -3.99 -25.60 18.79
CA PRO D 105 -4.79 -26.79 18.50
C PRO D 105 -6.10 -26.49 17.75
N THR D 106 -6.68 -25.30 17.91
CA THR D 106 -7.87 -24.97 17.14
C THR D 106 -8.22 -23.51 17.36
N ALA D 107 -8.64 -22.83 16.30
CA ALA D 107 -8.90 -21.40 16.41
C ALA D 107 -9.98 -21.11 17.46
N MET D 108 -10.89 -22.08 17.70
CA MET D 108 -11.92 -21.94 18.73
C MET D 108 -11.31 -21.57 20.09
N MET D 109 -10.09 -22.03 20.36
CA MET D 109 -9.47 -21.70 21.63
C MET D 109 -9.18 -20.22 21.78
N TYR D 110 -8.96 -19.51 20.67
CA TYR D 110 -8.53 -18.12 20.73
C TYR D 110 -9.65 -17.14 20.45
N ARG D 111 -10.88 -17.63 20.27
CA ARG D 111 -12.00 -16.72 20.07
C ARG D 111 -12.16 -15.78 21.27
N ASN D 112 -12.16 -16.33 22.48
CA ASN D 112 -12.39 -15.49 23.65
C ASN D 112 -11.26 -14.48 23.82
N LEU D 113 -10.01 -14.93 23.63
CA LEU D 113 -8.87 -14.03 23.69
C LEU D 113 -9.04 -12.87 22.73
N ALA D 114 -9.45 -13.16 21.48
CA ALA D 114 -9.69 -12.12 20.48
C ALA D 114 -10.77 -11.14 20.96
N ALA D 115 -11.90 -11.68 21.45
CA ALA D 115 -12.97 -10.85 22.00
C ALA D 115 -12.46 -9.97 23.14
N LEU D 116 -11.65 -10.53 24.03
CA LEU D 116 -11.05 -9.72 25.10
C LEU D 116 -10.27 -8.56 24.51
N ALA D 117 -9.32 -8.87 23.63
CA ALA D 117 -8.48 -7.84 23.05
C ALA D 117 -9.31 -6.81 22.28
N VAL D 118 -10.37 -7.25 21.59
CA VAL D 118 -11.18 -6.31 20.82
C VAL D 118 -11.90 -5.36 21.77
N GLU D 119 -12.54 -5.90 22.82
CA GLU D 119 -13.25 -5.06 23.77
C GLU D 119 -12.34 -4.00 24.38
N GLU D 120 -11.16 -4.42 24.87
CA GLU D 120 -10.24 -3.45 25.46
C GLU D 120 -9.78 -2.43 24.42
N ALA D 121 -9.46 -2.87 23.19
CA ALA D 121 -8.99 -1.94 22.16
C ALA D 121 -10.03 -0.89 21.82
N ILE D 122 -11.32 -1.25 21.85
CA ILE D 122 -12.36 -0.26 21.58
C ILE D 122 -12.51 0.71 22.75
N ARG D 123 -12.64 0.19 23.97
CA ARG D 123 -12.95 1.05 25.10
C ARG D 123 -11.75 1.90 25.49
N GLY D 124 -10.53 1.39 25.29
CA GLY D 124 -9.33 2.07 25.76
C GLY D 124 -8.94 3.29 24.97
N GLN D 125 -9.52 3.47 23.78
CA GLN D 125 -9.02 4.37 22.76
C GLN D 125 -10.09 5.33 22.25
N PRO D 126 -9.67 6.46 21.69
CA PRO D 126 -10.59 7.56 21.35
C PRO D 126 -11.38 7.32 20.06
N MET D 127 -12.13 6.23 20.03
CA MET D 127 -13.01 5.96 18.91
C MET D 127 -14.46 6.05 19.36
N ASP D 128 -15.29 6.63 18.49
CA ASP D 128 -16.69 6.90 18.77
C ASP D 128 -17.63 5.83 18.19
N GLY D 129 -17.20 5.15 17.12
CA GLY D 129 -17.96 4.08 16.51
C GLY D 129 -16.99 3.11 15.88
N CYS D 130 -17.50 1.95 15.47
CA CYS D 130 -16.61 0.90 15.02
C CYS D 130 -17.10 0.30 13.70
N VAL D 131 -16.14 -0.07 12.87
CA VAL D 131 -16.37 -0.92 11.71
C VAL D 131 -15.57 -2.17 11.92
N LEU D 132 -16.22 -3.32 11.76
CA LEU D 132 -15.66 -4.61 12.11
C LEU D 132 -15.45 -5.40 10.82
N LEU D 133 -14.19 -5.55 10.42
CA LEU D 133 -13.84 -6.23 9.17
C LEU D 133 -13.43 -7.65 9.50
N VAL D 134 -14.28 -8.62 9.11
CA VAL D 134 -14.13 -10.02 9.48
C VAL D 134 -14.40 -10.92 8.28
N GLY D 135 -14.06 -12.20 8.43
CA GLY D 135 -14.20 -13.18 7.38
C GLY D 135 -14.04 -14.61 7.86
N CYS D 136 -12.80 -15.05 8.09
CA CYS D 136 -12.57 -16.41 8.56
C CYS D 136 -13.44 -16.72 9.77
N ASP D 137 -14.02 -17.94 9.76
CA ASP D 137 -14.86 -18.53 10.81
C ASP D 137 -14.97 -17.75 12.12
N THR D 139 -13.52 -15.05 13.33
CA THR D 139 -13.33 -13.60 13.39
C THR D 139 -14.66 -12.88 13.59
N THR D 140 -15.72 -13.37 12.93
CA THR D 140 -17.02 -12.69 13.05
C THR D 140 -17.56 -12.70 14.47
N PRO D 141 -17.58 -13.83 15.20
CA PRO D 141 -18.14 -13.81 16.56
C PRO D 141 -17.19 -13.15 17.56
N SER D 142 -15.88 -13.39 17.46
CA SER D 142 -14.96 -12.75 18.40
C SER D 142 -15.08 -11.23 18.37
N LEU D 143 -15.22 -10.63 17.17
CA LEU D 143 -15.31 -9.18 17.09
C LEU D 143 -16.69 -8.66 17.47
N LEU D 144 -17.75 -9.42 17.19
CA LEU D 144 -19.10 -9.04 17.62
C LEU D 144 -19.24 -9.17 19.13
N MET D 145 -18.58 -10.15 19.71
CA MET D 145 -18.57 -10.32 21.15
C MET D 145 -17.91 -9.11 21.82
N GLY D 146 -16.73 -8.73 21.31
CA GLY D 146 -15.99 -7.63 21.90
C GLY D 146 -16.69 -6.29 21.75
N ALA D 147 -17.26 -6.02 20.56
CA ALA D 147 -17.99 -4.75 20.39
C ALA D 147 -19.29 -4.74 21.17
N ALA D 148 -19.93 -5.89 21.36
CA ALA D 148 -21.16 -5.91 22.16
C ALA D 148 -20.87 -5.59 23.61
N SER D 149 -19.66 -5.91 24.07
CA SER D 149 -19.31 -5.60 25.44
C SER D 149 -18.99 -4.14 25.66
N CYS D 150 -18.81 -3.35 24.60
CA CYS D 150 -18.73 -1.90 24.76
C CYS D 150 -20.03 -1.20 24.42
N ASP D 151 -20.83 -1.77 23.53
CA ASP D 151 -22.10 -1.18 23.06
C ASP D 151 -21.94 0.18 22.38
N LEU D 152 -20.77 0.44 21.80
CA LEU D 152 -20.66 1.59 20.93
C LEU D 152 -21.29 1.25 19.58
N PRO D 153 -21.77 2.25 18.86
CA PRO D 153 -22.26 1.99 17.49
C PRO D 153 -21.25 1.23 16.65
N SER D 154 -21.65 0.09 16.07
CA SER D 154 -20.77 -0.78 15.30
C SER D 154 -21.51 -1.32 14.09
N ILE D 155 -20.75 -1.79 13.11
CA ILE D 155 -21.31 -2.34 11.87
C ILE D 155 -20.32 -3.37 11.31
N VAL D 156 -20.85 -4.44 10.70
CA VAL D 156 -20.03 -5.54 10.19
C VAL D 156 -19.79 -5.34 8.71
N VAL D 157 -18.54 -5.51 8.27
CA VAL D 157 -18.21 -5.73 6.86
C VAL D 157 -17.57 -7.11 6.73
N THR D 158 -18.22 -8.00 5.97
CA THR D 158 -17.73 -9.36 5.71
C THR D 158 -16.82 -9.36 4.48
N GLY D 159 -15.76 -10.16 4.54
CA GLY D 159 -14.83 -10.24 3.40
C GLY D 159 -15.42 -10.97 2.20
N GLY D 160 -16.01 -12.14 2.42
CA GLY D 160 -16.73 -12.85 1.38
C GLY D 160 -16.16 -14.22 1.06
N PRO D 161 -16.98 -15.07 0.43
CA PRO D 161 -16.52 -16.41 0.06
C PRO D 161 -15.52 -16.41 -1.10
N MET D 162 -14.74 -17.48 -1.17
CA MET D 162 -13.92 -17.69 -2.35
C MET D 162 -14.82 -18.02 -3.54
N LEU D 163 -14.25 -17.92 -4.74
CA LEU D 163 -14.94 -18.42 -5.92
C LEU D 163 -15.06 -19.94 -5.87
N ASN D 164 -15.96 -20.47 -6.70
CA ASN D 164 -16.07 -21.90 -6.87
C ASN D 164 -14.71 -22.51 -7.24
N GLY D 165 -14.30 -23.51 -6.47
CA GLY D 165 -13.23 -24.39 -6.90
C GLY D 165 -13.77 -25.48 -7.83
N TYR D 166 -12.83 -26.17 -8.49
CA TYR D 166 -13.14 -27.09 -9.58
C TYR D 166 -12.09 -28.19 -9.58
N PHE D 167 -12.50 -29.41 -9.95
CA PHE D 167 -11.52 -30.46 -10.17
C PHE D 167 -12.03 -31.48 -11.18
N ARG D 168 -11.21 -31.82 -12.17
CA ARG D 168 -11.59 -32.82 -13.15
C ARG D 168 -12.92 -32.45 -13.80
N GLY D 169 -13.00 -31.19 -14.25
CA GLY D 169 -14.24 -30.57 -14.68
C GLY D 169 -15.43 -30.76 -13.74
N GLU D 170 -15.24 -30.64 -12.42
CA GLU D 170 -16.38 -30.83 -11.52
C GLU D 170 -16.27 -29.91 -10.30
N ARG D 171 -17.43 -29.47 -9.81
CA ARG D 171 -17.48 -28.47 -8.76
C ARG D 171 -16.86 -29.01 -7.48
N VAL D 172 -16.06 -28.20 -6.80
CA VAL D 172 -15.46 -28.54 -5.52
C VAL D 172 -15.76 -27.44 -4.51
N GLY D 173 -16.11 -27.84 -3.29
CA GLY D 173 -16.44 -26.90 -2.23
C GLY D 173 -15.44 -26.98 -1.08
N SER D 174 -15.11 -25.80 -0.52
CA SER D 174 -14.15 -25.72 0.58
C SER D 174 -14.55 -26.68 1.69
N GLY D 175 -13.65 -27.59 2.04
CA GLY D 175 -13.88 -28.39 3.22
C GLY D 175 -14.68 -29.64 2.95
N THR D 176 -15.91 -29.47 2.45
CA THR D 176 -16.76 -30.63 2.18
C THR D 176 -16.02 -31.70 1.37
N HIS D 177 -15.25 -31.28 0.36
CA HIS D 177 -14.57 -32.28 -0.47
C HIS D 177 -13.30 -32.80 0.18
N LEU D 178 -12.73 -32.08 1.15
CA LEU D 178 -11.67 -32.68 1.94
C LEU D 178 -12.17 -33.90 2.70
N TRP D 179 -13.40 -33.84 3.26
CA TRP D 179 -14.00 -35.01 3.87
C TRP D 179 -14.30 -36.10 2.84
N LYS D 180 -14.94 -35.73 1.73
CA LYS D 180 -15.26 -36.71 0.69
C LYS D 180 -14.01 -37.41 0.17
N PHE D 181 -13.01 -36.64 -0.24
CA PHE D 181 -11.80 -37.22 -0.85
C PHE D 181 -11.06 -38.11 0.14
N SER D 182 -10.91 -37.65 1.38
CA SER D 182 -10.10 -38.43 2.30
C SER D 182 -10.81 -39.72 2.68
N GLU D 183 -12.14 -39.68 2.77
CA GLU D 183 -12.90 -40.92 2.96
C GLU D 183 -12.77 -41.81 1.74
N MET D 184 -13.01 -41.25 0.55
CA MET D 184 -12.82 -42.00 -0.69
C MET D 184 -11.45 -42.64 -0.72
N VAL D 185 -10.41 -41.91 -0.30
CA VAL D 185 -9.08 -42.50 -0.24
C VAL D 185 -9.05 -43.68 0.71
N LYS D 186 -9.71 -43.54 1.88
CA LYS D 186 -9.80 -44.67 2.79
C LYS D 186 -10.53 -45.85 2.16
N ALA D 187 -11.55 -45.58 1.34
CA ALA D 187 -12.37 -46.62 0.73
C ALA D 187 -11.74 -47.25 -0.50
N GLY D 188 -10.56 -46.80 -0.91
CA GLY D 188 -9.93 -47.32 -2.10
C GLY D 188 -10.50 -46.78 -3.40
N GLU D 189 -11.26 -45.69 -3.33
CA GLU D 189 -11.92 -45.12 -4.50
C GLU D 189 -11.18 -43.92 -5.06
N MET D 190 -9.96 -43.67 -4.60
CA MET D 190 -9.20 -42.48 -4.95
C MET D 190 -7.83 -42.65 -4.33
N THR D 191 -6.81 -42.14 -5.01
CA THR D 191 -5.47 -42.22 -4.46
C THR D 191 -5.04 -40.88 -3.87
N GLN D 192 -4.18 -40.96 -2.87
CA GLN D 192 -3.63 -39.75 -2.26
C GLN D 192 -3.02 -38.81 -3.30
N ALA D 193 -2.47 -39.36 -4.40
CA ALA D 193 -1.92 -38.53 -5.47
C ALA D 193 -3.00 -37.76 -6.20
N GLU D 194 -4.15 -38.40 -6.44
CA GLU D 194 -5.25 -37.68 -7.06
C GLU D 194 -5.70 -36.53 -6.16
N PHE D 195 -5.87 -36.82 -4.87
CA PHE D 195 -6.16 -35.79 -3.87
C PHE D 195 -5.21 -34.61 -4.00
N LEU D 196 -3.89 -34.86 -3.99
CA LEU D 196 -2.90 -33.78 -4.09
C LEU D 196 -3.14 -32.85 -5.26
N GLU D 197 -3.46 -33.42 -6.45
CA GLU D 197 -3.66 -32.59 -7.64
C GLU D 197 -4.88 -31.70 -7.50
N ALA D 198 -5.84 -32.09 -6.66
CA ALA D 198 -6.99 -31.23 -6.40
C ALA D 198 -6.60 -29.97 -5.62
N GLU D 199 -5.42 -29.95 -5.00
CA GLU D 199 -5.05 -28.87 -4.09
C GLU D 199 -5.02 -27.53 -4.81
N ALA D 200 -4.33 -27.47 -5.95
CA ALA D 200 -4.05 -26.17 -6.56
C ALA D 200 -5.32 -25.42 -6.95
N SER D 201 -6.42 -26.12 -7.26
CA SER D 201 -7.62 -25.46 -7.74
C SER D 201 -8.75 -25.51 -6.72
N MET D 202 -8.42 -25.80 -5.47
CA MET D 202 -9.43 -25.88 -4.43
C MET D 202 -9.75 -24.50 -3.85
N SER D 203 -8.72 -23.75 -3.44
CA SER D 203 -8.88 -22.39 -2.92
C SER D 203 -8.11 -21.46 -3.86
N ARG D 204 -8.84 -20.74 -4.72
CA ARG D 204 -8.18 -20.12 -5.85
C ARG D 204 -8.65 -18.69 -6.05
N SER D 205 -9.12 -18.06 -4.99
CA SER D 205 -9.28 -16.61 -4.92
C SER D 205 -9.33 -16.22 -3.45
N SER D 206 -9.28 -14.92 -3.17
CA SER D 206 -9.20 -14.42 -1.79
C SER D 206 -10.60 -14.41 -1.15
N GLY D 207 -10.82 -15.25 -0.15
CA GLY D 207 -12.11 -15.30 0.51
C GLY D 207 -12.21 -16.47 1.46
N THR D 208 -13.40 -16.63 2.04
CA THR D 208 -13.72 -17.65 3.02
C THR D 208 -14.30 -18.89 2.33
N CYS D 209 -14.35 -20.01 3.06
CA CYS D 209 -14.87 -21.26 2.52
C CYS D 209 -16.16 -21.04 1.75
N ASN D 210 -16.21 -21.57 0.52
CA ASN D 210 -17.31 -21.30 -0.40
C ASN D 210 -18.49 -22.28 -0.25
N THR D 211 -18.47 -23.15 0.77
CA THR D 211 -19.65 -23.93 1.12
C THR D 211 -20.44 -23.17 2.19
N MET D 212 -21.50 -23.81 2.71
CA MET D 212 -22.28 -23.20 3.78
C MET D 212 -21.67 -23.54 5.14
N GLY D 213 -20.38 -23.20 5.29
CA GLY D 213 -19.61 -23.50 6.48
C GLY D 213 -19.80 -22.46 7.58
N THR D 214 -18.85 -22.41 8.50
CA THR D 214 -19.02 -21.44 9.59
C THR D 214 -18.89 -20.02 9.08
N ALA D 215 -17.94 -19.77 8.17
CA ALA D 215 -17.76 -18.43 7.60
C ALA D 215 -19.04 -17.91 6.97
N SER D 216 -19.60 -18.67 6.03
CA SER D 216 -20.82 -18.23 5.35
C SER D 216 -21.99 -18.12 6.32
N THR D 217 -22.04 -18.99 7.34
CA THR D 217 -23.17 -18.93 8.25
C THR D 217 -23.12 -17.69 9.14
N MET D 218 -21.93 -17.36 9.68
CA MET D 218 -21.84 -16.21 10.58
C MET D 218 -21.96 -14.89 9.83
N ALA D 219 -21.61 -14.89 8.54
CA ALA D 219 -21.98 -13.77 7.67
C ALA D 219 -23.50 -13.65 7.54
N SER D 220 -24.18 -14.77 7.32
CA SER D 220 -25.64 -14.72 7.31
C SER D 220 -26.19 -14.32 8.67
N MET D 221 -25.61 -14.84 9.74
CA MET D 221 -26.08 -14.43 11.06
C MET D 221 -25.87 -12.93 11.26
N ALA D 222 -24.70 -12.41 10.87
CA ALA D 222 -24.45 -10.97 10.95
C ALA D 222 -25.52 -10.18 10.20
N GLU D 223 -25.77 -10.56 8.94
CA GLU D 223 -26.79 -9.88 8.14
C GLU D 223 -28.16 -10.01 8.79
N ALA D 224 -28.51 -11.20 9.24
CA ALA D 224 -29.86 -11.46 9.74
C ALA D 224 -30.10 -10.91 11.16
N LEU D 225 -29.04 -10.67 11.95
CA LEU D 225 -29.21 -9.94 13.21
C LEU D 225 -29.56 -8.48 12.96
N GLY D 226 -29.16 -7.95 11.82
CA GLY D 226 -29.28 -6.54 11.51
C GLY D 226 -27.99 -5.77 11.59
N MET D 227 -26.86 -6.45 11.82
CA MET D 227 -25.57 -5.81 12.08
C MET D 227 -24.77 -5.47 10.82
N ALA D 228 -25.27 -5.77 9.63
CA ALA D 228 -24.63 -5.39 8.38
C ALA D 228 -25.67 -4.95 7.36
N LEU D 229 -25.27 -4.07 6.46
CA LEU D 229 -26.18 -3.67 5.38
C LEU D 229 -26.67 -4.89 4.61
N SER D 230 -27.91 -4.80 4.13
CA SER D 230 -28.54 -5.94 3.46
C SER D 230 -27.76 -6.33 2.21
N GLY D 231 -27.66 -7.64 1.98
CA GLY D 231 -26.77 -8.17 0.97
C GLY D 231 -25.35 -8.46 1.43
N ASN D 232 -25.00 -8.12 2.68
CA ASN D 232 -23.61 -8.20 3.12
C ASN D 232 -23.02 -9.60 2.98
N ALA D 233 -23.83 -10.66 3.13
CA ALA D 233 -23.27 -11.98 3.39
C ALA D 233 -22.69 -12.68 2.17
N ALA D 234 -23.38 -12.67 1.02
CA ALA D 234 -23.01 -13.62 -0.01
C ALA D 234 -22.13 -13.07 -1.14
N ILE D 235 -21.84 -11.77 -1.18
CA ILE D 235 -21.00 -11.16 -2.21
C ILE D 235 -19.61 -11.80 -2.22
N PRO D 236 -19.19 -12.43 -3.30
CA PRO D 236 -17.86 -13.05 -3.32
C PRO D 236 -16.78 -12.07 -2.89
N GLY D 237 -15.70 -12.63 -2.32
CA GLY D 237 -14.60 -11.79 -1.85
C GLY D 237 -14.03 -10.85 -2.90
N VAL D 238 -13.87 -11.33 -4.13
CA VAL D 238 -13.22 -10.54 -5.17
C VAL D 238 -14.22 -9.80 -6.08
N ASP D 239 -15.49 -9.77 -5.71
CA ASP D 239 -16.51 -9.15 -6.56
C ASP D 239 -16.52 -7.64 -6.37
N SER D 240 -16.69 -6.92 -7.48
CA SER D 240 -16.65 -5.47 -7.40
C SER D 240 -17.54 -4.95 -6.28
N ARG D 241 -18.72 -5.53 -6.14
CA ARG D 241 -19.70 -4.96 -5.23
C ARG D 241 -19.37 -5.20 -3.74
N ARG D 242 -18.44 -6.10 -3.43
CA ARG D 242 -17.96 -6.18 -2.05
C ARG D 242 -17.28 -4.88 -1.64
N LYS D 243 -16.59 -4.22 -2.58
CA LYS D 243 -15.92 -2.95 -2.32
C LYS D 243 -16.89 -1.79 -2.27
N VAL D 244 -17.91 -1.78 -3.13
CA VAL D 244 -19.00 -0.81 -2.96
C VAL D 244 -19.56 -0.92 -1.56
N MET D 245 -19.95 -2.13 -1.15
CA MET D 245 -20.58 -2.32 0.16
C MET D 245 -19.70 -1.77 1.26
N ALA D 246 -18.38 -1.93 1.13
CA ALA D 246 -17.45 -1.42 2.13
C ALA D 246 -17.50 0.11 2.20
N GLN D 247 -17.34 0.79 1.05
CA GLN D 247 -17.44 2.25 1.08
C GLN D 247 -18.76 2.69 1.72
N LEU D 248 -19.88 2.10 1.29
CA LEU D 248 -21.17 2.53 1.82
C LEU D 248 -21.26 2.28 3.33
N THR D 249 -20.59 1.24 3.81
CA THR D 249 -20.54 1.03 5.26
C THR D 249 -19.78 2.13 5.96
N GLY D 250 -18.67 2.58 5.37
CA GLY D 250 -17.92 3.71 5.91
C GLY D 250 -18.78 4.97 6.03
N ARG D 251 -19.60 5.25 5.01
CA ARG D 251 -20.50 6.39 5.10
C ARG D 251 -21.52 6.20 6.21
N ARG D 252 -22.05 4.99 6.34
CA ARG D 252 -23.19 4.82 7.25
C ARG D 252 -22.77 4.99 8.68
N ILE D 253 -21.56 4.51 9.03
CA ILE D 253 -21.19 4.43 10.44
C ILE D 253 -21.08 5.82 11.06
N VAL D 254 -20.48 6.77 10.35
CA VAL D 254 -20.50 8.14 10.82
C VAL D 254 -21.92 8.54 11.20
N GLN D 255 -22.86 8.38 10.26
CA GLN D 255 -24.24 8.75 10.58
C GLN D 255 -24.75 7.97 11.77
N MET D 256 -24.33 6.71 11.91
CA MET D 256 -24.79 5.91 13.03
C MET D 256 -24.32 6.50 14.36
N VAL D 257 -23.06 6.98 14.42
CA VAL D 257 -22.54 7.56 15.66
C VAL D 257 -23.37 8.77 16.06
N LYS D 258 -23.66 9.65 15.09
CA LYS D 258 -24.42 10.85 15.39
C LYS D 258 -25.78 10.51 15.98
N ASP D 259 -26.49 9.56 15.33
CA ASP D 259 -27.77 9.10 15.85
C ASP D 259 -27.64 8.29 17.13
N ASP D 260 -26.48 7.66 17.38
CA ASP D 260 -26.28 6.77 18.52
C ASP D 260 -27.10 5.47 18.36
N LEU D 261 -26.92 4.81 17.21
CA LEU D 261 -27.55 3.52 16.92
C LEU D 261 -26.66 2.41 17.46
N LYS D 262 -26.93 1.99 18.70
CA LYS D 262 -26.01 1.08 19.36
C LYS D 262 -26.36 -0.38 19.10
N PRO D 263 -25.39 -1.27 19.18
CA PRO D 263 -25.68 -2.70 19.06
C PRO D 263 -26.86 -3.17 19.91
N SER D 264 -27.06 -2.61 21.11
CA SER D 264 -28.14 -3.11 21.96
C SER D 264 -29.53 -2.77 21.44
N GLU D 265 -29.66 -1.86 20.47
CA GLU D 265 -30.95 -1.57 19.87
C GLU D 265 -31.26 -2.46 18.66
N ILE D 266 -30.25 -3.16 18.13
CA ILE D 266 -30.40 -3.97 16.93
C ILE D 266 -30.63 -5.42 17.32
N MET D 267 -29.63 -6.00 17.98
CA MET D 267 -29.65 -7.40 18.40
C MET D 267 -30.59 -7.57 19.59
N THR D 268 -31.88 -7.65 19.29
CA THR D 268 -32.92 -7.91 20.26
C THR D 268 -33.29 -9.39 20.26
N LYS D 269 -34.04 -9.81 21.28
CA LYS D 269 -34.56 -11.18 21.26
C LYS D 269 -35.16 -11.50 19.89
N GLN D 270 -35.91 -10.56 19.31
CA GLN D 270 -36.46 -10.80 17.97
C GLN D 270 -35.33 -11.05 16.97
N ALA D 271 -34.31 -10.19 16.97
CA ALA D 271 -33.20 -10.31 16.05
C ALA D 271 -32.52 -11.66 16.18
N PHE D 272 -32.36 -12.15 17.41
CA PHE D 272 -31.73 -13.46 17.58
C PHE D 272 -32.62 -14.58 17.06
N GLU D 273 -33.95 -14.41 17.12
CA GLU D 273 -34.86 -15.43 16.62
C GLU D 273 -34.89 -15.44 15.09
N ASN D 274 -34.81 -14.24 14.48
CA ASN D 274 -34.62 -14.16 13.04
C ASN D 274 -33.36 -14.90 12.63
N ALA D 275 -32.24 -14.67 13.32
CA ALA D 275 -31.02 -15.36 12.93
C ALA D 275 -31.14 -16.87 13.09
N ILE D 276 -31.94 -17.34 14.06
CA ILE D 276 -32.07 -18.77 14.29
C ILE D 276 -32.91 -19.43 13.20
N ARG D 277 -34.02 -18.81 12.83
CA ARG D 277 -34.80 -19.40 11.75
C ARG D 277 -34.04 -19.31 10.42
N THR D 278 -33.17 -18.29 10.28
CA THR D 278 -32.33 -18.16 9.09
C THR D 278 -31.29 -19.28 9.02
N ASN D 279 -30.74 -19.67 10.16
CA ASN D 279 -29.82 -20.81 10.16
C ASN D 279 -30.52 -22.10 9.69
N ALA D 280 -31.81 -22.25 10.00
CA ALA D 280 -32.54 -23.40 9.49
C ALA D 280 -32.74 -23.29 7.98
N ALA D 281 -33.12 -22.09 7.50
CA ALA D 281 -33.43 -21.91 6.10
C ALA D 281 -32.21 -22.16 5.23
N ILE D 282 -31.04 -21.71 5.66
CA ILE D 282 -29.83 -21.80 4.83
C ILE D 282 -29.04 -23.08 5.07
N GLY D 283 -29.48 -23.94 5.99
CA GLY D 283 -28.70 -25.11 6.33
C GLY D 283 -27.42 -24.78 7.08
N GLY D 284 -27.55 -23.91 8.10
CA GLY D 284 -26.39 -23.31 8.73
C GLY D 284 -25.56 -24.29 9.55
N SER D 285 -24.30 -23.88 9.78
CA SER D 285 -23.35 -24.69 10.51
C SER D 285 -23.69 -24.74 12.01
N THR D 286 -23.46 -25.92 12.62
CA THR D 286 -23.72 -26.16 14.04
C THR D 286 -22.95 -25.23 14.99
N ASN D 287 -21.91 -24.54 14.50
CA ASN D 287 -21.21 -23.60 15.36
C ASN D 287 -22.00 -22.32 15.56
N ALA D 288 -22.94 -22.01 14.66
CA ALA D 288 -23.78 -20.84 14.90
C ALA D 288 -24.48 -20.92 16.25
N VAL D 289 -24.82 -22.13 16.71
CA VAL D 289 -25.43 -22.31 18.03
C VAL D 289 -24.52 -21.77 19.11
N ILE D 290 -23.25 -22.18 19.10
CA ILE D 290 -22.33 -21.77 20.15
C ILE D 290 -22.04 -20.28 20.04
N HIS D 291 -21.89 -19.75 18.83
CA HIS D 291 -21.51 -18.36 18.68
C HIS D 291 -22.68 -17.44 19.02
N LEU D 292 -23.87 -17.75 18.51
CA LEU D 292 -25.02 -16.91 18.83
C LEU D 292 -25.28 -16.87 20.34
N LEU D 293 -25.07 -17.99 21.03
CA LEU D 293 -25.18 -17.98 22.48
C LEU D 293 -24.15 -17.03 23.08
N ALA D 294 -22.87 -17.24 22.75
CA ALA D 294 -21.82 -16.33 23.20
C ALA D 294 -22.19 -14.87 22.96
N ILE D 295 -22.52 -14.52 21.72
CA ILE D 295 -22.82 -13.12 21.42
C ILE D 295 -23.98 -12.60 22.26
N ALA D 296 -25.02 -13.43 22.44
CA ALA D 296 -26.17 -12.99 23.22
C ALA D 296 -25.80 -12.79 24.68
N GLY D 297 -24.85 -13.55 25.19
CA GLY D 297 -24.39 -13.38 26.55
C GLY D 297 -23.61 -12.11 26.78
N ARG D 298 -23.11 -11.49 25.70
CA ARG D 298 -22.47 -10.18 25.79
C ARG D 298 -23.49 -9.05 25.68
N VAL D 299 -24.41 -9.14 24.72
CA VAL D 299 -25.45 -8.13 24.59
C VAL D 299 -26.27 -8.04 25.86
N GLY D 300 -26.56 -9.18 26.47
CA GLY D 300 -27.45 -9.26 27.61
C GLY D 300 -28.81 -9.85 27.34
N ILE D 301 -28.96 -10.66 26.29
CA ILE D 301 -30.23 -11.27 25.91
C ILE D 301 -30.31 -12.68 26.47
N ASP D 302 -31.49 -13.04 27.00
CA ASP D 302 -31.75 -14.39 27.48
C ASP D 302 -32.00 -15.30 26.29
N LEU D 303 -31.10 -16.24 26.05
CA LEU D 303 -31.15 -17.07 24.86
C LEU D 303 -30.52 -18.41 25.20
N SER D 304 -31.22 -19.49 24.88
CA SER D 304 -30.85 -20.81 25.35
C SER D 304 -30.87 -21.82 24.21
N LEU D 305 -30.38 -23.02 24.51
CA LEU D 305 -30.49 -24.11 23.56
C LEU D 305 -31.94 -24.39 23.22
N ASP D 306 -32.86 -24.12 24.16
CA ASP D 306 -34.24 -24.45 23.89
C ASP D 306 -34.89 -23.46 22.94
N ASP D 307 -34.42 -22.21 22.94
CA ASP D 307 -34.84 -21.28 21.90
C ASP D 307 -34.37 -21.77 20.52
N TRP D 308 -33.15 -22.30 20.43
CA TRP D 308 -32.66 -22.84 19.18
C TRP D 308 -33.60 -23.92 18.66
N ASP D 309 -33.79 -24.97 19.45
CA ASP D 309 -34.61 -26.10 19.04
C ASP D 309 -36.04 -25.66 18.72
N ARG D 310 -36.61 -24.82 19.56
CA ARG D 310 -37.99 -24.36 19.35
C ARG D 310 -38.13 -23.65 18.01
N CYS D 311 -37.22 -22.71 17.72
CA CYS D 311 -37.37 -21.80 16.60
C CYS D 311 -37.08 -22.45 15.25
N GLY D 312 -36.19 -23.44 15.20
CA GLY D 312 -35.82 -24.07 13.95
C GLY D 312 -36.73 -25.21 13.55
N ARG D 313 -37.73 -25.50 14.39
CA ARG D 313 -38.65 -26.60 14.13
C ARG D 313 -39.62 -26.22 13.02
N ASP D 314 -39.70 -27.07 11.99
CA ASP D 314 -40.61 -26.88 10.88
C ASP D 314 -40.23 -25.71 9.99
N VAL D 315 -38.96 -25.28 10.03
CA VAL D 315 -38.43 -24.33 9.07
C VAL D 315 -37.63 -25.12 8.03
N PRO D 316 -38.09 -25.20 6.78
CA PRO D 316 -37.38 -26.03 5.80
C PRO D 316 -36.05 -25.43 5.42
N THR D 317 -35.05 -26.28 5.26
CA THR D 317 -33.81 -25.87 4.62
C THR D 317 -34.06 -25.72 3.12
N ILE D 318 -34.03 -24.47 2.64
CA ILE D 318 -34.34 -24.15 1.25
C ILE D 318 -33.12 -23.72 0.44
N VAL D 319 -31.98 -23.43 1.07
CA VAL D 319 -30.79 -23.05 0.32
C VAL D 319 -30.02 -24.30 -0.06
N ASN D 320 -29.74 -24.46 -1.35
CA ASN D 320 -29.29 -25.73 -1.90
C ASN D 320 -27.77 -25.75 -2.08
N LEU D 321 -27.04 -25.53 -0.99
CA LEU D 321 -25.59 -25.52 -1.03
C LEU D 321 -25.03 -26.70 -0.24
N MET D 322 -23.82 -27.15 -0.61
CA MET D 322 -23.18 -28.14 0.23
C MET D 322 -22.91 -27.51 1.61
N PRO D 323 -22.69 -28.34 2.65
CA PRO D 323 -22.69 -29.81 2.63
C PRO D 323 -24.10 -30.45 2.57
N SER D 324 -25.15 -29.71 2.87
CA SER D 324 -26.46 -30.35 2.84
C SER D 324 -26.90 -30.63 1.40
N GLY D 325 -26.53 -29.76 0.46
CA GLY D 325 -27.01 -29.76 -0.91
C GLY D 325 -25.86 -29.67 -1.90
N LYS D 326 -26.16 -29.07 -3.06
CA LYS D 326 -25.42 -29.28 -4.31
C LYS D 326 -24.44 -28.15 -4.70
N TYR D 327 -24.81 -26.88 -4.57
CA TYR D 327 -24.07 -25.77 -5.15
C TYR D 327 -23.23 -25.05 -4.10
N LEU D 328 -22.55 -23.98 -4.51
CA LEU D 328 -21.66 -23.22 -3.64
C LEU D 328 -22.10 -21.76 -3.55
N MET D 329 -21.28 -20.95 -2.88
CA MET D 329 -21.68 -19.61 -2.48
C MET D 329 -21.94 -18.70 -3.69
N GLU D 330 -21.22 -18.91 -4.80
CA GLU D 330 -21.45 -18.08 -5.99
C GLU D 330 -22.88 -18.18 -6.47
N GLU D 331 -23.37 -19.43 -6.65
CA GLU D 331 -24.74 -19.67 -7.09
C GLU D 331 -25.74 -18.99 -6.15
N PHE D 332 -25.54 -19.15 -4.83
CA PHE D 332 -26.40 -18.49 -3.84
C PHE D 332 -26.40 -16.98 -4.03
N PHE D 333 -25.21 -16.39 -4.23
CA PHE D 333 -25.13 -14.96 -4.50
C PHE D 333 -25.86 -14.57 -5.80
N TYR D 334 -25.62 -15.27 -6.92
CA TYR D 334 -26.33 -14.89 -8.15
C TYR D 334 -27.83 -15.20 -8.08
N ALA D 335 -28.25 -16.10 -7.18
CA ALA D 335 -29.66 -16.37 -6.97
C ALA D 335 -30.37 -15.23 -6.26
N GLY D 336 -29.62 -14.30 -5.67
CA GLY D 336 -30.18 -13.22 -4.91
C GLY D 336 -29.72 -13.16 -3.47
N GLY D 337 -29.06 -14.19 -2.95
CA GLY D 337 -28.51 -14.17 -1.61
C GLY D 337 -29.53 -14.12 -0.47
N LEU D 338 -28.99 -13.98 0.74
CA LEU D 338 -29.79 -14.01 1.95
C LEU D 338 -31.03 -13.11 1.93
N PRO D 339 -31.01 -11.91 1.33
CA PRO D 339 -32.27 -11.13 1.33
C PRO D 339 -33.45 -11.90 0.72
N VAL D 340 -33.18 -12.87 -0.15
CA VAL D 340 -34.25 -13.70 -0.71
C VAL D 340 -34.73 -14.73 0.32
N VAL D 341 -33.81 -15.23 1.17
CA VAL D 341 -34.19 -16.13 2.26
C VAL D 341 -35.03 -15.39 3.28
N LEU D 342 -34.69 -14.13 3.57
CA LEU D 342 -35.42 -13.39 4.58
C LEU D 342 -36.79 -12.97 4.10
N LYS D 343 -36.92 -12.68 2.79
CA LYS D 343 -38.26 -12.44 2.24
C LYS D 343 -39.11 -13.68 2.37
N ARG D 344 -38.56 -14.84 2.00
CA ARG D 344 -39.30 -16.08 2.18
C ARG D 344 -39.77 -16.25 3.62
N LEU D 345 -38.84 -16.09 4.59
CA LEU D 345 -39.23 -16.25 5.99
C LEU D 345 -40.37 -15.32 6.34
N GLY D 346 -40.32 -14.08 5.86
CA GLY D 346 -41.43 -13.17 6.09
C GLY D 346 -42.69 -13.65 5.41
N GLU D 347 -42.59 -14.02 4.13
CA GLU D 347 -43.75 -14.52 3.41
C GLU D 347 -44.42 -15.68 4.16
N ALA D 348 -43.63 -16.55 4.80
CA ALA D 348 -44.19 -17.67 5.53
C ALA D 348 -44.52 -17.32 6.99
N GLY D 349 -44.59 -16.05 7.34
CA GLY D 349 -44.95 -15.72 8.70
C GLY D 349 -43.93 -16.08 9.75
N LEU D 350 -42.71 -16.43 9.35
CA LEU D 350 -41.66 -16.87 10.25
C LEU D 350 -40.63 -15.79 10.55
N LEU D 351 -40.96 -14.51 10.35
CA LEU D 351 -39.99 -13.44 10.50
C LEU D 351 -40.55 -12.33 11.37
N HIS D 352 -39.76 -11.85 12.32
CA HIS D 352 -40.08 -10.58 12.97
C HIS D 352 -39.73 -9.49 11.96
N LYS D 353 -40.76 -9.00 11.26
CA LYS D 353 -40.54 -8.13 10.11
C LYS D 353 -40.07 -6.74 10.50
N ASP D 354 -40.31 -6.33 11.75
CA ASP D 354 -40.01 -4.98 12.18
C ASP D 354 -38.71 -4.88 12.97
N ALA D 355 -37.92 -5.95 13.01
CA ALA D 355 -36.59 -5.85 13.59
C ALA D 355 -35.81 -4.70 12.96
N LEU D 356 -34.97 -4.02 13.76
CA LEU D 356 -34.20 -2.89 13.26
C LEU D 356 -32.86 -3.33 12.68
N THR D 357 -32.35 -2.56 11.72
CA THR D 357 -31.00 -2.81 11.19
C THR D 357 -30.16 -1.55 11.31
N VAL D 358 -28.85 -1.74 11.12
CA VAL D 358 -27.92 -0.62 11.16
C VAL D 358 -28.30 0.42 10.11
N SER D 359 -28.91 0.00 9.01
CA SER D 359 -29.39 0.98 8.03
C SER D 359 -30.43 1.94 8.62
N GLY D 360 -31.05 1.62 9.75
CA GLY D 360 -32.15 2.42 10.22
C GLY D 360 -33.50 2.01 9.63
N GLU D 361 -33.54 1.00 8.77
CA GLU D 361 -34.80 0.39 8.35
C GLU D 361 -34.94 -1.00 8.97
N THR D 362 -36.19 -1.42 9.12
CA THR D 362 -36.48 -2.80 9.52
C THR D 362 -35.95 -3.78 8.47
N VAL D 363 -35.82 -5.04 8.91
CA VAL D 363 -35.39 -6.09 7.99
C VAL D 363 -36.39 -6.27 6.86
N TRP D 364 -37.69 -6.21 7.18
CA TRP D 364 -38.69 -6.42 6.14
C TRP D 364 -38.62 -5.32 5.11
N ASP D 365 -38.51 -4.06 5.55
CA ASP D 365 -38.46 -2.97 4.61
C ASP D 365 -37.20 -3.03 3.77
N GLU D 366 -36.16 -3.71 4.24
CA GLU D 366 -34.98 -3.91 3.41
C GLU D 366 -35.20 -4.96 2.32
N VAL D 367 -35.86 -6.08 2.64
CA VAL D 367 -35.88 -7.25 1.77
C VAL D 367 -37.20 -7.44 1.03
N LYS D 368 -38.26 -6.70 1.39
CA LYS D 368 -39.61 -6.98 0.89
C LYS D 368 -39.67 -7.17 -0.63
N ASP D 369 -38.79 -6.52 -1.40
CA ASP D 369 -38.96 -6.45 -2.85
C ASP D 369 -37.87 -7.17 -3.64
N VAL D 370 -37.13 -8.09 -3.02
CA VAL D 370 -36.09 -8.85 -3.73
C VAL D 370 -36.71 -9.92 -4.61
N VAL D 371 -35.88 -10.59 -5.40
CA VAL D 371 -36.32 -11.53 -6.42
C VAL D 371 -35.44 -12.77 -6.38
N ASN D 372 -36.06 -13.94 -6.35
CA ASN D 372 -35.31 -15.18 -6.48
C ASN D 372 -34.98 -15.41 -7.96
N TRP D 373 -33.70 -15.38 -8.30
CA TRP D 373 -33.30 -15.60 -9.70
C TRP D 373 -32.93 -17.04 -10.00
N ASN D 374 -33.04 -17.96 -9.05
CA ASN D 374 -32.73 -19.35 -9.36
C ASN D 374 -33.34 -20.26 -8.29
N GLU D 375 -34.54 -20.78 -8.57
CA GLU D 375 -35.25 -21.72 -7.70
C GLU D 375 -34.60 -23.11 -7.62
N ASP D 376 -33.51 -23.36 -8.34
CA ASP D 376 -32.69 -24.54 -8.12
C ASP D 376 -31.66 -24.35 -7.01
N VAL D 377 -31.31 -23.10 -6.70
CA VAL D 377 -30.39 -22.75 -5.61
C VAL D 377 -31.15 -22.40 -4.34
N ILE D 378 -32.12 -21.50 -4.45
CA ILE D 378 -33.02 -21.16 -3.34
C ILE D 378 -34.35 -21.81 -3.67
N LEU D 379 -34.61 -22.95 -2.99
CA LEU D 379 -35.64 -23.88 -3.38
C LEU D 379 -37.03 -23.41 -2.96
N PRO D 380 -38.06 -23.81 -3.70
CA PRO D 380 -39.42 -23.56 -3.26
C PRO D 380 -39.75 -24.49 -2.12
N ALA D 381 -40.67 -24.03 -1.26
CA ALA D 381 -40.87 -24.70 0.03
C ALA D 381 -41.21 -26.18 -0.14
N GLU D 382 -41.88 -26.57 -1.23
CA GLU D 382 -42.27 -27.97 -1.39
C GLU D 382 -41.12 -28.87 -1.83
N LYS D 383 -40.05 -28.32 -2.40
CA LYS D 383 -38.90 -29.08 -2.82
C LYS D 383 -37.69 -28.89 -1.90
N ALA D 384 -37.90 -28.43 -0.67
CA ALA D 384 -36.81 -28.23 0.29
C ALA D 384 -36.03 -29.53 0.55
N LEU D 385 -34.80 -29.38 1.05
CA LEU D 385 -34.00 -30.54 1.47
C LEU D 385 -34.55 -31.22 2.73
N THR D 386 -35.41 -30.53 3.49
CA THR D 386 -35.96 -31.02 4.74
C THR D 386 -37.03 -30.05 5.16
N SER D 387 -38.15 -30.58 5.68
CA SER D 387 -39.25 -29.72 6.05
C SER D 387 -39.04 -29.09 7.42
N SER D 388 -38.15 -29.65 8.22
CA SER D 388 -37.75 -29.10 9.52
C SER D 388 -36.23 -29.08 9.49
N GLY D 389 -35.66 -27.94 9.08
CA GLY D 389 -34.23 -27.83 8.88
C GLY D 389 -33.45 -27.38 10.09
N GLY D 390 -34.12 -26.78 11.07
CA GLY D 390 -33.41 -26.30 12.24
C GLY D 390 -32.62 -27.41 12.93
N ILE D 391 -31.44 -27.04 13.44
CA ILE D 391 -30.65 -27.96 14.25
C ILE D 391 -31.50 -28.40 15.45
N VAL D 392 -31.39 -29.69 15.82
CA VAL D 392 -32.16 -30.30 16.92
C VAL D 392 -31.32 -30.38 18.18
N VAL D 393 -31.93 -30.07 19.33
CA VAL D 393 -31.29 -30.24 20.63
C VAL D 393 -31.75 -31.56 21.25
N LEU D 394 -30.80 -32.48 21.47
CA LEU D 394 -31.10 -33.74 22.13
C LEU D 394 -30.72 -33.65 23.61
N ARG D 395 -31.50 -34.31 24.47
CA ARG D 395 -31.25 -34.39 25.90
C ARG D 395 -31.44 -35.83 26.38
N GLY D 396 -31.05 -36.07 27.61
CA GLY D 396 -31.10 -37.41 28.17
C GLY D 396 -29.96 -37.62 29.13
N ASN D 397 -29.94 -38.80 29.73
CA ASN D 397 -28.89 -39.08 30.71
C ASN D 397 -27.51 -39.03 30.11
N LEU D 398 -27.38 -39.22 28.79
CA LEU D 398 -26.07 -39.15 28.16
C LEU D 398 -25.62 -37.73 27.87
N ALA D 399 -26.56 -36.78 27.76
CA ALA D 399 -26.21 -35.38 27.55
C ALA D 399 -27.16 -34.51 28.35
N PRO D 400 -26.95 -34.44 29.67
CA PRO D 400 -27.93 -33.73 30.50
C PRO D 400 -28.00 -32.23 30.24
N LYS D 401 -26.91 -31.59 29.79
CA LYS D 401 -26.98 -30.18 29.43
C LYS D 401 -27.18 -29.94 27.92
N GLY D 402 -27.41 -31.00 27.14
CA GLY D 402 -27.77 -30.80 25.75
C GLY D 402 -26.70 -31.33 24.79
N ALA D 403 -27.15 -31.68 23.58
CA ALA D 403 -26.27 -31.99 22.46
C ALA D 403 -27.07 -31.76 21.18
N VAL D 404 -26.38 -31.47 20.07
CA VAL D 404 -27.03 -30.97 18.87
C VAL D 404 -26.66 -31.79 17.63
N LEU D 405 -27.52 -31.68 16.60
CA LEU D 405 -27.36 -32.37 15.32
C LEU D 405 -27.96 -31.56 14.17
N LYS D 406 -27.27 -31.55 13.03
CA LYS D 406 -27.68 -30.80 11.84
C LYS D 406 -28.51 -31.69 10.92
N PRO D 407 -29.84 -31.60 11.01
CA PRO D 407 -30.67 -32.57 10.27
C PRO D 407 -30.53 -32.46 8.78
N SER D 408 -30.29 -31.26 8.25
CA SER D 408 -30.22 -31.10 6.79
C SER D 408 -29.06 -31.86 6.14
N ALA D 409 -28.15 -32.46 6.91
CA ALA D 409 -27.03 -33.18 6.33
C ALA D 409 -26.83 -34.55 6.99
N ALA D 410 -27.84 -35.03 7.72
CA ALA D 410 -27.83 -36.35 8.33
C ALA D 410 -28.51 -37.38 7.42
N SER D 411 -28.36 -38.66 7.77
CA SER D 411 -29.06 -39.69 7.00
C SER D 411 -30.43 -39.97 7.62
N PRO D 412 -31.51 -39.97 6.83
CA PRO D 412 -32.84 -40.24 7.41
C PRO D 412 -32.95 -41.55 8.15
N HIS D 413 -32.37 -42.64 7.63
CA HIS D 413 -32.54 -43.92 8.32
C HIS D 413 -31.78 -44.00 9.63
N LEU D 414 -30.95 -43.01 9.97
CA LEU D 414 -30.18 -43.08 11.20
C LEU D 414 -30.72 -42.15 12.26
N LEU D 415 -31.78 -41.39 11.97
CA LEU D 415 -32.27 -40.39 12.91
C LEU D 415 -32.89 -41.01 14.15
N VAL D 416 -33.29 -42.27 14.07
CA VAL D 416 -33.67 -43.08 15.23
C VAL D 416 -32.89 -44.37 15.10
N HIS D 417 -32.09 -44.68 16.11
CA HIS D 417 -31.17 -45.81 15.96
C HIS D 417 -30.60 -46.18 17.33
N LYS D 418 -30.35 -47.47 17.51
CA LYS D 418 -29.84 -48.03 18.76
C LYS D 418 -28.76 -49.03 18.42
N GLY D 419 -27.55 -48.81 18.93
CA GLY D 419 -26.44 -49.69 18.61
C GLY D 419 -25.43 -49.74 19.74
N ARG D 420 -24.40 -50.55 19.51
CA ARG D 420 -23.39 -50.81 20.51
C ARG D 420 -22.27 -49.77 20.41
N ALA D 421 -21.86 -49.24 21.56
CA ALA D 421 -20.87 -48.17 21.61
C ALA D 421 -19.45 -48.69 21.38
N VAL D 422 -18.72 -47.99 20.52
CA VAL D 422 -17.29 -48.22 20.30
C VAL D 422 -16.58 -46.94 20.72
N VAL D 423 -15.77 -47.01 21.79
CA VAL D 423 -15.35 -45.84 22.56
C VAL D 423 -13.91 -45.52 22.22
N PHE D 424 -13.65 -44.24 21.96
CA PHE D 424 -12.33 -43.67 21.88
C PHE D 424 -12.13 -42.66 23.02
N GLU D 425 -11.09 -42.88 23.82
CA GLU D 425 -10.88 -42.08 25.03
C GLU D 425 -10.42 -40.65 24.74
N ASP D 426 -9.73 -40.44 23.62
CA ASP D 426 -9.35 -39.10 23.16
C ASP D 426 -9.06 -39.21 21.68
N ILE D 427 -8.65 -38.09 21.08
CA ILE D 427 -8.47 -38.11 19.62
C ILE D 427 -7.29 -38.98 19.24
N ASP D 428 -6.26 -39.03 20.09
CA ASP D 428 -5.16 -39.92 19.76
C ASP D 428 -5.56 -41.39 19.88
N ASP D 429 -6.52 -41.71 20.77
CA ASP D 429 -7.08 -43.06 20.83
C ASP D 429 -7.82 -43.41 19.53
N TYR D 430 -8.59 -42.44 19.00
CA TYR D 430 -9.26 -42.65 17.72
C TYR D 430 -8.25 -42.93 16.60
N LYS D 431 -7.23 -42.07 16.47
CA LYS D 431 -6.33 -42.23 15.33
C LYS D 431 -5.55 -43.52 15.41
N ALA D 432 -5.36 -44.05 16.62
CA ALA D 432 -4.65 -45.31 16.77
C ALA D 432 -5.47 -46.49 16.28
N LYS D 433 -6.79 -46.47 16.48
CA LYS D 433 -7.67 -47.60 16.23
C LYS D 433 -8.44 -47.56 14.93
N ILE D 434 -8.76 -46.35 14.42
CA ILE D 434 -9.79 -46.21 13.39
C ILE D 434 -9.47 -47.03 12.14
N ASN D 435 -8.19 -47.20 11.82
CA ASN D 435 -7.80 -47.94 10.64
C ASN D 435 -7.38 -49.37 10.95
N ASP D 436 -7.41 -49.78 12.22
CA ASP D 436 -7.09 -51.16 12.52
C ASP D 436 -8.20 -52.06 11.97
N ASP D 437 -7.82 -52.98 11.07
CA ASP D 437 -8.79 -53.87 10.47
C ASP D 437 -9.36 -54.86 11.49
N ASN D 438 -8.71 -55.03 12.64
CA ASN D 438 -9.22 -55.86 13.72
C ASN D 438 -10.12 -55.11 14.68
N LEU D 439 -10.21 -53.79 14.56
CA LEU D 439 -11.18 -53.04 15.34
C LEU D 439 -12.55 -53.72 15.24
N ASP D 440 -13.10 -54.12 16.39
CA ASP D 440 -14.41 -54.77 16.48
C ASP D 440 -15.50 -53.72 16.33
N ILE D 441 -15.87 -53.44 15.09
CA ILE D 441 -16.84 -52.39 14.81
C ILE D 441 -17.51 -52.71 13.49
N ASP D 442 -18.79 -52.39 13.37
CA ASP D 442 -19.46 -52.50 12.09
C ASP D 442 -20.47 -51.35 12.00
N GLU D 443 -21.26 -51.36 10.93
CA GLU D 443 -22.08 -50.21 10.57
C GLU D 443 -23.21 -49.95 11.57
N ASN D 444 -23.56 -50.92 12.41
CA ASN D 444 -24.60 -50.67 13.40
C ASN D 444 -24.06 -50.03 14.66
N CYS D 445 -22.75 -50.12 14.88
CA CYS D 445 -22.15 -49.55 16.09
C CYS D 445 -22.33 -48.04 16.14
N ILE D 446 -22.12 -47.49 17.33
CA ILE D 446 -22.13 -46.05 17.57
C ILE D 446 -20.74 -45.68 18.04
N MET D 447 -20.11 -44.74 17.35
CA MET D 447 -18.77 -44.29 17.70
C MET D 447 -18.86 -43.14 18.68
N VAL D 448 -18.11 -43.23 19.77
CA VAL D 448 -18.17 -42.26 20.84
C VAL D 448 -16.76 -41.81 21.19
N MET D 449 -16.58 -40.50 21.36
CA MET D 449 -15.28 -39.91 21.64
C MET D 449 -15.36 -38.91 22.78
N LYS D 450 -14.32 -38.85 23.60
CA LYS D 450 -14.29 -38.04 24.81
C LYS D 450 -13.17 -37.01 24.74
N ASN D 451 -13.25 -36.03 25.65
CA ASN D 451 -12.11 -35.16 25.92
C ASN D 451 -11.74 -34.30 24.73
N CYS D 452 -12.72 -33.95 23.92
CA CYS D 452 -12.49 -33.05 22.79
C CYS D 452 -13.30 -31.77 22.95
N GLY D 453 -13.64 -31.41 24.19
CA GLY D 453 -14.49 -30.27 24.49
C GLY D 453 -13.70 -29.02 24.77
N PRO D 454 -14.37 -27.98 25.30
CA PRO D 454 -13.65 -26.73 25.64
C PRO D 454 -12.44 -26.94 26.54
N LYS D 455 -12.56 -27.71 27.63
CA LYS D 455 -11.39 -27.92 28.48
C LYS D 455 -10.59 -29.14 28.06
N GLY D 456 -11.24 -30.12 27.45
CA GLY D 456 -10.60 -31.40 27.17
C GLY D 456 -9.60 -31.42 26.03
N TYR D 457 -9.88 -30.73 24.92
CA TYR D 457 -9.06 -30.95 23.73
C TYR D 457 -7.61 -30.53 23.92
N PRO D 458 -7.30 -29.28 24.30
CA PRO D 458 -8.26 -28.23 24.67
C PRO D 458 -8.76 -27.41 23.50
N GLY D 459 -9.90 -26.77 23.64
CA GLY D 459 -10.35 -25.76 22.69
C GLY D 459 -11.62 -26.14 21.97
N MET D 460 -12.05 -27.40 22.07
CA MET D 460 -13.24 -27.88 21.35
C MET D 460 -12.97 -27.89 19.86
N ALA D 461 -12.16 -28.84 19.41
CA ALA D 461 -11.73 -28.91 18.03
C ALA D 461 -12.81 -29.56 17.16
N GLU D 462 -12.74 -29.29 15.86
CA GLU D 462 -13.72 -29.82 14.91
C GLU D 462 -13.29 -31.24 14.52
N VAL D 463 -13.54 -32.17 15.43
CA VAL D 463 -13.15 -33.56 15.28
C VAL D 463 -14.30 -34.52 15.50
N GLY D 464 -15.49 -34.04 15.87
CA GLY D 464 -16.63 -34.90 16.11
C GLY D 464 -17.19 -35.60 14.86
N ASN D 465 -16.79 -35.19 13.67
CA ASN D 465 -17.22 -35.89 12.45
C ASN D 465 -16.23 -36.98 12.08
N MET D 466 -15.95 -37.84 13.04
CA MET D 466 -14.89 -38.84 12.91
C MET D 466 -15.05 -39.68 11.65
N GLY D 467 -13.93 -40.07 11.05
CA GLY D 467 -13.99 -40.85 9.82
C GLY D 467 -14.40 -42.29 10.07
N LEU D 468 -15.03 -42.91 9.07
CA LEU D 468 -15.56 -44.25 9.31
C LEU D 468 -14.45 -45.30 9.24
N PRO D 469 -14.68 -46.48 9.80
CA PRO D 469 -13.75 -47.60 9.60
C PRO D 469 -13.66 -47.95 8.13
N PRO D 470 -12.46 -48.10 7.60
CA PRO D 470 -12.32 -48.45 6.17
C PRO D 470 -13.20 -49.61 5.74
N LYS D 471 -13.31 -50.65 6.58
CA LYS D 471 -14.05 -51.85 6.19
C LYS D 471 -15.56 -51.61 6.08
N VAL D 472 -16.09 -50.64 6.82
CA VAL D 472 -17.46 -50.19 6.59
C VAL D 472 -17.54 -49.38 5.30
N LEU D 473 -16.56 -48.50 5.07
CA LEU D 473 -16.60 -47.65 3.89
C LEU D 473 -16.64 -48.49 2.62
N LYS D 474 -15.98 -49.65 2.63
CA LYS D 474 -15.91 -50.48 1.44
C LYS D 474 -17.20 -51.23 1.14
N LYS D 475 -18.07 -51.40 2.13
CA LYS D 475 -19.44 -51.79 1.85
C LYS D 475 -20.27 -50.67 1.27
N GLY D 476 -19.72 -49.53 0.85
CA GLY D 476 -20.57 -48.45 0.38
C GLY D 476 -21.41 -47.78 1.44
N ILE D 477 -20.97 -47.80 2.70
CA ILE D 477 -21.65 -47.10 3.80
C ILE D 477 -20.78 -45.93 4.22
N LEU D 478 -21.32 -44.71 4.14
CA LEU D 478 -20.55 -43.51 4.41
C LEU D 478 -21.02 -42.76 5.65
N ASP D 479 -22.08 -43.22 6.31
CA ASP D 479 -22.61 -42.56 7.48
C ASP D 479 -22.69 -43.58 8.62
N MET D 480 -22.59 -43.07 9.84
CA MET D 480 -22.74 -43.82 11.09
C MET D 480 -23.06 -42.84 12.20
N VAL D 481 -23.82 -43.29 13.19
CA VAL D 481 -24.12 -42.41 14.32
C VAL D 481 -22.83 -42.19 15.12
N ARG D 482 -22.43 -40.94 15.26
CA ARG D 482 -21.21 -40.53 15.93
C ARG D 482 -21.57 -39.48 16.98
N ILE D 483 -20.97 -39.61 18.16
CA ILE D 483 -21.28 -38.78 19.32
C ILE D 483 -19.97 -38.32 19.93
N SER D 484 -19.86 -37.03 20.23
CA SER D 484 -18.69 -36.55 20.96
C SER D 484 -19.06 -35.27 21.67
N ASP D 485 -18.14 -34.77 22.49
CA ASP D 485 -18.23 -33.43 23.04
C ASP D 485 -17.41 -32.40 22.22
N ALA D 486 -16.98 -32.78 21.02
CA ALA D 486 -16.30 -31.87 20.10
C ALA D 486 -17.32 -31.14 19.23
N ARG D 487 -16.79 -30.30 18.34
CA ARG D 487 -17.53 -29.68 17.25
C ARG D 487 -17.23 -30.43 15.95
N MET D 488 -17.85 -29.98 14.87
CA MET D 488 -17.40 -30.38 13.54
C MET D 488 -17.41 -29.13 12.68
N SER D 489 -16.84 -29.25 11.48
CA SER D 489 -16.86 -28.11 10.58
C SER D 489 -18.28 -27.84 10.11
N GLY D 490 -18.59 -26.55 9.93
CA GLY D 490 -19.83 -26.23 9.25
C GLY D 490 -19.92 -26.87 7.87
N THR D 491 -18.76 -27.16 7.27
CA THR D 491 -18.70 -27.83 5.97
C THR D 491 -18.93 -29.33 6.08
N ALA D 492 -19.00 -29.90 7.29
CA ALA D 492 -19.12 -31.35 7.43
C ALA D 492 -20.58 -31.80 7.39
N TYR D 493 -20.76 -33.11 7.28
CA TYR D 493 -22.06 -33.73 7.12
C TYR D 493 -22.01 -35.07 7.84
N GLY D 494 -23.18 -35.70 7.92
CA GLY D 494 -23.33 -36.98 8.59
C GLY D 494 -24.25 -36.87 9.78
N THR D 495 -24.60 -38.05 10.29
CA THR D 495 -25.47 -38.15 11.47
C THR D 495 -24.60 -38.03 12.72
N VAL D 496 -24.19 -36.79 13.03
CA VAL D 496 -23.17 -36.52 14.05
C VAL D 496 -23.80 -35.75 15.21
N VAL D 497 -23.65 -36.27 16.41
CA VAL D 497 -24.18 -35.62 17.61
C VAL D 497 -23.04 -34.86 18.29
N LEU D 498 -23.19 -33.54 18.41
CA LEU D 498 -22.09 -32.67 18.80
C LEU D 498 -22.39 -31.87 20.08
N HIS D 499 -21.36 -31.22 20.59
CA HIS D 499 -21.44 -30.32 21.75
C HIS D 499 -21.98 -31.02 23.00
N THR D 500 -21.63 -32.29 23.20
CA THR D 500 -22.30 -33.01 24.28
C THR D 500 -21.88 -32.42 25.63
N SER D 501 -22.88 -32.06 26.44
CA SER D 501 -22.66 -31.28 27.62
C SER D 501 -23.31 -31.97 28.83
N PRO D 502 -22.65 -31.96 29.99
CA PRO D 502 -21.30 -31.39 30.14
C PRO D 502 -20.24 -32.27 29.47
N GLU D 503 -19.10 -31.69 29.07
CA GLU D 503 -18.08 -32.43 28.34
C GLU D 503 -17.38 -33.41 29.27
N ALA D 504 -16.74 -34.43 28.69
CA ALA D 504 -16.15 -35.47 29.52
C ALA D 504 -15.13 -34.88 30.49
N ALA D 505 -14.32 -33.94 30.03
CA ALA D 505 -13.23 -33.44 30.86
C ALA D 505 -13.73 -32.76 32.14
N VAL D 506 -15.05 -32.65 32.33
CA VAL D 506 -15.58 -32.10 33.58
C VAL D 506 -16.51 -33.11 34.26
N GLY D 507 -16.34 -34.40 33.98
CA GLY D 507 -17.17 -35.40 34.61
C GLY D 507 -18.61 -35.41 34.16
N GLY D 508 -18.89 -35.12 32.90
CA GLY D 508 -20.19 -35.39 32.36
C GLY D 508 -20.32 -36.88 32.13
N PRO D 509 -21.55 -37.38 32.01
CA PRO D 509 -21.71 -38.84 31.81
C PRO D 509 -20.94 -39.39 30.61
N LEU D 510 -20.74 -38.61 29.55
CA LEU D 510 -20.05 -39.16 28.39
C LEU D 510 -18.64 -39.64 28.72
N ALA D 511 -18.05 -39.17 29.83
CA ALA D 511 -16.73 -39.67 30.25
C ALA D 511 -16.77 -41.15 30.64
N VAL D 512 -17.90 -41.64 31.16
CA VAL D 512 -17.98 -43.01 31.69
C VAL D 512 -18.48 -44.04 30.68
N VAL D 513 -18.86 -43.64 29.47
CA VAL D 513 -19.34 -44.61 28.49
C VAL D 513 -18.29 -45.67 28.28
N LYS D 514 -18.70 -46.93 28.35
CA LYS D 514 -17.79 -48.04 28.13
C LYS D 514 -18.13 -48.73 26.82
N ASN D 515 -17.11 -49.29 26.17
CA ASN D 515 -17.38 -50.17 25.04
C ASN D 515 -18.43 -51.19 25.43
N GLY D 516 -19.19 -51.63 24.44
CA GLY D 516 -20.30 -52.54 24.58
C GLY D 516 -21.60 -51.90 25.02
N ASP D 517 -21.54 -50.85 25.85
CA ASP D 517 -22.72 -50.08 26.25
C ASP D 517 -23.63 -49.84 25.05
N MET D 518 -24.94 -49.81 25.27
CA MET D 518 -25.88 -49.54 24.20
C MET D 518 -26.38 -48.10 24.30
N ILE D 519 -26.61 -47.48 23.16
CA ILE D 519 -27.04 -46.10 23.09
C ILE D 519 -28.19 -45.97 22.11
N GLU D 520 -29.14 -45.08 22.43
CA GLU D 520 -30.36 -44.88 21.65
C GLU D 520 -30.42 -43.43 21.21
N LEU D 521 -30.48 -43.21 19.89
CA LEU D 521 -30.68 -41.90 19.33
C LEU D 521 -32.09 -41.82 18.77
N ASP D 522 -32.78 -40.71 19.06
CA ASP D 522 -34.15 -40.53 18.61
C ASP D 522 -34.36 -39.03 18.41
N VAL D 523 -34.12 -38.58 17.18
CA VAL D 523 -34.26 -37.15 16.88
C VAL D 523 -35.68 -36.65 17.07
N PRO D 524 -36.73 -37.34 16.58
CA PRO D 524 -38.08 -36.77 16.73
C PRO D 524 -38.46 -36.52 18.18
N ASN D 525 -38.04 -37.38 19.09
CA ASN D 525 -38.29 -37.17 20.51
C ASN D 525 -37.10 -36.52 21.20
N ARG D 526 -36.13 -36.03 20.44
CA ARG D 526 -35.06 -35.18 20.98
C ARG D 526 -34.33 -35.86 22.13
N ARG D 527 -34.06 -37.15 21.97
CA ARG D 527 -33.66 -37.99 23.08
C ARG D 527 -32.33 -38.67 22.77
N LEU D 528 -31.40 -38.63 23.72
CA LEU D 528 -30.09 -39.25 23.62
C LEU D 528 -29.86 -40.06 24.88
N HIS D 529 -29.90 -41.38 24.77
CA HIS D 529 -30.01 -42.24 25.94
C HIS D 529 -28.86 -43.24 26.05
N LEU D 530 -28.21 -43.25 27.21
CA LEU D 530 -27.29 -44.33 27.57
C LEU D 530 -28.11 -45.39 28.31
N ASP D 531 -28.03 -46.62 27.82
CA ASP D 531 -28.85 -47.71 28.35
C ASP D 531 -28.05 -48.47 29.42
N ILE D 532 -27.89 -47.80 30.57
CA ILE D 532 -27.43 -48.42 31.80
C ILE D 532 -28.29 -47.91 32.95
N SER D 533 -28.41 -48.73 33.98
CA SER D 533 -29.19 -48.34 35.15
C SER D 533 -28.61 -47.08 35.79
N ASP D 534 -29.47 -46.33 36.48
CA ASP D 534 -28.99 -45.14 37.17
C ASP D 534 -28.01 -45.49 38.28
N GLU D 535 -28.10 -46.71 38.82
CA GLU D 535 -27.13 -47.10 39.84
C GLU D 535 -25.74 -47.24 39.24
N GLU D 536 -25.64 -47.94 38.11
CA GLU D 536 -24.36 -48.09 37.42
C GLU D 536 -23.78 -46.73 37.01
N LEU D 537 -24.63 -45.78 36.61
CA LEU D 537 -24.14 -44.46 36.21
C LEU D 537 -23.49 -43.75 37.40
N ALA D 538 -24.24 -43.53 38.47
CA ALA D 538 -23.67 -42.90 39.67
C ALA D 538 -22.38 -43.60 40.10
N ARG D 539 -22.31 -44.92 39.94
CA ARG D 539 -21.12 -45.67 40.33
C ARG D 539 -19.93 -45.28 39.46
N ARG D 540 -20.09 -45.32 38.12
CA ARG D 540 -19.03 -44.90 37.22
C ARG D 540 -18.62 -43.47 37.47
N LEU D 541 -19.61 -42.57 37.56
CA LEU D 541 -19.32 -41.15 37.75
C LEU D 541 -18.64 -40.90 39.10
N ALA D 542 -18.95 -41.71 40.10
CA ALA D 542 -18.32 -41.56 41.41
C ALA D 542 -16.83 -41.82 41.34
N GLU D 543 -16.36 -42.52 40.31
CA GLU D 543 -14.95 -42.80 40.13
C GLU D 543 -14.31 -41.95 39.03
N TRP D 544 -15.00 -40.92 38.55
CA TRP D 544 -14.44 -40.08 37.49
C TRP D 544 -13.07 -39.54 37.92
N GLN D 545 -12.22 -39.24 36.94
CA GLN D 545 -11.02 -38.44 37.15
C GLN D 545 -10.65 -37.78 35.83
N PRO D 546 -9.80 -36.75 35.85
CA PRO D 546 -9.38 -36.11 34.61
C PRO D 546 -8.39 -36.98 33.85
N ASN D 547 -8.52 -37.00 32.53
CA ASN D 547 -7.65 -37.80 31.70
C ASN D 547 -7.11 -36.97 30.54
N HIS D 548 -7.07 -35.65 30.73
CA HIS D 548 -6.64 -34.71 29.71
C HIS D 548 -5.51 -33.85 30.25
N ASP D 549 -4.97 -33.00 29.39
CA ASP D 549 -3.83 -32.16 29.74
C ASP D 549 -4.22 -31.08 30.73
N LEU D 550 -3.34 -30.85 31.71
CA LEU D 550 -3.62 -29.92 32.79
C LEU D 550 -2.54 -28.84 32.79
N PRO D 551 -2.77 -27.71 32.11
CA PRO D 551 -1.75 -26.66 32.07
C PRO D 551 -1.58 -26.01 33.43
N THR D 552 -0.33 -25.64 33.74
CA THR D 552 0.00 -24.97 35.00
C THR D 552 0.11 -23.47 34.87
N SER D 553 0.20 -22.94 33.65
CA SER D 553 0.35 -21.50 33.45
C SER D 553 0.07 -21.19 31.98
N GLY D 554 0.15 -19.90 31.66
CA GLY D 554 -0.12 -19.44 30.32
C GLY D 554 -1.60 -19.26 30.09
N TYR D 555 -1.91 -18.57 29.00
CA TYR D 555 -3.30 -18.47 28.55
C TYR D 555 -4.01 -19.81 28.54
N ALA D 556 -3.31 -20.92 28.21
CA ALA D 556 -3.96 -22.22 28.31
C ALA D 556 -4.49 -22.45 29.71
N PHE D 557 -3.67 -22.15 30.72
CA PHE D 557 -4.17 -22.27 32.08
C PHE D 557 -5.41 -21.39 32.27
N LEU D 558 -5.32 -20.13 31.90
CA LEU D 558 -6.46 -19.23 32.07
C LEU D 558 -7.71 -19.84 31.44
N HIS D 559 -7.59 -20.30 30.17
CA HIS D 559 -8.71 -20.94 29.49
C HIS D 559 -9.23 -22.13 30.30
N GLN D 560 -8.34 -23.03 30.73
CA GLN D 560 -8.75 -24.20 31.49
C GLN D 560 -9.57 -23.83 32.72
N GLN D 561 -9.27 -22.68 33.32
CA GLN D 561 -9.88 -22.30 34.59
C GLN D 561 -11.23 -21.59 34.45
N HIS D 562 -11.58 -21.09 33.27
CA HIS D 562 -12.64 -20.10 33.14
C HIS D 562 -13.60 -20.36 32.00
N VAL D 563 -13.33 -21.32 31.12
CA VAL D 563 -14.18 -21.53 29.97
C VAL D 563 -15.42 -22.31 30.40
N GLU D 564 -16.60 -21.80 30.02
CA GLU D 564 -17.86 -22.46 30.28
C GLU D 564 -18.14 -23.49 29.19
N GLY D 565 -19.23 -24.23 29.35
CA GLY D 565 -19.51 -25.31 28.45
C GLY D 565 -20.15 -24.84 27.17
N ALA D 566 -20.12 -25.72 26.17
CA ALA D 566 -20.70 -25.38 24.87
C ALA D 566 -22.17 -25.05 24.99
N ASP D 567 -22.87 -25.62 25.96
CA ASP D 567 -24.30 -25.38 26.11
C ASP D 567 -24.64 -23.92 26.41
N THR D 568 -23.66 -23.08 26.75
CA THR D 568 -23.94 -21.67 26.98
C THR D 568 -23.18 -20.73 26.06
N GLY D 569 -22.28 -21.26 25.23
CA GLY D 569 -21.50 -20.46 24.30
C GLY D 569 -20.01 -20.57 24.49
N ALA D 570 -19.56 -21.36 25.47
CA ALA D 570 -18.14 -21.56 25.76
C ALA D 570 -17.39 -20.23 25.84
N ASP D 571 -18.06 -19.22 26.40
CA ASP D 571 -17.40 -17.97 26.77
C ASP D 571 -16.56 -18.18 28.03
N LEU D 572 -15.76 -17.17 28.36
CA LEU D 572 -15.08 -17.12 29.65
C LEU D 572 -16.03 -16.48 30.67
N ASP D 573 -16.11 -17.07 31.87
CA ASP D 573 -17.11 -16.63 32.84
C ASP D 573 -16.97 -15.15 33.20
N PHE D 574 -15.75 -14.68 33.40
CA PHE D 574 -15.61 -13.28 33.82
C PHE D 574 -15.82 -12.31 32.67
N LEU D 575 -15.80 -12.77 31.42
CA LEU D 575 -15.95 -11.90 30.27
C LEU D 575 -17.40 -11.74 29.82
N LYS D 576 -18.36 -12.30 30.53
CA LYS D 576 -19.75 -12.25 30.09
C LYS D 576 -20.36 -10.87 30.33
N GLY D 577 -21.25 -10.48 29.43
CA GLY D 577 -22.04 -9.28 29.63
C GLY D 577 -21.39 -8.06 29.06
N CYS D 578 -22.06 -6.93 29.26
CA CYS D 578 -21.70 -5.66 28.63
C CYS D 578 -21.16 -4.69 29.67
N ARG D 579 -19.92 -4.24 29.49
CA ARG D 579 -19.22 -3.41 30.49
C ARG D 579 -19.24 -1.92 30.16
N GLY D 580 -19.82 -1.50 29.05
CA GLY D 580 -19.97 -0.08 28.79
C GLY D 580 -18.75 0.52 28.11
N ASN D 581 -18.86 1.82 27.83
CA ASN D 581 -17.82 2.50 27.07
C ASN D 581 -17.30 3.74 27.79
N ALA D 582 -17.35 3.76 29.13
CA ALA D 582 -16.89 4.92 29.89
C ALA D 582 -15.40 5.13 29.70
N VAL D 583 -15.01 6.37 29.40
CA VAL D 583 -13.59 6.64 29.26
C VAL D 583 -12.94 6.56 30.62
N GLY D 584 -11.76 5.95 30.69
CA GLY D 584 -11.10 5.81 31.97
C GLY D 584 -10.57 7.13 32.49
N LYS D 585 -9.85 7.04 33.61
CA LYS D 585 -8.95 8.10 34.03
C LYS D 585 -7.96 8.41 32.90
N ASP D 586 -7.34 9.59 32.94
CA ASP D 586 -6.35 9.90 31.94
C ASP D 586 -5.00 9.30 32.34
N SER D 587 -4.07 9.30 31.39
CA SER D 587 -2.78 8.64 31.56
C SER D 587 -1.69 9.57 32.09
N LEU D 588 -1.98 10.85 32.24
CA LEU D 588 -1.01 11.80 32.80
C LEU D 588 -1.69 12.87 33.67
#